data_7TWM
#
_entry.id   7TWM
#
_cell.length_a   190.960
_cell.length_b   190.960
_cell.length_c   93.589
_cell.angle_alpha   90.000
_cell.angle_beta   90.000
_cell.angle_gamma   120.000
#
_symmetry.space_group_name_H-M   'P 65'
#
loop_
_entity.id
_entity.type
_entity.pdbx_description
1 polymer MroMCspL
2 non-polymer S-ADENOSYL-L-HOMOCYSTEINE
3 water water
#
_entity_poly.entity_id   1
_entity_poly.type   'polypeptide(L)'
_entity_poly.pdbx_seq_one_letter_code
;SNAMALKKPGSLTIAGSGIASIGHITLETLALIKEADKIFYAVTDPATECYIQENSRGDHFDLTTFYDTNKKRYESYVQM
SEVMLRDVRAGRNVLGIFYGHPGVFVAPSHRAIAIAREEGFQAKMLPGISAEDYMFADLGFDPSTYGCMTQEATELLVRN
KKLDPSIHNIIWQVGSVGVDTMVFDNGKFHLLVERLEKDFGLDHKIQHYIGAILPQSVTVKDTFAIRDLRKEEVLKQFTT
TSTFYVPPRTPAPIDPKAVQALGLPATVTKGAQDWTGFQSVSPAYGPDEMRAVAALDSFVPSQEKAVVHASRAMQSLMVD
LALRPALLEQYKADPVAFANTRNGLTAQEKFALGLKKPGPIFVVMRQLPSAIASGQEPSQEEIARADDATALVLAA
(MLE)(MLE)VIVG
;
_entity_poly.pdbx_strand_id   A,B,C,D
#
loop_
_chem_comp.id
_chem_comp.type
_chem_comp.name
_chem_comp.formula
SAH non-polymer S-ADENOSYL-L-HOMOCYSTEINE 'C14 H20 N6 O5 S'
#
# COMPACT_ATOMS: atom_id res chain seq x y z
N LYS A 8 24.66 15.45 -15.82
CA LYS A 8 24.74 14.06 -16.38
C LYS A 8 23.36 13.39 -16.30
N PRO A 9 22.26 13.99 -16.81
CA PRO A 9 20.92 13.46 -16.60
C PRO A 9 20.74 12.20 -17.45
N GLY A 10 19.79 11.35 -17.05
CA GLY A 10 19.59 10.09 -17.73
C GLY A 10 20.26 8.95 -16.98
N SER A 11 19.49 7.87 -16.75
CA SER A 11 20.01 6.71 -16.04
C SER A 11 19.29 5.44 -16.50
N LEU A 12 19.93 4.30 -16.25
CA LEU A 12 19.40 3.00 -16.64
C LEU A 12 19.39 2.11 -15.41
N THR A 13 18.21 1.58 -15.06
CA THR A 13 18.12 0.51 -14.08
C THR A 13 17.44 -0.67 -14.76
N ILE A 14 18.04 -1.85 -14.62
CA ILE A 14 17.42 -3.04 -15.20
C ILE A 14 17.01 -3.93 -14.05
N ALA A 15 15.74 -4.34 -14.03
CA ALA A 15 15.27 -5.23 -12.99
C ALA A 15 14.55 -6.43 -13.61
N GLY A 16 14.12 -7.37 -12.74
CA GLY A 16 13.38 -8.54 -13.20
C GLY A 16 11.94 -8.54 -12.72
N SER A 17 11.12 -9.43 -13.29
CA SER A 17 9.78 -9.64 -12.79
C SER A 17 9.64 -11.03 -12.18
N GLY A 18 10.70 -11.86 -12.25
CA GLY A 18 10.60 -13.24 -11.78
C GLY A 18 9.78 -14.10 -12.75
N ILE A 19 9.37 -15.29 -12.31
CA ILE A 19 8.80 -16.28 -13.24
C ILE A 19 7.29 -16.35 -13.04
N ALA A 20 6.84 -16.46 -11.79
CA ALA A 20 5.43 -16.54 -11.48
C ALA A 20 4.79 -15.16 -11.66
N SER A 21 3.61 -15.14 -12.29
CA SER A 21 2.86 -13.91 -12.53
C SER A 21 2.72 -13.12 -11.23
N ILE A 22 3.28 -11.90 -11.25
CA ILE A 22 3.15 -10.87 -10.24
C ILE A 22 3.89 -11.21 -8.94
N GLY A 23 3.67 -12.42 -8.40
CA GLY A 23 4.13 -12.76 -7.06
C GLY A 23 5.65 -12.69 -6.88
N HIS A 24 6.41 -12.87 -7.96
CA HIS A 24 7.87 -12.97 -7.81
C HIS A 24 8.55 -11.61 -7.86
N ILE A 25 7.82 -10.53 -8.15
CA ILE A 25 8.41 -9.19 -8.21
C ILE A 25 8.95 -8.79 -6.84
N THR A 26 10.14 -8.17 -6.80
CA THR A 26 10.72 -7.77 -5.51
C THR A 26 10.20 -6.38 -5.11
N LEU A 27 10.20 -6.11 -3.80
CA LEU A 27 9.67 -4.86 -3.26
C LEU A 27 10.39 -3.66 -3.88
N GLU A 28 11.72 -3.75 -4.00
CA GLU A 28 12.50 -2.64 -4.57
C GLU A 28 12.13 -2.43 -6.04
N THR A 29 11.73 -3.51 -6.73
CA THR A 29 11.38 -3.41 -8.13
C THR A 29 10.01 -2.75 -8.28
N LEU A 30 9.04 -3.14 -7.43
CA LEU A 30 7.74 -2.49 -7.48
C LEU A 30 7.91 -0.98 -7.22
N ALA A 31 8.79 -0.62 -6.29
CA ALA A 31 9.02 0.79 -5.98
C ALA A 31 9.53 1.51 -7.22
N LEU A 32 10.47 0.89 -7.95
CA LEU A 32 11.05 1.48 -9.15
C LEU A 32 9.99 1.68 -10.25
N ILE A 33 9.12 0.68 -10.40
CA ILE A 33 8.07 0.72 -11.42
C ILE A 33 7.24 2.00 -11.22
N LYS A 34 7.03 2.37 -9.96
CA LYS A 34 6.22 3.52 -9.59
C LYS A 34 6.94 4.82 -9.88
N GLU A 35 8.27 4.81 -9.81
CA GLU A 35 9.06 6.04 -9.86
C GLU A 35 9.66 6.31 -11.24
N ALA A 36 9.87 5.27 -12.07
CA ALA A 36 10.66 5.44 -13.28
C ALA A 36 9.95 6.37 -14.26
N ASP A 37 10.71 7.09 -15.11
CA ASP A 37 10.15 7.92 -16.16
C ASP A 37 9.55 7.04 -17.26
N LYS A 38 10.28 5.99 -17.66
CA LYS A 38 9.84 5.13 -18.72
C LYS A 38 10.26 3.69 -18.43
N ILE A 39 9.38 2.75 -18.76
CA ILE A 39 9.63 1.33 -18.54
C ILE A 39 9.63 0.61 -19.89
N PHE A 40 10.72 -0.12 -20.16
CA PHE A 40 10.76 -1.05 -21.26
C PHE A 40 10.71 -2.46 -20.66
N TYR A 41 9.82 -3.32 -21.16
CA TYR A 41 9.66 -4.60 -20.50
C TYR A 41 9.58 -5.74 -21.51
N ALA A 42 10.00 -6.93 -21.06
CA ALA A 42 9.79 -8.16 -21.81
C ALA A 42 9.38 -9.23 -20.78
N VAL A 43 8.07 -9.50 -20.71
CA VAL A 43 7.54 -10.41 -19.71
C VAL A 43 6.73 -11.51 -20.41
N THR A 44 6.23 -12.49 -19.65
CA THR A 44 5.74 -13.71 -20.26
C THR A 44 4.24 -13.92 -20.03
N ASP A 45 3.58 -13.00 -19.33
CA ASP A 45 2.16 -13.24 -19.11
C ASP A 45 1.43 -11.90 -19.04
N PRO A 46 0.15 -11.87 -19.51
CA PRO A 46 -0.62 -10.63 -19.53
C PRO A 46 -0.94 -10.00 -18.17
N ALA A 47 -1.11 -10.82 -17.11
CA ALA A 47 -1.43 -10.25 -15.82
C ALA A 47 -0.23 -9.45 -15.30
N THR A 48 0.98 -9.98 -15.46
CA THR A 48 2.18 -9.27 -15.06
C THR A 48 2.34 -8.01 -15.90
N GLU A 49 2.11 -8.14 -17.21
CA GLU A 49 2.25 -7.01 -18.11
C GLU A 49 1.32 -5.88 -17.65
N CYS A 50 0.07 -6.23 -17.38
CA CYS A 50 -0.94 -5.28 -16.95
C CYS A 50 -0.58 -4.66 -15.62
N TYR A 51 -0.07 -5.50 -14.71
CA TYR A 51 0.32 -5.06 -13.38
C TYR A 51 1.41 -4.00 -13.45
N ILE A 52 2.42 -4.21 -14.32
CA ILE A 52 3.51 -3.28 -14.51
C ILE A 52 2.96 -1.96 -15.08
N GLN A 53 2.13 -2.06 -16.12
CA GLN A 53 1.56 -0.87 -16.74
C GLN A 53 0.79 -0.05 -15.71
N GLU A 54 -0.07 -0.73 -14.94
CA GLU A 54 -1.00 -0.07 -14.02
C GLU A 54 -0.30 0.57 -12.84
N ASN A 55 0.87 0.04 -12.45
CA ASN A 55 1.61 0.60 -11.33
C ASN A 55 2.59 1.68 -11.79
N SER A 56 2.69 1.91 -13.11
CA SER A 56 3.71 2.78 -13.66
C SER A 56 3.16 4.21 -13.80
N ARG A 57 4.05 5.14 -14.21
CA ARG A 57 3.62 6.49 -14.55
C ARG A 57 3.00 6.56 -15.95
N GLY A 58 2.89 5.40 -16.60
CA GLY A 58 2.09 5.24 -17.81
C GLY A 58 2.89 5.41 -19.09
N ASP A 59 4.23 5.47 -18.98
CA ASP A 59 5.10 5.58 -20.14
C ASP A 59 5.90 4.28 -20.26
N HIS A 60 5.50 3.41 -21.18
CA HIS A 60 6.06 2.07 -21.24
C HIS A 60 6.08 1.54 -22.67
N PHE A 61 6.88 0.50 -22.90
CA PHE A 61 7.13 -0.03 -24.23
C PHE A 61 7.41 -1.53 -24.11
N ASP A 62 6.72 -2.32 -24.93
CA ASP A 62 6.84 -3.76 -24.94
C ASP A 62 8.02 -4.16 -25.84
N LEU A 63 9.13 -4.62 -25.23
CA LEU A 63 10.31 -4.96 -26.00
C LEU A 63 10.06 -6.15 -26.92
N THR A 64 9.04 -6.96 -26.62
CA THR A 64 8.83 -8.18 -27.39
C THR A 64 8.33 -7.85 -28.80
N THR A 65 7.96 -6.58 -29.04
CA THR A 65 7.51 -6.18 -30.36
C THR A 65 8.64 -6.28 -31.38
N PHE A 66 9.90 -6.46 -30.93
CA PHE A 66 11.01 -6.54 -31.88
C PHE A 66 11.25 -7.95 -32.43
N TYR A 67 10.53 -8.96 -31.92
CA TYR A 67 10.70 -10.33 -32.41
C TYR A 67 9.91 -10.52 -33.70
N ASP A 68 10.37 -11.46 -34.54
CA ASP A 68 9.55 -11.96 -35.64
C ASP A 68 9.96 -13.39 -35.97
N THR A 69 9.04 -14.12 -36.61
CA THR A 69 9.14 -15.55 -36.85
C THR A 69 10.53 -15.94 -37.38
N ASN A 70 10.97 -15.24 -38.44
CA ASN A 70 12.17 -15.62 -39.17
C ASN A 70 13.25 -14.57 -39.02
N LYS A 71 13.10 -13.68 -38.03
CA LYS A 71 14.09 -12.65 -37.75
C LYS A 71 15.13 -13.18 -36.77
N LYS A 72 16.42 -12.92 -37.03
CA LYS A 72 17.46 -13.33 -36.10
C LYS A 72 17.20 -12.68 -34.74
N ARG A 73 17.21 -13.49 -33.67
CA ARG A 73 16.93 -12.93 -32.34
C ARG A 73 17.99 -11.90 -31.96
N TYR A 74 19.22 -12.06 -32.48
CA TYR A 74 20.30 -11.14 -32.14
C TYR A 74 19.95 -9.71 -32.53
N GLU A 75 19.34 -9.55 -33.72
CA GLU A 75 18.93 -8.26 -34.21
C GLU A 75 17.88 -7.66 -33.28
N SER A 76 16.88 -8.47 -32.91
CA SER A 76 15.89 -8.10 -31.90
C SER A 76 16.57 -7.59 -30.63
N TYR A 77 17.60 -8.30 -30.15
CA TYR A 77 18.25 -7.93 -28.90
C TYR A 77 18.95 -6.57 -29.03
N VAL A 78 19.65 -6.36 -30.15
CA VAL A 78 20.37 -5.10 -30.32
C VAL A 78 19.37 -3.94 -30.31
N GLN A 79 18.18 -4.16 -30.90
CA GLN A 79 17.13 -3.16 -30.96
C GLN A 79 16.53 -2.90 -29.58
N MET A 80 16.37 -3.98 -28.79
CA MET A 80 15.87 -3.89 -27.43
C MET A 80 16.79 -3.00 -26.60
N SER A 81 18.10 -3.26 -26.65
CA SER A 81 19.08 -2.44 -25.94
C SER A 81 18.98 -0.99 -26.41
N GLU A 82 18.83 -0.80 -27.72
CA GLU A 82 18.96 0.53 -28.32
C GLU A 82 17.80 1.44 -27.91
N VAL A 83 16.56 0.93 -27.88
CA VAL A 83 15.45 1.79 -27.49
C VAL A 83 15.63 2.29 -26.06
N MET A 84 16.20 1.45 -25.18
CA MET A 84 16.47 1.88 -23.81
C MET A 84 17.55 2.97 -23.80
N LEU A 85 18.64 2.74 -24.53
CA LEU A 85 19.77 3.66 -24.57
C LEU A 85 19.37 5.01 -25.18
N ARG A 86 18.49 5.01 -26.17
CA ARG A 86 18.03 6.27 -26.76
C ARG A 86 17.40 7.16 -25.70
N ASP A 87 16.59 6.56 -24.82
CA ASP A 87 15.89 7.34 -23.80
C ASP A 87 16.86 7.78 -22.70
N VAL A 88 17.85 6.94 -22.39
CA VAL A 88 18.89 7.30 -21.45
C VAL A 88 19.64 8.52 -21.97
N ARG A 89 19.99 8.51 -23.27
CA ARG A 89 20.72 9.60 -23.90
C ARG A 89 19.86 10.87 -23.91
N ALA A 90 18.52 10.70 -23.98
CA ALA A 90 17.58 11.81 -23.94
C ALA A 90 17.35 12.33 -22.52
N GLY A 91 17.98 11.71 -21.51
CA GLY A 91 17.95 12.24 -20.15
C GLY A 91 16.85 11.65 -19.27
N ARG A 92 16.22 10.55 -19.72
CA ARG A 92 15.16 9.94 -18.92
C ARG A 92 15.75 8.98 -17.89
N ASN A 93 15.02 8.79 -16.78
CA ASN A 93 15.31 7.72 -15.84
C ASN A 93 14.60 6.45 -16.31
N VAL A 94 15.37 5.57 -16.95
CA VAL A 94 14.81 4.44 -17.68
C VAL A 94 14.87 3.20 -16.79
N LEU A 95 13.76 2.45 -16.80
CA LEU A 95 13.71 1.12 -16.20
C LEU A 95 13.48 0.07 -17.29
N GLY A 96 14.38 -0.91 -17.37
CA GLY A 96 14.10 -2.12 -18.14
C GLY A 96 13.66 -3.25 -17.20
N ILE A 97 12.62 -3.99 -17.59
CA ILE A 97 12.17 -5.15 -16.82
C ILE A 97 12.18 -6.38 -17.72
N PHE A 98 12.90 -7.43 -17.31
CA PHE A 98 12.88 -8.69 -18.05
C PHE A 98 12.35 -9.78 -17.12
N TYR A 99 11.59 -10.74 -17.66
CA TYR A 99 11.09 -11.78 -16.79
C TYR A 99 12.26 -12.54 -16.14
N GLY A 100 11.97 -13.14 -14.98
CA GLY A 100 12.98 -13.87 -14.24
C GLY A 100 13.98 -12.91 -13.61
N HIS A 101 15.26 -13.32 -13.63
CA HIS A 101 16.39 -12.46 -13.32
C HIS A 101 16.84 -11.81 -14.62
N PRO A 102 16.98 -10.46 -14.68
CA PRO A 102 17.25 -9.79 -15.96
C PRO A 102 18.67 -9.97 -16.51
N GLY A 103 19.55 -10.62 -15.72
CA GLY A 103 20.92 -10.88 -16.11
C GLY A 103 21.21 -12.35 -16.42
N VAL A 104 20.17 -13.19 -16.34
CA VAL A 104 20.33 -14.64 -16.48
C VAL A 104 19.69 -15.06 -17.81
N PHE A 105 20.56 -15.44 -18.76
CA PHE A 105 20.10 -15.78 -20.11
C PHE A 105 19.40 -14.57 -20.74
N VAL A 106 19.98 -13.38 -20.57
CA VAL A 106 19.43 -12.18 -21.19
C VAL A 106 20.57 -11.37 -21.78
N ALA A 107 20.55 -11.19 -23.11
CA ALA A 107 21.60 -10.46 -23.82
C ALA A 107 21.39 -8.94 -23.73
N PRO A 108 20.19 -8.36 -24.02
CA PRO A 108 20.07 -6.90 -24.11
C PRO A 108 20.32 -6.11 -22.82
N SER A 109 20.16 -6.75 -21.66
CA SER A 109 20.37 -6.09 -20.36
C SER A 109 21.84 -5.76 -20.13
N HIS A 110 22.69 -6.78 -20.16
CA HIS A 110 24.12 -6.59 -19.96
C HIS A 110 24.71 -5.64 -21.01
N ARG A 111 24.21 -5.75 -22.26
CA ARG A 111 24.67 -4.91 -23.36
C ARG A 111 24.35 -3.44 -23.05
N ALA A 112 23.08 -3.15 -22.75
CA ALA A 112 22.64 -1.79 -22.48
C ALA A 112 23.38 -1.15 -21.30
N ILE A 113 23.56 -1.91 -20.21
CA ILE A 113 24.28 -1.40 -19.05
C ILE A 113 25.73 -1.06 -19.42
N ALA A 114 26.40 -1.94 -20.18
CA ALA A 114 27.79 -1.70 -20.53
C ALA A 114 27.91 -0.45 -21.40
N ILE A 115 27.00 -0.28 -22.36
CA ILE A 115 27.06 0.85 -23.27
C ILE A 115 26.75 2.16 -22.53
N ALA A 116 25.69 2.15 -21.69
CA ALA A 116 25.37 3.31 -20.86
C ALA A 116 26.58 3.72 -20.02
N ARG A 117 27.23 2.76 -19.36
CA ARG A 117 28.38 3.07 -18.51
C ARG A 117 29.52 3.66 -19.33
N GLU A 118 29.76 3.10 -20.51
CA GLU A 118 30.81 3.57 -21.40
C GLU A 118 30.58 5.03 -21.77
N GLU A 119 29.31 5.42 -21.92
CA GLU A 119 28.97 6.77 -22.36
C GLU A 119 28.83 7.71 -21.15
N GLY A 120 29.13 7.21 -19.95
CA GLY A 120 29.23 8.05 -18.77
C GLY A 120 27.91 8.21 -18.00
N PHE A 121 26.93 7.34 -18.26
CA PHE A 121 25.68 7.40 -17.51
C PHE A 121 25.72 6.40 -16.36
N GLN A 122 24.92 6.67 -15.32
CA GLN A 122 24.77 5.72 -14.23
C GLN A 122 23.85 4.60 -14.71
N ALA A 123 24.28 3.36 -14.46
CA ALA A 123 23.49 2.21 -14.86
C ALA A 123 23.71 1.10 -13.84
N LYS A 124 22.65 0.33 -13.55
CA LYS A 124 22.83 -0.79 -12.65
C LYS A 124 21.75 -1.84 -12.90
N MET A 125 22.04 -3.06 -12.45
CA MET A 125 21.11 -4.17 -12.57
C MET A 125 20.68 -4.60 -11.17
N LEU A 126 19.40 -4.92 -11.02
CA LEU A 126 18.89 -5.52 -9.80
C LEU A 126 18.64 -7.01 -10.06
N PRO A 127 18.80 -7.88 -9.04
CA PRO A 127 18.51 -9.30 -9.22
C PRO A 127 17.00 -9.51 -9.22
N GLY A 128 16.58 -10.60 -9.90
CA GLY A 128 15.22 -11.09 -9.89
C GLY A 128 15.22 -12.61 -9.66
N ILE A 129 14.02 -13.16 -9.45
CA ILE A 129 13.89 -14.61 -9.25
C ILE A 129 14.08 -15.31 -10.59
N SER A 130 15.08 -16.20 -10.70
CA SER A 130 15.34 -16.91 -11.95
C SER A 130 14.56 -18.23 -12.03
N ALA A 131 14.57 -18.84 -13.22
CA ALA A 131 13.99 -20.17 -13.38
C ALA A 131 14.71 -21.21 -12.50
N GLU A 132 16.01 -21.02 -12.28
CA GLU A 132 16.77 -21.90 -11.40
C GLU A 132 16.28 -21.76 -9.96
N ASP A 133 16.08 -20.51 -9.51
CA ASP A 133 15.54 -20.27 -8.18
C ASP A 133 14.20 -21.00 -8.02
N TYR A 134 13.33 -20.86 -9.03
CA TYR A 134 12.02 -21.51 -9.02
C TYR A 134 12.20 -23.03 -8.97
N MET A 135 13.16 -23.56 -9.74
CA MET A 135 13.41 -24.99 -9.79
C MET A 135 13.86 -25.52 -8.42
N PHE A 136 14.80 -24.84 -7.75
CA PHE A 136 15.25 -25.28 -6.43
C PHE A 136 14.06 -25.42 -5.48
N ALA A 137 13.16 -24.41 -5.49
CA ALA A 137 12.00 -24.41 -4.63
C ALA A 137 11.02 -25.52 -5.00
N ASP A 138 10.80 -25.73 -6.32
CA ASP A 138 9.81 -26.69 -6.80
C ASP A 138 10.31 -28.13 -6.71
N LEU A 139 11.55 -28.37 -7.14
CA LEU A 139 12.08 -29.73 -7.18
C LEU A 139 12.67 -30.10 -5.82
N GLY A 140 12.98 -29.08 -5.01
CA GLY A 140 13.40 -29.27 -3.63
C GLY A 140 14.78 -29.90 -3.49
N PHE A 141 15.73 -29.52 -4.35
CA PHE A 141 17.11 -29.90 -4.09
C PHE A 141 17.91 -28.65 -3.72
N ASP A 142 18.95 -28.88 -2.92
CA ASP A 142 19.87 -27.81 -2.53
C ASP A 142 21.09 -27.91 -3.43
N PRO A 143 21.35 -26.91 -4.30
CA PRO A 143 22.68 -26.81 -4.90
C PRO A 143 23.50 -26.60 -3.61
N SER A 144 24.80 -26.50 -3.71
CA SER A 144 25.64 -26.55 -2.50
C SER A 144 25.95 -28.01 -2.16
N THR A 145 24.94 -28.90 -2.19
CA THR A 145 25.21 -30.33 -2.16
C THR A 145 25.66 -30.75 -3.56
N TYR A 146 26.91 -31.19 -3.67
CA TYR A 146 27.47 -31.63 -4.94
C TYR A 146 27.91 -30.47 -5.83
N GLY A 147 27.22 -29.32 -5.75
CA GLY A 147 27.51 -28.25 -6.69
C GLY A 147 26.62 -28.34 -7.93
N CYS A 148 26.52 -27.25 -8.67
CA CYS A 148 25.45 -27.14 -9.66
C CYS A 148 25.94 -26.38 -10.89
N MET A 149 25.86 -27.04 -12.05
CA MET A 149 26.30 -26.49 -13.31
C MET A 149 25.07 -26.01 -14.10
N THR A 150 25.13 -24.74 -14.53
CA THR A 150 24.16 -24.10 -15.39
C THR A 150 24.74 -23.99 -16.80
N GLN A 151 23.94 -24.38 -17.82
CA GLN A 151 24.38 -24.24 -19.20
C GLN A 151 23.18 -24.13 -20.14
N GLU A 152 23.41 -23.42 -21.25
CA GLU A 152 22.46 -23.31 -22.34
C GLU A 152 22.71 -24.46 -23.32
N ALA A 153 21.62 -25.09 -23.81
CA ALA A 153 21.70 -26.32 -24.58
C ALA A 153 22.52 -26.15 -25.87
N THR A 154 22.28 -25.08 -26.63
CA THR A 154 23.02 -24.86 -27.87
C THR A 154 24.49 -24.57 -27.57
N GLU A 155 24.75 -23.76 -26.53
CA GLU A 155 26.11 -23.36 -26.18
C GLU A 155 26.94 -24.60 -25.83
N LEU A 156 26.36 -25.49 -25.02
CA LEU A 156 27.11 -26.68 -24.63
C LEU A 156 27.48 -27.51 -25.87
N LEU A 157 26.61 -27.50 -26.90
CA LEU A 157 26.84 -28.33 -28.08
C LEU A 157 27.88 -27.71 -29.03
N VAL A 158 27.81 -26.39 -29.25
CA VAL A 158 28.67 -25.73 -30.23
C VAL A 158 30.12 -25.68 -29.76
N ARG A 159 30.32 -25.81 -28.45
CA ARG A 159 31.65 -25.75 -27.86
C ARG A 159 32.12 -27.16 -27.48
N ASN A 160 31.33 -28.17 -27.82
CA ASN A 160 31.71 -29.56 -27.59
C ASN A 160 31.99 -29.83 -26.12
N LYS A 161 31.14 -29.32 -25.22
CA LYS A 161 31.35 -29.58 -23.80
C LYS A 161 30.81 -30.97 -23.45
N LYS A 162 31.35 -31.52 -22.36
CA LYS A 162 30.86 -32.72 -21.70
C LYS A 162 30.20 -32.34 -20.39
N LEU A 163 29.08 -32.98 -20.07
CA LEU A 163 28.42 -32.82 -18.79
C LEU A 163 29.11 -33.70 -17.75
N ASP A 164 29.26 -33.15 -16.54
CA ASP A 164 29.88 -33.83 -15.42
C ASP A 164 28.80 -34.56 -14.64
N PRO A 165 28.78 -35.91 -14.63
CA PRO A 165 27.70 -36.66 -13.98
C PRO A 165 27.83 -36.83 -12.46
N SER A 166 28.77 -36.10 -11.83
CA SER A 166 28.94 -36.15 -10.39
C SER A 166 28.26 -34.98 -9.70
N ILE A 167 27.68 -34.05 -10.47
CA ILE A 167 27.13 -32.83 -9.90
C ILE A 167 25.66 -32.66 -10.31
N HIS A 168 24.98 -31.63 -9.77
CA HIS A 168 23.72 -31.23 -10.35
C HIS A 168 23.96 -30.53 -11.69
N ASN A 169 23.19 -30.91 -12.73
CA ASN A 169 23.24 -30.20 -13.99
C ASN A 169 21.87 -29.61 -14.32
N ILE A 170 21.88 -28.36 -14.78
CA ILE A 170 20.67 -27.69 -15.23
C ILE A 170 20.89 -27.22 -16.66
N ILE A 171 19.98 -27.62 -17.54
CA ILE A 171 20.14 -27.29 -18.96
C ILE A 171 18.94 -26.46 -19.40
N TRP A 172 19.24 -25.24 -19.87
CA TRP A 172 18.22 -24.28 -20.24
C TRP A 172 18.08 -24.27 -21.75
N GLN A 173 16.92 -23.76 -22.23
CA GLN A 173 16.64 -23.55 -23.65
C GLN A 173 16.75 -24.87 -24.42
N VAL A 174 16.27 -25.97 -23.80
CA VAL A 174 16.35 -27.28 -24.41
C VAL A 174 15.42 -27.35 -25.61
N GLY A 175 14.43 -26.44 -25.65
CA GLY A 175 13.44 -26.44 -26.71
C GLY A 175 13.84 -25.61 -27.93
N SER A 176 15.06 -25.06 -27.95
CA SER A 176 15.49 -24.17 -29.01
C SER A 176 16.88 -24.52 -29.54
N VAL A 177 17.22 -25.81 -29.48
CA VAL A 177 18.55 -26.25 -29.87
C VAL A 177 18.79 -25.88 -31.33
N GLY A 178 19.86 -25.09 -31.57
CA GLY A 178 20.30 -24.70 -32.90
C GLY A 178 19.43 -23.66 -33.59
N VAL A 179 18.47 -23.06 -32.87
CA VAL A 179 17.55 -22.11 -33.49
C VAL A 179 18.06 -20.69 -33.23
N ASP A 180 18.18 -19.88 -34.29
CA ASP A 180 18.65 -18.51 -34.11
C ASP A 180 17.54 -17.51 -34.45
N THR A 181 16.35 -18.02 -34.79
CA THR A 181 15.19 -17.17 -35.06
C THR A 181 14.10 -17.46 -34.03
N MET A 182 12.84 -17.39 -34.47
CA MET A 182 11.72 -17.66 -33.58
C MET A 182 10.87 -18.85 -34.07
N VAL A 183 11.47 -19.78 -34.83
CA VAL A 183 10.71 -20.98 -35.15
C VAL A 183 11.30 -22.16 -34.39
N PHE A 184 10.48 -22.74 -33.51
CA PHE A 184 10.95 -23.76 -32.59
C PHE A 184 10.25 -25.07 -32.93
N ASP A 185 10.96 -25.98 -33.58
CA ASP A 185 10.33 -27.19 -34.07
C ASP A 185 10.95 -28.43 -33.43
N ASN A 186 11.97 -28.22 -32.57
CA ASN A 186 12.72 -29.30 -31.93
C ASN A 186 13.50 -30.11 -32.97
N GLY A 187 13.86 -29.45 -34.08
CA GLY A 187 14.53 -30.10 -35.20
C GLY A 187 15.92 -30.64 -34.85
N LYS A 188 16.54 -30.10 -33.79
CA LYS A 188 17.89 -30.50 -33.41
C LYS A 188 17.93 -31.01 -31.96
N PHE A 189 16.76 -31.19 -31.34
CA PHE A 189 16.69 -31.66 -29.96
C PHE A 189 17.45 -32.99 -29.80
N HIS A 190 17.37 -33.85 -30.82
CA HIS A 190 18.07 -35.13 -30.82
C HIS A 190 19.58 -34.97 -30.59
N LEU A 191 20.15 -33.80 -30.92
CA LEU A 191 21.59 -33.63 -30.71
C LEU A 191 21.87 -33.47 -29.22
N LEU A 192 20.97 -32.82 -28.49
CA LEU A 192 21.11 -32.75 -27.04
C LEU A 192 20.97 -34.14 -26.41
N VAL A 193 20.01 -34.92 -26.92
CA VAL A 193 19.79 -36.26 -26.39
C VAL A 193 21.08 -37.08 -26.48
N GLU A 194 21.79 -36.96 -27.61
CA GLU A 194 23.03 -37.69 -27.83
C GLU A 194 24.06 -37.35 -26.75
N ARG A 195 24.19 -36.06 -26.46
CA ARG A 195 25.11 -35.58 -25.43
C ARG A 195 24.74 -36.25 -24.10
N LEU A 196 23.44 -36.23 -23.78
CA LEU A 196 22.95 -36.80 -22.52
C LEU A 196 23.24 -38.30 -22.47
N GLU A 197 22.99 -39.00 -23.58
CA GLU A 197 23.21 -40.44 -23.63
C GLU A 197 24.67 -40.78 -23.34
N LYS A 198 25.58 -40.04 -23.98
CA LYS A 198 27.00 -40.28 -23.86
C LYS A 198 27.49 -39.99 -22.44
N ASP A 199 26.93 -38.96 -21.80
CA ASP A 199 27.46 -38.57 -20.51
C ASP A 199 26.83 -39.35 -19.35
N PHE A 200 25.59 -39.84 -19.49
CA PHE A 200 24.87 -40.40 -18.35
C PHE A 200 24.37 -41.83 -18.61
N GLY A 201 24.38 -42.27 -19.86
CA GLY A 201 23.81 -43.56 -20.21
C GLY A 201 22.29 -43.49 -20.43
N LEU A 202 21.69 -44.61 -20.83
CA LEU A 202 20.32 -44.63 -21.31
C LEU A 202 19.33 -44.78 -20.18
N ASP A 203 19.81 -45.25 -19.03
CA ASP A 203 18.93 -45.57 -17.92
C ASP A 203 18.82 -44.41 -16.92
N HIS A 204 19.69 -43.39 -17.05
CA HIS A 204 19.67 -42.30 -16.09
C HIS A 204 18.38 -41.48 -16.24
N LYS A 205 17.84 -40.99 -15.13
CA LYS A 205 16.57 -40.28 -15.16
C LYS A 205 16.80 -38.77 -15.05
N ILE A 206 16.13 -37.99 -15.91
CA ILE A 206 16.14 -36.53 -15.84
C ILE A 206 14.75 -36.02 -15.47
N GLN A 207 14.69 -34.75 -15.05
CA GLN A 207 13.40 -34.13 -14.80
C GLN A 207 13.19 -32.98 -15.77
N HIS A 208 12.01 -33.00 -16.38
CA HIS A 208 11.53 -31.91 -17.22
C HIS A 208 10.82 -30.90 -16.32
N TYR A 209 11.36 -29.67 -16.26
CA TYR A 209 10.82 -28.67 -15.35
C TYR A 209 10.23 -27.48 -16.10
N ILE A 210 8.97 -27.18 -15.77
CA ILE A 210 8.32 -25.91 -16.11
C ILE A 210 7.63 -25.38 -14.87
N GLY A 211 8.18 -24.30 -14.31
CA GLY A 211 7.57 -23.64 -13.16
C GLY A 211 6.27 -22.93 -13.58
N ALA A 212 5.30 -22.89 -12.66
CA ALA A 212 3.96 -22.36 -12.92
C ALA A 212 4.04 -20.86 -13.17
N ILE A 213 3.60 -20.43 -14.36
CA ILE A 213 3.59 -19.00 -14.65
C ILE A 213 2.32 -18.35 -14.11
N LEU A 214 1.15 -18.93 -14.41
CA LEU A 214 -0.10 -18.32 -14.00
C LEU A 214 -0.66 -19.09 -12.82
N PRO A 215 -1.63 -18.52 -12.06
CA PRO A 215 -2.32 -19.26 -11.00
C PRO A 215 -2.97 -20.55 -11.52
N GLN A 216 -3.32 -20.54 -12.81
CA GLN A 216 -3.99 -21.68 -13.44
C GLN A 216 -2.99 -22.74 -13.89
N SER A 217 -1.69 -22.42 -13.89
CA SER A 217 -0.66 -23.34 -14.33
C SER A 217 -0.45 -24.40 -13.25
N VAL A 218 0.00 -25.58 -13.68
CA VAL A 218 0.45 -26.63 -12.78
C VAL A 218 1.94 -26.85 -13.02
N THR A 219 2.73 -26.89 -11.95
CA THR A 219 4.14 -27.17 -12.05
C THR A 219 4.35 -28.45 -12.85
N VAL A 220 5.26 -28.38 -13.83
CA VAL A 220 5.68 -29.59 -14.53
C VAL A 220 7.00 -30.04 -13.93
N LYS A 221 7.03 -31.28 -13.44
CA LYS A 221 8.25 -31.84 -12.89
C LYS A 221 8.32 -33.33 -13.21
N ASP A 222 8.08 -33.69 -14.48
CA ASP A 222 8.03 -35.10 -14.86
C ASP A 222 9.44 -35.67 -14.98
N THR A 223 9.57 -36.92 -14.54
CA THR A 223 10.80 -37.69 -14.66
C THR A 223 10.76 -38.53 -15.93
N PHE A 224 11.87 -38.53 -16.69
CA PHE A 224 12.02 -39.35 -17.88
C PHE A 224 13.40 -39.98 -17.86
N ALA A 225 13.43 -41.30 -18.13
CA ALA A 225 14.68 -41.98 -18.43
C ALA A 225 15.20 -41.41 -19.73
N ILE A 226 16.53 -41.32 -19.85
CA ILE A 226 17.12 -40.75 -21.06
C ILE A 226 16.66 -41.57 -22.28
N ARG A 227 16.41 -42.86 -22.07
CA ARG A 227 16.00 -43.76 -23.14
C ARG A 227 14.63 -43.39 -23.71
N ASP A 228 13.88 -42.50 -23.04
CA ASP A 228 12.54 -42.11 -23.47
C ASP A 228 12.55 -40.80 -24.27
N LEU A 229 13.70 -40.13 -24.34
CA LEU A 229 13.74 -38.75 -24.82
C LEU A 229 13.58 -38.66 -26.34
N ARG A 230 13.69 -39.79 -27.04
CA ARG A 230 13.48 -39.75 -28.49
C ARG A 230 12.05 -40.15 -28.85
N LYS A 231 11.21 -40.36 -27.84
CA LYS A 231 9.81 -40.73 -28.07
C LYS A 231 9.03 -39.49 -28.46
N GLU A 232 8.27 -39.61 -29.55
CA GLU A 232 7.48 -38.53 -30.12
C GLU A 232 6.57 -37.89 -29.06
N GLU A 233 5.99 -38.71 -28.18
CA GLU A 233 5.01 -38.22 -27.22
C GLU A 233 5.70 -37.47 -26.08
N VAL A 234 6.98 -37.77 -25.86
CA VAL A 234 7.77 -37.12 -24.82
C VAL A 234 8.33 -35.81 -25.38
N LEU A 235 9.01 -35.92 -26.53
CA LEU A 235 9.63 -34.85 -27.30
C LEU A 235 8.69 -33.64 -27.44
N LYS A 236 7.43 -33.92 -27.74
CA LYS A 236 6.35 -32.98 -27.98
C LYS A 236 6.19 -32.01 -26.80
N GLN A 237 6.54 -32.47 -25.59
CA GLN A 237 6.29 -31.73 -24.37
C GLN A 237 7.35 -30.66 -24.11
N PHE A 238 8.45 -30.68 -24.89
CA PHE A 238 9.55 -29.77 -24.64
C PHE A 238 9.37 -28.49 -25.45
N THR A 239 9.10 -27.39 -24.76
CA THR A 239 8.82 -26.10 -25.39
C THR A 239 9.97 -25.15 -25.09
N THR A 240 9.80 -23.86 -25.46
CA THR A 240 10.82 -22.87 -25.16
C THR A 240 10.84 -22.50 -23.68
N THR A 241 9.84 -22.97 -22.91
CA THR A 241 9.78 -22.74 -21.48
C THR A 241 10.56 -23.81 -20.70
N SER A 242 10.85 -24.94 -21.36
CA SER A 242 11.37 -26.13 -20.69
C SER A 242 12.82 -25.93 -20.23
N THR A 243 13.10 -26.43 -19.03
CA THR A 243 14.44 -26.62 -18.48
C THR A 243 14.59 -28.07 -18.05
N PHE A 244 15.79 -28.66 -18.22
CA PHE A 244 16.02 -29.98 -17.65
C PHE A 244 16.85 -29.89 -16.39
N TYR A 245 16.45 -30.68 -15.39
CA TYR A 245 17.30 -30.99 -14.25
C TYR A 245 17.85 -32.39 -14.43
N VAL A 246 19.19 -32.50 -14.40
CA VAL A 246 19.84 -33.80 -14.49
C VAL A 246 20.55 -34.07 -13.16
N PRO A 247 20.01 -34.94 -12.28
CA PRO A 247 20.62 -35.19 -10.99
C PRO A 247 21.96 -35.91 -11.22
N PRO A 248 22.90 -35.89 -10.26
CA PRO A 248 24.15 -36.63 -10.42
C PRO A 248 23.89 -38.12 -10.54
N ARG A 249 24.67 -38.78 -11.40
CA ARG A 249 24.61 -40.24 -11.52
C ARG A 249 25.50 -40.85 -10.43
N THR A 250 26.72 -40.32 -10.27
CA THR A 250 27.62 -40.79 -9.23
C THR A 250 28.36 -39.61 -8.60
N PRO A 251 28.01 -39.20 -7.36
CA PRO A 251 28.78 -38.17 -6.65
C PRO A 251 30.24 -38.60 -6.47
N ALA A 252 31.15 -37.64 -6.58
CA ALA A 252 32.57 -37.92 -6.39
C ALA A 252 32.81 -38.35 -4.95
N PRO A 253 33.63 -39.39 -4.70
CA PRO A 253 33.87 -39.85 -3.33
C PRO A 253 34.59 -38.81 -2.49
N ILE A 254 34.40 -38.89 -1.17
CA ILE A 254 35.11 -38.08 -0.20
C ILE A 254 36.57 -38.53 -0.17
N ASP A 255 37.50 -37.58 -0.32
CA ASP A 255 38.93 -37.84 -0.18
C ASP A 255 39.35 -37.66 1.28
N PRO A 256 39.74 -38.75 1.98
CA PRO A 256 40.05 -38.68 3.42
C PRO A 256 41.23 -37.77 3.77
N LYS A 257 42.15 -37.59 2.81
CA LYS A 257 43.30 -36.73 3.02
C LYS A 257 42.88 -35.26 3.06
N ALA A 258 41.97 -34.87 2.16
CA ALA A 258 41.41 -33.52 2.15
C ALA A 258 40.67 -33.25 3.45
N VAL A 259 39.85 -34.22 3.89
CA VAL A 259 39.12 -34.13 5.15
C VAL A 259 40.09 -33.73 6.27
N GLN A 260 41.20 -34.48 6.36
CA GLN A 260 42.16 -34.29 7.44
C GLN A 260 42.79 -32.91 7.35
N ALA A 261 43.21 -32.52 6.14
CA ALA A 261 43.90 -31.26 5.91
C ALA A 261 43.01 -30.09 6.31
N LEU A 262 41.70 -30.26 6.11
CA LEU A 262 40.71 -29.23 6.42
C LEU A 262 40.47 -29.18 7.93
N GLY A 263 40.98 -30.18 8.65
CA GLY A 263 40.81 -30.29 10.09
C GLY A 263 39.39 -30.70 10.46
N LEU A 264 38.78 -31.54 9.61
CA LEU A 264 37.42 -32.01 9.81
C LEU A 264 37.44 -33.39 10.46
N PRO A 265 36.35 -33.79 11.17
CA PRO A 265 36.23 -35.15 11.71
C PRO A 265 36.42 -36.21 10.63
N ALA A 266 37.18 -37.27 10.95
CA ALA A 266 37.59 -38.30 9.99
C ALA A 266 36.37 -38.95 9.32
N SER A 282 17.28 -42.45 5.40
CA SER A 282 17.50 -42.07 6.83
C SER A 282 16.18 -41.66 7.46
N PRO A 283 15.66 -42.39 8.48
CA PRO A 283 14.37 -42.10 9.08
C PRO A 283 14.27 -40.69 9.67
N ALA A 284 13.06 -40.12 9.62
CA ALA A 284 12.85 -38.72 9.97
C ALA A 284 13.18 -38.48 11.44
N TYR A 285 12.64 -39.33 12.33
CA TYR A 285 12.87 -39.20 13.75
C TYR A 285 13.68 -40.38 14.26
N GLY A 286 14.99 -40.36 13.98
CA GLY A 286 15.95 -41.28 14.57
C GLY A 286 16.24 -40.92 16.01
N PRO A 287 17.17 -41.64 16.71
CA PRO A 287 17.56 -41.29 18.07
C PRO A 287 18.10 -39.87 18.24
N ASP A 288 18.94 -39.41 17.31
CA ASP A 288 19.56 -38.09 17.39
C ASP A 288 18.50 -36.99 17.33
N GLU A 289 17.53 -37.16 16.43
CA GLU A 289 16.46 -36.19 16.21
C GLU A 289 15.52 -36.17 17.40
N MET A 290 15.24 -37.36 17.96
CA MET A 290 14.35 -37.49 19.11
C MET A 290 14.96 -36.78 20.31
N ARG A 291 16.30 -36.83 20.44
CA ARG A 291 17.03 -36.14 21.49
C ARG A 291 16.82 -34.63 21.34
N ALA A 292 17.10 -34.14 20.13
CA ALA A 292 16.97 -32.73 19.80
C ALA A 292 15.58 -32.23 20.16
N VAL A 293 14.54 -33.00 19.77
CA VAL A 293 13.16 -32.62 19.95
C VAL A 293 12.80 -32.60 21.44
N ALA A 294 13.26 -33.61 22.20
CA ALA A 294 13.01 -33.73 23.63
C ALA A 294 13.58 -32.53 24.39
N ALA A 295 14.74 -32.02 23.92
CA ALA A 295 15.49 -30.96 24.57
C ALA A 295 14.94 -29.57 24.17
N LEU A 296 14.10 -29.55 23.13
CA LEU A 296 13.61 -28.31 22.54
C LEU A 296 13.10 -27.36 23.63
N ASP A 297 12.10 -27.83 24.39
CA ASP A 297 11.28 -27.00 25.25
C ASP A 297 12.07 -26.45 26.45
N SER A 298 13.31 -26.91 26.63
CA SER A 298 14.05 -26.66 27.87
C SER A 298 15.38 -25.96 27.61
N PHE A 299 15.82 -25.96 26.34
CA PHE A 299 17.10 -25.38 25.94
C PHE A 299 17.25 -23.97 26.51
N VAL A 300 18.36 -23.73 27.21
CA VAL A 300 18.70 -22.39 27.66
C VAL A 300 20.11 -22.03 27.17
N PRO A 301 20.25 -20.96 26.33
CA PRO A 301 21.54 -20.60 25.74
C PRO A 301 22.64 -20.30 26.75
N SER A 302 23.89 -20.54 26.33
CA SER A 302 25.09 -20.30 27.11
C SER A 302 25.18 -18.85 27.54
N GLN A 303 24.61 -17.97 26.71
CA GLN A 303 24.80 -16.54 26.85
C GLN A 303 23.53 -15.83 26.36
N GLU A 304 23.25 -14.68 26.96
CA GLU A 304 22.11 -13.86 26.59
C GLU A 304 22.25 -13.44 25.13
N LYS A 305 21.17 -13.64 24.38
CA LYS A 305 21.10 -13.22 22.99
C LYS A 305 20.43 -11.84 22.92
N ALA A 306 20.97 -10.97 22.06
CA ALA A 306 20.35 -9.69 21.74
C ALA A 306 19.03 -9.92 21.02
N VAL A 307 18.08 -9.00 21.19
CA VAL A 307 16.81 -8.99 20.46
C VAL A 307 16.69 -7.65 19.73
N VAL A 308 15.82 -7.58 18.73
CA VAL A 308 15.65 -6.32 18.02
C VAL A 308 15.04 -5.29 18.97
N HIS A 309 15.57 -4.07 18.89
CA HIS A 309 15.17 -2.95 19.74
C HIS A 309 15.51 -1.66 19.01
N ALA A 310 14.52 -1.11 18.31
CA ALA A 310 14.76 0.06 17.49
C ALA A 310 13.53 0.96 17.57
N SER A 311 13.76 2.28 17.57
CA SER A 311 12.68 3.24 17.59
C SER A 311 11.88 3.14 16.30
N ARG A 312 10.66 3.68 16.32
CA ARG A 312 9.86 3.78 15.11
CA ARG A 312 9.84 3.82 15.12
C ARG A 312 10.61 4.61 14.07
N ALA A 313 11.30 5.68 14.52
CA ALA A 313 12.04 6.53 13.59
C ALA A 313 13.11 5.72 12.84
N MET A 314 13.83 4.87 13.58
CA MET A 314 14.90 4.08 13.00
C MET A 314 14.33 3.12 11.96
N GLN A 315 13.21 2.47 12.30
CA GLN A 315 12.61 1.47 11.41
C GLN A 315 12.08 2.16 10.16
N SER A 316 11.33 3.25 10.34
CA SER A 316 10.82 4.07 9.24
C SER A 316 11.96 4.45 8.29
N LEU A 317 13.07 4.93 8.84
CA LEU A 317 14.21 5.38 8.04
C LEU A 317 14.81 4.20 7.28
N MET A 318 14.98 3.06 7.96
CA MET A 318 15.67 1.94 7.32
C MET A 318 14.82 1.39 6.17
N VAL A 319 13.50 1.35 6.35
CA VAL A 319 12.60 0.97 5.27
C VAL A 319 12.72 1.97 4.13
N ASP A 320 12.70 3.28 4.45
CA ASP A 320 12.80 4.32 3.43
C ASP A 320 14.07 4.15 2.59
N LEU A 321 15.22 3.90 3.27
CA LEU A 321 16.51 3.77 2.60
C LEU A 321 16.53 2.55 1.68
N ALA A 322 15.78 1.50 2.05
CA ALA A 322 15.73 0.28 1.26
C ALA A 322 14.88 0.46 0.00
N LEU A 323 13.84 1.31 0.08
CA LEU A 323 12.82 1.34 -0.95
C LEU A 323 12.77 2.67 -1.71
N ARG A 324 13.57 3.68 -1.30
CA ARG A 324 13.49 5.01 -1.88
C ARG A 324 14.88 5.51 -2.28
N PRO A 325 15.33 5.22 -3.51
CA PRO A 325 16.70 5.54 -3.94
C PRO A 325 17.11 7.01 -3.82
N ALA A 326 16.15 7.94 -3.96
CA ALA A 326 16.45 9.36 -3.83
C ALA A 326 16.87 9.68 -2.39
N LEU A 327 16.12 9.12 -1.43
CA LEU A 327 16.47 9.27 -0.02
C LEU A 327 17.83 8.63 0.29
N LEU A 328 18.13 7.45 -0.29
CA LEU A 328 19.39 6.80 -0.01
C LEU A 328 20.55 7.66 -0.50
N GLU A 329 20.35 8.32 -1.64
CA GLU A 329 21.33 9.22 -2.24
C GLU A 329 21.57 10.40 -1.30
N GLN A 330 20.48 11.02 -0.82
CA GLN A 330 20.56 12.12 0.13
C GLN A 330 21.31 11.68 1.39
N TYR A 331 21.00 10.49 1.90
CA TYR A 331 21.63 9.99 3.11
C TYR A 331 23.14 9.80 2.90
N LYS A 332 23.52 9.20 1.76
CA LYS A 332 24.91 8.89 1.46
C LYS A 332 25.73 10.18 1.34
N ALA A 333 25.12 11.24 0.79
CA ALA A 333 25.77 12.52 0.57
C ALA A 333 26.15 13.18 1.90
N ASP A 334 25.23 13.11 2.89
CA ASP A 334 25.47 13.76 4.18
C ASP A 334 24.70 13.01 5.26
N PRO A 335 25.25 11.87 5.77
CA PRO A 335 24.53 11.03 6.73
C PRO A 335 24.13 11.73 8.04
N VAL A 336 25.01 12.60 8.55
CA VAL A 336 24.77 13.30 9.80
C VAL A 336 23.59 14.26 9.65
N ALA A 337 23.59 15.04 8.56
CA ALA A 337 22.49 15.96 8.31
C ALA A 337 21.20 15.18 8.08
N PHE A 338 21.28 14.10 7.30
CA PHE A 338 20.10 13.30 7.04
C PHE A 338 19.51 12.77 8.34
N ALA A 339 20.37 12.28 9.24
CA ALA A 339 19.89 11.74 10.52
C ALA A 339 19.12 12.83 11.28
N ASN A 340 19.61 14.06 11.15
CA ASN A 340 19.05 15.21 11.86
C ASN A 340 17.70 15.62 11.31
N THR A 341 17.24 15.03 10.20
CA THR A 341 15.89 15.31 9.73
C THR A 341 14.87 14.35 10.36
N ARG A 342 15.37 13.34 11.10
CA ARG A 342 14.49 12.39 11.76
C ARG A 342 14.68 12.51 13.27
N ASN A 343 13.99 13.47 13.90
CA ASN A 343 14.23 13.79 15.31
C ASN A 343 13.58 12.76 16.25
N GLY A 344 12.83 11.81 15.70
CA GLY A 344 12.35 10.68 16.47
C GLY A 344 13.45 9.66 16.81
N LEU A 345 14.62 9.75 16.16
CA LEU A 345 15.72 8.82 16.42
C LEU A 345 16.28 9.08 17.83
N THR A 346 16.75 8.02 18.51
CA THR A 346 17.47 8.19 19.77
C THR A 346 18.82 8.80 19.44
N ALA A 347 19.50 9.36 20.45
CA ALA A 347 20.81 9.95 20.19
C ALA A 347 21.78 8.88 19.68
N GLN A 348 21.65 7.65 20.18
CA GLN A 348 22.53 6.56 19.78
C GLN A 348 22.30 6.19 18.31
N GLU A 349 21.02 6.12 17.90
CA GLU A 349 20.66 5.84 16.51
C GLU A 349 21.22 6.91 15.58
N LYS A 350 21.08 8.19 15.97
CA LYS A 350 21.63 9.28 15.18
C LYS A 350 23.13 9.11 15.03
N PHE A 351 23.81 8.77 16.14
CA PHE A 351 25.26 8.61 16.12
C PHE A 351 25.64 7.48 15.17
N ALA A 352 24.95 6.34 15.29
CA ALA A 352 25.23 5.17 14.48
C ALA A 352 25.06 5.49 12.99
N LEU A 353 23.96 6.18 12.67
CA LEU A 353 23.61 6.51 11.29
C LEU A 353 24.61 7.48 10.69
N GLY A 354 25.15 8.37 11.53
CA GLY A 354 26.10 9.38 11.10
C GLY A 354 27.40 8.74 10.62
N LEU A 355 27.70 7.53 11.11
CA LEU A 355 28.93 6.85 10.79
C LEU A 355 28.88 6.25 9.39
N LYS A 356 27.65 6.01 8.88
CA LYS A 356 27.42 5.44 7.55
C LYS A 356 28.19 4.13 7.37
N LYS A 357 28.03 3.21 8.34
CA LYS A 357 28.64 1.89 8.25
C LYS A 357 27.64 0.85 8.76
N PRO A 358 27.68 -0.42 8.27
CA PRO A 358 26.74 -1.45 8.71
C PRO A 358 26.84 -1.91 10.17
N GLY A 359 28.07 -2.07 10.68
CA GLY A 359 28.26 -2.61 12.01
C GLY A 359 27.51 -1.80 13.09
N PRO A 360 27.67 -0.46 13.13
CA PRO A 360 26.92 0.37 14.07
C PRO A 360 25.41 0.17 14.07
N ILE A 361 24.84 -0.12 12.88
CA ILE A 361 23.41 -0.39 12.75
C ILE A 361 23.05 -1.62 13.59
N PHE A 362 23.88 -2.67 13.50
CA PHE A 362 23.60 -3.91 14.22
C PHE A 362 23.59 -3.67 15.72
N VAL A 363 24.48 -2.78 16.19
CA VAL A 363 24.64 -2.53 17.61
C VAL A 363 23.43 -1.80 18.18
N VAL A 364 22.93 -0.77 17.46
CA VAL A 364 21.83 0.03 17.98
C VAL A 364 20.49 -0.66 17.79
N MET A 365 20.36 -1.49 16.74
CA MET A 365 19.05 -2.06 16.44
C MET A 365 18.80 -3.39 17.16
N ARG A 366 19.83 -3.91 17.84
CA ARG A 366 19.73 -5.17 18.57
C ARG A 366 20.40 -4.98 19.93
N GLN A 367 19.66 -5.21 21.01
CA GLN A 367 20.20 -5.03 22.35
C GLN A 367 19.80 -6.20 23.24
N LEU A 368 20.63 -6.44 24.28
CA LEU A 368 20.38 -7.50 25.25
C LEU A 368 19.15 -7.15 26.08
N PRO A 369 18.22 -8.11 26.29
CA PRO A 369 17.05 -7.87 27.14
C PRO A 369 17.38 -7.32 28.52
N SER A 370 18.55 -7.71 29.05
CA SER A 370 18.98 -7.27 30.37
C SER A 370 19.30 -5.78 30.35
N ALA A 371 19.89 -5.30 29.25
CA ALA A 371 20.19 -3.88 29.11
C ALA A 371 18.93 -3.08 28.77
N ILE A 372 18.01 -3.69 28.01
CA ILE A 372 16.76 -3.00 27.67
C ILE A 372 15.98 -2.74 28.96
N ALA A 373 16.02 -3.73 29.87
CA ALA A 373 15.35 -3.63 31.16
C ALA A 373 16.04 -2.61 32.05
N SER A 374 17.36 -2.45 31.87
CA SER A 374 18.20 -1.54 32.66
C SER A 374 18.03 -0.10 32.20
N GLY A 375 17.38 0.11 31.05
CA GLY A 375 17.30 1.40 30.41
C GLY A 375 18.65 1.82 29.81
N GLN A 376 19.60 0.88 29.79
CA GLN A 376 20.95 1.11 29.32
C GLN A 376 20.96 1.05 27.79
N GLU A 377 21.40 2.14 27.16
CA GLU A 377 21.60 2.20 25.72
C GLU A 377 23.07 1.86 25.43
N PRO A 378 23.40 1.28 24.26
CA PRO A 378 24.80 1.02 23.93
C PRO A 378 25.61 2.32 23.96
N SER A 379 26.88 2.21 24.36
CA SER A 379 27.75 3.36 24.47
C SER A 379 28.26 3.79 23.09
N GLN A 380 28.72 5.04 23.02
CA GLN A 380 29.38 5.59 21.85
C GLN A 380 30.50 4.64 21.41
N GLU A 381 31.19 4.07 22.40
CA GLU A 381 32.31 3.17 22.17
C GLU A 381 31.82 1.85 21.56
N GLU A 382 30.72 1.31 22.10
CA GLU A 382 30.16 0.06 21.62
C GLU A 382 29.67 0.21 20.19
N ILE A 383 29.07 1.37 19.88
CA ILE A 383 28.51 1.65 18.56
C ILE A 383 29.66 1.83 17.56
N ALA A 384 30.64 2.67 17.92
CA ALA A 384 31.73 3.00 17.02
C ALA A 384 32.70 1.84 16.86
N ARG A 385 32.60 0.83 17.73
CA ARG A 385 33.56 -0.28 17.74
C ARG A 385 33.04 -1.47 16.94
N ALA A 386 31.80 -1.37 16.47
CA ALA A 386 31.10 -2.49 15.85
C ALA A 386 31.86 -3.00 14.63
N ASP A 387 31.78 -4.33 14.42
CA ASP A 387 32.49 -5.01 13.36
C ASP A 387 31.63 -5.02 12.09
N ASP A 388 32.17 -4.40 11.02
CA ASP A 388 31.54 -4.39 9.71
C ASP A 388 31.51 -5.81 9.13
CA ALA A 389 31.36 -9.31 9.35
C ALA A 389 30.17 -9.52 10.28
N THR A 390 29.35 -10.54 9.97
CA THR A 390 28.11 -10.86 10.67
C THR A 390 27.70 -12.30 10.34
N ALA A 391 26.40 -12.49 10.03
CA ALA A 391 25.86 -13.60 9.25
C ALA A 391 25.83 -14.94 10.00
N LEU A 392 25.00 -15.86 9.47
CA LEU A 392 24.73 -17.17 10.02
C LEU A 392 24.60 -18.20 8.90
N VAL A 393 25.33 -19.32 9.01
CA VAL A 393 25.33 -20.38 8.00
C VAL A 393 24.39 -21.50 8.42
N LEU A 394 23.67 -22.06 7.44
CA LEU A 394 22.64 -23.05 7.72
C LEU A 394 22.90 -24.36 6.97
N ALA A 395 24.17 -24.67 6.72
CA ALA A 395 24.60 -25.94 6.14
C ALA A 395 24.83 -26.97 7.24
N ALA B 5 -10.89 -26.58 -0.82
CA ALA B 5 -11.45 -27.91 -0.47
C ALA B 5 -10.96 -28.34 0.92
N LEU B 6 -10.60 -27.35 1.75
CA LEU B 6 -10.09 -27.57 3.10
C LEU B 6 -10.69 -26.53 4.04
N LYS B 7 -10.69 -26.81 5.36
CA LYS B 7 -11.23 -25.92 6.38
C LYS B 7 -10.55 -26.17 7.73
N LYS B 8 -9.42 -25.46 7.95
CA LYS B 8 -8.65 -25.40 9.19
C LYS B 8 -7.42 -26.30 9.19
N PRO B 9 -7.09 -27.06 8.11
CA PRO B 9 -5.84 -27.80 8.07
C PRO B 9 -4.67 -26.82 8.13
N GLY B 10 -3.66 -27.18 8.92
CA GLY B 10 -2.39 -26.47 8.91
C GLY B 10 -1.72 -26.56 7.54
N SER B 11 -0.78 -25.65 7.30
CA SER B 11 0.02 -25.69 6.08
C SER B 11 1.37 -25.06 6.36
N LEU B 12 2.38 -25.46 5.59
CA LEU B 12 3.72 -24.94 5.73
C LEU B 12 4.15 -24.28 4.41
N THR B 13 4.60 -23.02 4.51
CA THR B 13 5.23 -22.34 3.40
C THR B 13 6.57 -21.81 3.87
N ILE B 14 7.63 -22.16 3.12
CA ILE B 14 8.95 -21.63 3.41
C ILE B 14 9.38 -20.69 2.28
N ALA B 15 9.76 -19.46 2.66
CA ALA B 15 10.09 -18.39 1.74
C ALA B 15 11.46 -17.82 2.11
N GLY B 16 11.96 -16.93 1.26
CA GLY B 16 13.22 -16.25 1.52
C GLY B 16 12.98 -14.78 1.85
N SER B 17 14.01 -14.14 2.39
CA SER B 17 14.01 -12.69 2.50
C SER B 17 14.91 -12.07 1.44
N GLY B 18 15.65 -12.92 0.69
CA GLY B 18 16.66 -12.36 -0.21
C GLY B 18 17.87 -11.86 0.57
N ILE B 19 18.74 -11.09 -0.09
CA ILE B 19 20.02 -10.73 0.50
C ILE B 19 20.03 -9.29 1.01
N ALA B 20 19.67 -8.33 0.15
CA ALA B 20 19.57 -6.92 0.53
C ALA B 20 18.40 -6.73 1.49
N SER B 21 18.64 -5.98 2.58
CA SER B 21 17.63 -5.67 3.57
C SER B 21 16.34 -5.15 2.94
N ILE B 22 15.22 -5.87 3.15
CA ILE B 22 13.85 -5.48 2.81
C ILE B 22 13.58 -5.52 1.31
N GLY B 23 14.42 -4.86 0.50
CA GLY B 23 14.13 -4.63 -0.91
C GLY B 23 14.05 -5.90 -1.77
N HIS B 24 14.67 -7.01 -1.31
CA HIS B 24 14.67 -8.25 -2.09
C HIS B 24 13.45 -9.12 -1.83
N ILE B 25 12.63 -8.76 -0.83
CA ILE B 25 11.45 -9.57 -0.53
C ILE B 25 10.49 -9.57 -1.72
N THR B 26 9.91 -10.74 -2.04
CA THR B 26 8.98 -10.83 -3.14
C THR B 26 7.56 -10.48 -2.68
N LEU B 27 6.72 -10.04 -3.63
CA LEU B 27 5.36 -9.62 -3.31
C LEU B 27 4.59 -10.78 -2.68
N GLU B 28 4.75 -12.00 -3.22
CA GLU B 28 3.97 -13.11 -2.64
C GLU B 28 4.44 -13.38 -1.22
N THR B 29 5.72 -13.14 -0.94
CA THR B 29 6.27 -13.33 0.40
C THR B 29 5.73 -12.28 1.39
N LEU B 30 5.71 -11.00 0.97
CA LEU B 30 5.16 -9.95 1.82
C LEU B 30 3.69 -10.26 2.13
N ALA B 31 2.95 -10.73 1.12
CA ALA B 31 1.53 -11.04 1.30
C ALA B 31 1.37 -12.12 2.38
N LEU B 32 2.25 -13.13 2.35
CA LEU B 32 2.19 -14.21 3.33
C LEU B 32 2.61 -13.73 4.71
N ILE B 33 3.62 -12.84 4.76
CA ILE B 33 4.03 -12.25 6.03
C ILE B 33 2.80 -11.64 6.72
N LYS B 34 1.95 -10.96 5.93
CA LYS B 34 0.80 -10.25 6.46
C LYS B 34 -0.32 -11.20 6.90
N GLU B 35 -0.40 -12.38 6.28
CA GLU B 35 -1.58 -13.23 6.39
C GLU B 35 -1.32 -14.46 7.25
N ALA B 36 -0.05 -14.86 7.41
CA ALA B 36 0.28 -16.09 8.10
C ALA B 36 -0.17 -16.03 9.57
N ASP B 37 -0.49 -17.21 10.12
CA ASP B 37 -0.83 -17.32 11.53
C ASP B 37 0.44 -17.13 12.36
N LYS B 38 1.54 -17.69 11.86
CA LYS B 38 2.77 -17.75 12.62
C LYS B 38 3.98 -17.72 11.67
N ILE B 39 4.98 -16.90 12.03
CA ILE B 39 6.18 -16.75 11.22
C ILE B 39 7.37 -17.19 12.04
N PHE B 40 8.17 -18.10 11.46
CA PHE B 40 9.46 -18.47 12.03
C PHE B 40 10.50 -17.94 11.06
N TYR B 41 11.53 -17.27 11.56
CA TYR B 41 12.44 -16.61 10.63
C TYR B 41 13.89 -16.76 11.08
N ALA B 42 14.78 -16.74 10.10
CA ALA B 42 16.21 -16.67 10.34
C ALA B 42 16.80 -15.74 9.30
N VAL B 43 16.96 -14.46 9.68
CA VAL B 43 17.43 -13.44 8.74
C VAL B 43 18.70 -12.82 9.30
N THR B 44 19.42 -12.04 8.50
CA THR B 44 20.75 -11.63 8.90
C THR B 44 20.81 -10.20 9.42
N ASP B 45 19.83 -9.35 9.10
CA ASP B 45 19.94 -7.96 9.51
C ASP B 45 18.73 -7.54 10.32
N PRO B 46 18.88 -6.60 11.28
CA PRO B 46 17.76 -6.18 12.13
C PRO B 46 16.64 -5.41 11.42
N ALA B 47 16.95 -4.69 10.33
CA ALA B 47 15.92 -3.95 9.64
C ALA B 47 14.90 -4.89 9.00
N THR B 48 15.41 -5.94 8.32
CA THR B 48 14.59 -7.00 7.76
C THR B 48 13.76 -7.66 8.86
N GLU B 49 14.40 -7.96 9.99
CA GLU B 49 13.72 -8.62 11.11
C GLU B 49 12.57 -7.76 11.61
N CYS B 50 12.84 -6.47 11.83
CA CYS B 50 11.78 -5.57 12.30
C CYS B 50 10.66 -5.46 11.28
N TYR B 51 11.01 -5.41 9.99
CA TYR B 51 10.05 -5.28 8.92
C TYR B 51 9.11 -6.49 8.91
N ILE B 52 9.68 -7.68 9.08
CA ILE B 52 8.87 -8.89 9.12
C ILE B 52 7.91 -8.82 10.32
N GLN B 53 8.42 -8.47 11.50
CA GLN B 53 7.59 -8.38 12.70
C GLN B 53 6.45 -7.37 12.50
N GLU B 54 6.78 -6.18 11.99
CA GLU B 54 5.85 -5.07 11.94
C GLU B 54 4.73 -5.31 10.93
N ASN B 55 5.01 -6.14 9.93
CA ASN B 55 4.01 -6.43 8.91
C ASN B 55 3.19 -7.66 9.27
N SER B 56 3.55 -8.35 10.35
CA SER B 56 2.98 -9.65 10.68
C SER B 56 1.73 -9.50 11.56
N ARG B 57 1.07 -10.64 11.82
CA ARG B 57 -0.03 -10.69 12.78
C ARG B 57 0.48 -10.75 14.22
N GLY B 58 1.80 -10.63 14.39
CA GLY B 58 2.40 -10.44 15.69
C GLY B 58 2.74 -11.75 16.41
N ASP B 59 2.67 -12.88 15.68
CA ASP B 59 3.05 -14.17 16.22
C ASP B 59 4.25 -14.70 15.45
N HIS B 60 5.45 -14.48 16.01
CA HIS B 60 6.69 -14.77 15.29
C HIS B 60 7.73 -15.33 16.26
N PHE B 61 8.73 -16.01 15.68
CA PHE B 61 9.76 -16.65 16.48
C PHE B 61 11.07 -16.63 15.70
N ASP B 62 12.13 -16.23 16.39
CA ASP B 62 13.46 -16.15 15.81
C ASP B 62 14.14 -17.52 15.93
N LEU B 63 14.26 -18.21 14.78
CA LEU B 63 14.84 -19.53 14.65
C LEU B 63 16.30 -19.54 15.10
N THR B 64 17.01 -18.41 14.92
CA THR B 64 18.41 -18.33 15.32
C THR B 64 18.57 -18.45 16.83
N THR B 65 17.48 -18.39 17.60
CA THR B 65 17.60 -18.59 19.05
C THR B 65 18.06 -20.01 19.39
N PHE B 66 17.95 -20.95 18.43
CA PHE B 66 18.37 -22.33 18.64
C PHE B 66 19.88 -22.53 18.41
N TYR B 67 20.58 -21.50 17.93
CA TYR B 67 22.03 -21.58 17.83
C TYR B 67 22.67 -21.34 19.19
N ASP B 68 23.89 -21.88 19.35
CA ASP B 68 24.65 -21.75 20.58
C ASP B 68 25.98 -22.47 20.36
N THR B 69 27.03 -21.96 21.01
CA THR B 69 28.32 -22.65 20.96
C THR B 69 28.25 -23.86 21.87
N ASN B 70 29.08 -24.87 21.54
CA ASN B 70 29.11 -26.17 22.20
C ASN B 70 27.92 -27.01 21.74
N LYS B 71 26.90 -26.33 21.18
CA LYS B 71 25.73 -27.00 20.62
C LYS B 71 25.99 -27.23 19.13
N LYS B 72 25.81 -28.48 18.70
CA LYS B 72 26.06 -28.85 17.31
C LYS B 72 24.93 -28.30 16.43
N ARG B 73 25.32 -27.88 15.21
CA ARG B 73 24.45 -27.23 14.25
C ARG B 73 23.23 -28.10 13.95
N TYR B 74 23.46 -29.41 13.82
CA TYR B 74 22.42 -30.34 13.39
C TYR B 74 21.28 -30.40 14.40
N GLU B 75 21.61 -30.26 15.69
CA GLU B 75 20.59 -30.27 16.73
C GLU B 75 19.70 -29.04 16.60
N SER B 76 20.33 -27.90 16.30
CA SER B 76 19.63 -26.64 16.05
C SER B 76 18.67 -26.76 14.87
N TYR B 77 19.15 -27.36 13.77
CA TYR B 77 18.35 -27.48 12.56
C TYR B 77 17.12 -28.35 12.82
N VAL B 78 17.30 -29.43 13.60
CA VAL B 78 16.17 -30.33 13.87
C VAL B 78 15.11 -29.57 14.66
N GLN B 79 15.58 -28.77 15.63
CA GLN B 79 14.70 -27.98 16.49
C GLN B 79 13.95 -26.94 15.65
N MET B 80 14.68 -26.31 14.72
CA MET B 80 14.12 -25.32 13.81
C MET B 80 12.98 -25.93 13.00
N SER B 81 13.23 -27.12 12.41
CA SER B 81 12.22 -27.83 11.65
C SER B 81 11.03 -28.14 12.55
N GLU B 82 11.32 -28.60 13.78
CA GLU B 82 10.28 -29.11 14.66
C GLU B 82 9.34 -28.00 15.12
N VAL B 83 9.88 -26.82 15.45
CA VAL B 83 8.99 -25.76 15.91
C VAL B 83 8.00 -25.41 14.81
N MET B 84 8.46 -25.42 13.55
CA MET B 84 7.54 -25.13 12.45
C MET B 84 6.48 -26.21 12.33
N LEU B 85 6.92 -27.48 12.37
CA LEU B 85 6.03 -28.63 12.14
C LEU B 85 4.96 -28.72 13.23
N ARG B 86 5.31 -28.38 14.47
CA ARG B 86 4.35 -28.43 15.57
C ARG B 86 3.14 -27.54 15.31
N ASP B 87 3.41 -26.32 14.83
CA ASP B 87 2.36 -25.35 14.56
C ASP B 87 1.54 -25.80 13.36
N VAL B 88 2.19 -26.43 12.38
CA VAL B 88 1.49 -26.99 11.23
C VAL B 88 0.49 -28.05 11.74
N ARG B 89 0.97 -28.91 12.65
CA ARG B 89 0.17 -30.00 13.17
C ARG B 89 -1.00 -29.46 13.99
N ALA B 90 -0.81 -28.28 14.61
CA ALA B 90 -1.85 -27.66 15.41
C ALA B 90 -2.90 -26.94 14.53
N GLY B 91 -2.71 -26.96 13.21
CA GLY B 91 -3.71 -26.40 12.32
C GLY B 91 -3.45 -24.93 11.98
N ARG B 92 -2.19 -24.49 12.03
CA ARG B 92 -1.84 -23.10 11.74
C ARG B 92 -1.30 -22.97 10.33
N ASN B 93 -1.54 -21.79 9.72
CA ASN B 93 -0.94 -21.37 8.46
C ASN B 93 0.45 -20.82 8.78
N VAL B 94 1.47 -21.66 8.59
CA VAL B 94 2.82 -21.37 9.07
C VAL B 94 3.73 -20.88 7.94
N LEU B 95 4.47 -19.79 8.19
CA LEU B 95 5.49 -19.30 7.28
C LEU B 95 6.87 -19.41 7.93
N GLY B 96 7.82 -20.01 7.22
CA GLY B 96 9.23 -19.90 7.58
C GLY B 96 9.95 -18.99 6.58
N ILE B 97 10.87 -18.15 7.09
CA ILE B 97 11.60 -17.23 6.23
C ILE B 97 13.08 -17.37 6.56
N PHE B 98 13.89 -17.53 5.51
CA PHE B 98 15.35 -17.63 5.60
C PHE B 98 15.97 -16.60 4.67
N TYR B 99 17.13 -16.09 5.10
CA TYR B 99 17.98 -15.21 4.32
C TYR B 99 18.21 -15.80 2.94
N GLY B 100 18.12 -14.95 1.92
CA GLY B 100 18.41 -15.36 0.55
C GLY B 100 17.26 -16.19 -0.01
N HIS B 101 17.63 -17.26 -0.72
CA HIS B 101 16.72 -18.30 -1.19
C HIS B 101 16.64 -19.38 -0.12
N PRO B 102 15.44 -19.79 0.36
CA PRO B 102 15.36 -20.66 1.52
C PRO B 102 15.78 -22.11 1.25
N GLY B 103 16.12 -22.43 -0.01
CA GLY B 103 16.50 -23.79 -0.37
C GLY B 103 17.98 -23.93 -0.74
N VAL B 104 18.70 -22.81 -0.64
CA VAL B 104 20.10 -22.78 -1.05
C VAL B 104 20.94 -22.66 0.22
N PHE B 105 21.66 -23.73 0.58
CA PHE B 105 22.45 -23.79 1.79
C PHE B 105 21.59 -23.76 3.05
N VAL B 106 20.41 -24.38 3.01
CA VAL B 106 19.53 -24.36 4.15
C VAL B 106 19.01 -25.78 4.35
N ALA B 107 19.37 -26.40 5.48
CA ALA B 107 18.97 -27.76 5.79
C ALA B 107 17.57 -27.81 6.40
N PRO B 108 17.21 -26.96 7.40
CA PRO B 108 15.94 -27.11 8.09
C PRO B 108 14.73 -26.95 7.20
N SER B 109 14.89 -26.20 6.10
CA SER B 109 13.77 -25.94 5.20
C SER B 109 13.37 -27.22 4.47
N HIS B 110 14.34 -27.89 3.85
CA HIS B 110 14.07 -29.14 3.14
C HIS B 110 13.50 -30.19 4.09
N ARG B 111 14.06 -30.27 5.29
CA ARG B 111 13.64 -31.28 6.27
C ARG B 111 12.17 -31.05 6.64
N ALA B 112 11.83 -29.79 6.96
CA ALA B 112 10.48 -29.42 7.38
C ALA B 112 9.47 -29.77 6.29
N ILE B 113 9.81 -29.47 5.03
CA ILE B 113 8.87 -29.66 3.92
C ILE B 113 8.63 -31.15 3.69
N ALA B 114 9.69 -31.95 3.77
CA ALA B 114 9.63 -33.39 3.55
C ALA B 114 8.68 -34.02 4.57
N ILE B 115 8.87 -33.70 5.85
CA ILE B 115 8.09 -34.30 6.92
C ILE B 115 6.63 -33.85 6.81
N ALA B 116 6.43 -32.56 6.53
CA ALA B 116 5.07 -32.03 6.40
C ALA B 116 4.28 -32.80 5.34
N ARG B 117 4.89 -32.98 4.16
CA ARG B 117 4.25 -33.64 3.03
C ARG B 117 3.96 -35.10 3.36
N GLU B 118 4.92 -35.76 4.01
CA GLU B 118 4.79 -37.15 4.42
C GLU B 118 3.59 -37.30 5.37
N GLU B 119 3.33 -36.27 6.18
CA GLU B 119 2.24 -36.32 7.13
C GLU B 119 0.93 -35.80 6.51
N GLY B 120 0.96 -35.43 5.23
CA GLY B 120 -0.26 -35.14 4.47
C GLY B 120 -0.62 -33.66 4.42
N PHE B 121 0.31 -32.79 4.82
CA PHE B 121 0.07 -31.35 4.81
C PHE B 121 0.48 -30.73 3.47
N GLN B 122 -0.20 -29.65 3.09
CA GLN B 122 0.27 -28.81 2.01
C GLN B 122 1.54 -28.11 2.50
N ALA B 123 2.65 -28.32 1.78
CA ALA B 123 3.92 -27.72 2.15
C ALA B 123 4.63 -27.31 0.87
N LYS B 124 5.04 -26.03 0.83
CA LYS B 124 5.53 -25.39 -0.37
C LYS B 124 6.75 -24.54 -0.02
N MET B 125 7.75 -24.56 -0.90
CA MET B 125 8.86 -23.63 -0.80
C MET B 125 8.68 -22.54 -1.86
N LEU B 126 8.85 -21.26 -1.47
CA LEU B 126 8.86 -20.15 -2.40
C LEU B 126 10.31 -19.75 -2.67
N PRO B 127 10.69 -19.41 -3.92
CA PRO B 127 12.05 -18.96 -4.20
C PRO B 127 12.28 -17.57 -3.62
N GLY B 128 13.54 -17.27 -3.30
CA GLY B 128 13.98 -15.94 -2.93
C GLY B 128 15.26 -15.60 -3.68
N ILE B 129 15.68 -14.34 -3.57
CA ILE B 129 16.89 -13.86 -4.24
C ILE B 129 18.10 -14.47 -3.53
N SER B 130 18.97 -15.15 -4.29
CA SER B 130 20.14 -15.82 -3.74
C SER B 130 21.36 -14.91 -3.82
N ALA B 131 22.44 -15.28 -3.10
CA ALA B 131 23.71 -14.55 -3.21
C ALA B 131 24.20 -14.57 -4.66
N GLU B 132 24.01 -15.72 -5.32
CA GLU B 132 24.35 -15.90 -6.72
C GLU B 132 23.60 -14.91 -7.61
N ASP B 133 22.28 -14.79 -7.40
CA ASP B 133 21.45 -13.82 -8.11
C ASP B 133 22.02 -12.40 -7.96
N TYR B 134 22.39 -12.03 -6.73
CA TYR B 134 22.93 -10.71 -6.42
C TYR B 134 24.25 -10.51 -7.19
N MET B 135 25.06 -11.58 -7.22
CA MET B 135 26.34 -11.53 -7.90
C MET B 135 26.19 -11.26 -9.40
N PHE B 136 25.27 -11.96 -10.08
CA PHE B 136 25.10 -11.75 -11.52
C PHE B 136 24.78 -10.27 -11.79
N ALA B 137 23.88 -9.70 -10.95
CA ALA B 137 23.46 -8.32 -11.11
C ALA B 137 24.60 -7.34 -10.81
N ASP B 138 25.34 -7.58 -9.71
CA ASP B 138 26.38 -6.64 -9.30
C ASP B 138 27.64 -6.75 -10.17
N LEU B 139 28.04 -7.98 -10.54
CA LEU B 139 29.29 -8.17 -11.28
C LEU B 139 29.05 -8.10 -12.78
N GLY B 140 27.79 -8.22 -13.19
CA GLY B 140 27.41 -7.99 -14.58
C GLY B 140 27.88 -9.08 -15.54
N PHE B 141 27.76 -10.35 -15.14
CA PHE B 141 27.94 -11.44 -16.09
C PHE B 141 26.70 -12.34 -16.09
N ASP B 142 26.54 -13.05 -17.21
CA ASP B 142 25.43 -13.94 -17.47
C ASP B 142 25.94 -15.38 -17.40
N PRO B 143 25.40 -16.27 -16.54
CA PRO B 143 25.91 -17.64 -16.48
C PRO B 143 25.88 -18.36 -17.83
N SER B 144 24.99 -17.93 -18.74
CA SER B 144 24.74 -18.64 -19.97
C SER B 144 25.87 -18.48 -21.00
N THR B 145 26.64 -17.38 -20.91
CA THR B 145 27.60 -17.06 -21.96
C THR B 145 28.67 -18.15 -22.09
N TYR B 146 29.08 -18.73 -20.95
CA TYR B 146 30.09 -19.79 -20.98
C TYR B 146 29.64 -21.01 -20.19
N GLY B 147 28.45 -20.95 -19.58
CA GLY B 147 28.12 -21.93 -18.56
C GLY B 147 28.71 -21.52 -17.21
N CYS B 148 28.11 -22.01 -16.13
CA CYS B 148 28.47 -21.51 -14.81
C CYS B 148 28.34 -22.61 -13.78
N MET B 149 29.47 -22.93 -13.14
CA MET B 149 29.54 -23.93 -12.09
C MET B 149 29.57 -23.21 -10.74
N THR B 150 28.64 -23.60 -9.86
CA THR B 150 28.55 -23.03 -8.53
C THR B 150 28.77 -24.13 -7.50
N GLN B 151 29.64 -23.85 -6.51
CA GLN B 151 29.90 -24.86 -5.50
C GLN B 151 30.52 -24.23 -4.26
N GLU B 152 30.48 -24.99 -3.16
CA GLU B 152 30.99 -24.58 -1.87
C GLU B 152 32.47 -24.99 -1.76
N ALA B 153 33.30 -24.11 -1.18
CA ALA B 153 34.75 -24.27 -1.15
C ALA B 153 35.14 -25.57 -0.47
N THR B 154 34.57 -25.84 0.71
CA THR B 154 34.91 -27.04 1.45
C THR B 154 34.57 -28.29 0.63
N GLU B 155 33.38 -28.29 0.01
CA GLU B 155 32.89 -29.42 -0.76
C GLU B 155 33.80 -29.72 -1.96
N LEU B 156 34.16 -28.67 -2.71
CA LEU B 156 35.09 -28.74 -3.83
C LEU B 156 36.39 -29.42 -3.41
N LEU B 157 36.90 -29.06 -2.23
CA LEU B 157 38.16 -29.58 -1.74
C LEU B 157 38.01 -31.02 -1.28
N VAL B 158 36.94 -31.29 -0.50
CA VAL B 158 36.73 -32.57 0.15
C VAL B 158 36.49 -33.68 -0.87
N ARG B 159 35.97 -33.32 -2.06
CA ARG B 159 35.71 -34.29 -3.11
C ARG B 159 36.76 -34.19 -4.21
N ASN B 160 37.83 -33.42 -3.96
CA ASN B 160 38.95 -33.37 -4.89
C ASN B 160 38.48 -33.03 -6.30
N LYS B 161 37.53 -32.09 -6.41
CA LYS B 161 37.05 -31.65 -7.71
C LYS B 161 38.10 -30.73 -8.34
N LYS B 162 38.18 -30.73 -9.67
CA LYS B 162 38.99 -29.79 -10.41
C LYS B 162 38.07 -28.66 -10.87
N LEU B 163 38.60 -27.42 -10.90
CA LEU B 163 37.87 -26.32 -11.50
C LEU B 163 38.15 -26.28 -12.99
N ASP B 164 37.07 -26.12 -13.78
CA ASP B 164 37.12 -26.05 -15.23
C ASP B 164 37.37 -24.59 -15.61
N PRO B 165 38.53 -24.27 -16.24
CA PRO B 165 38.86 -22.87 -16.55
C PRO B 165 38.22 -22.33 -17.83
N SER B 166 37.37 -23.14 -18.49
CA SER B 166 36.70 -22.66 -19.69
C SER B 166 35.32 -22.07 -19.40
N ILE B 167 34.86 -22.12 -18.14
CA ILE B 167 33.50 -21.70 -17.80
C ILE B 167 33.56 -20.61 -16.71
N HIS B 168 32.40 -19.99 -16.41
CA HIS B 168 32.29 -19.18 -15.21
C HIS B 168 32.30 -20.11 -13.99
N ASN B 169 32.99 -19.70 -12.93
CA ASN B 169 32.95 -20.42 -11.68
C ASN B 169 32.57 -19.47 -10.55
N ILE B 170 31.70 -19.97 -9.68
CA ILE B 170 31.31 -19.27 -8.46
C ILE B 170 31.64 -20.20 -7.30
N ILE B 171 32.39 -19.67 -6.32
CA ILE B 171 32.76 -20.46 -5.15
C ILE B 171 32.23 -19.78 -3.89
N TRP B 172 31.32 -20.48 -3.20
CA TRP B 172 30.72 -20.05 -1.95
C TRP B 172 31.66 -20.36 -0.79
N GLN B 173 31.49 -19.60 0.31
CA GLN B 173 32.00 -19.93 1.63
C GLN B 173 33.52 -19.97 1.63
N VAL B 174 34.13 -19.08 0.84
CA VAL B 174 35.58 -18.98 0.76
C VAL B 174 36.14 -18.47 2.10
N GLY B 175 35.30 -17.79 2.88
CA GLY B 175 35.76 -17.12 4.10
C GLY B 175 35.76 -18.05 5.32
N SER B 176 35.28 -19.27 5.15
CA SER B 176 35.25 -20.23 6.25
C SER B 176 35.47 -21.64 5.72
N VAL B 177 36.58 -21.81 4.98
CA VAL B 177 36.97 -23.10 4.45
C VAL B 177 37.15 -24.07 5.61
N GLY B 178 36.31 -25.11 5.63
CA GLY B 178 36.46 -26.26 6.51
C GLY B 178 36.10 -25.97 7.97
N VAL B 179 35.28 -24.94 8.20
CA VAL B 179 34.86 -24.61 9.57
C VAL B 179 33.49 -23.95 9.54
N ASP B 180 32.53 -24.59 10.22
CA ASP B 180 31.19 -24.05 10.39
C ASP B 180 31.07 -23.45 11.79
N THR B 181 30.55 -24.24 12.74
CA THR B 181 30.30 -23.82 14.11
C THR B 181 30.08 -22.31 14.16
N MET B 182 31.08 -21.56 14.68
CA MET B 182 31.05 -20.11 14.65
C MET B 182 32.47 -19.55 14.67
N VAL B 183 33.46 -20.40 14.98
CA VAL B 183 34.86 -20.00 14.99
C VAL B 183 35.32 -19.81 13.54
N PHE B 184 34.81 -18.73 12.93
CA PHE B 184 34.96 -18.47 11.50
C PHE B 184 36.40 -18.05 11.20
N ASP B 185 37.11 -18.94 10.50
CA ASP B 185 38.56 -18.90 10.41
C ASP B 185 38.98 -19.02 8.95
N ASN B 186 40.18 -18.50 8.64
CA ASN B 186 40.75 -18.56 7.30
C ASN B 186 42.09 -19.31 7.36
N GLY B 187 42.16 -20.32 8.23
CA GLY B 187 43.36 -21.11 8.40
C GLY B 187 43.55 -22.12 7.27
N LYS B 188 42.45 -22.53 6.64
CA LYS B 188 42.49 -23.56 5.62
C LYS B 188 42.25 -22.96 4.24
N PHE B 189 42.23 -21.62 4.18
CA PHE B 189 41.97 -20.90 2.94
C PHE B 189 43.05 -21.21 1.90
N HIS B 190 44.27 -21.50 2.38
CA HIS B 190 45.41 -21.75 1.49
C HIS B 190 45.15 -22.99 0.62
N LEU B 191 44.31 -23.92 1.10
CA LEU B 191 43.99 -25.10 0.32
C LEU B 191 43.17 -24.73 -0.90
N LEU B 192 42.26 -23.75 -0.75
CA LEU B 192 41.51 -23.26 -1.90
C LEU B 192 42.43 -22.53 -2.87
N VAL B 193 43.39 -21.76 -2.34
CA VAL B 193 44.32 -21.02 -3.19
C VAL B 193 45.15 -22.00 -4.02
N GLU B 194 45.59 -23.10 -3.41
CA GLU B 194 46.34 -24.14 -4.12
C GLU B 194 45.51 -24.66 -5.29
N ARG B 195 44.23 -24.97 -5.01
CA ARG B 195 43.33 -25.45 -6.05
C ARG B 195 43.28 -24.43 -7.19
N LEU B 196 43.06 -23.15 -6.86
CA LEU B 196 42.99 -22.11 -7.89
C LEU B 196 44.30 -22.03 -8.67
N GLU B 197 45.43 -22.11 -7.96
CA GLU B 197 46.74 -22.02 -8.59
C GLU B 197 46.89 -23.13 -9.64
N LYS B 198 46.55 -24.37 -9.25
CA LYS B 198 46.67 -25.53 -10.12
C LYS B 198 45.83 -25.35 -11.38
N ASP B 199 44.61 -24.83 -11.21
CA ASP B 199 43.63 -24.87 -12.30
C ASP B 199 43.75 -23.67 -13.22
N PHE B 200 44.27 -22.53 -12.72
CA PHE B 200 44.23 -21.28 -13.47
C PHE B 200 45.61 -20.64 -13.61
N GLY B 201 46.57 -21.03 -12.76
CA GLY B 201 47.85 -20.34 -12.72
C GLY B 201 47.81 -19.12 -11.81
N LEU B 202 48.92 -18.39 -11.72
CA LEU B 202 49.09 -17.34 -10.73
C LEU B 202 48.59 -15.98 -11.25
N ASP B 203 48.57 -15.79 -12.56
CA ASP B 203 48.24 -14.47 -13.11
C ASP B 203 46.75 -14.28 -13.32
N HIS B 204 45.97 -15.37 -13.32
CA HIS B 204 44.54 -15.25 -13.56
C HIS B 204 43.87 -14.47 -12.44
N LYS B 205 42.83 -13.70 -12.79
CA LYS B 205 42.20 -12.81 -11.83
C LYS B 205 40.87 -13.41 -11.37
N ILE B 206 40.58 -13.26 -10.06
CA ILE B 206 39.28 -13.58 -9.47
C ILE B 206 38.67 -12.28 -8.96
N GLN B 207 37.33 -12.29 -8.76
CA GLN B 207 36.65 -11.19 -8.11
C GLN B 207 36.13 -11.62 -6.76
N HIS B 208 36.43 -10.80 -5.75
CA HIS B 208 35.94 -11.00 -4.40
C HIS B 208 34.62 -10.23 -4.26
N TYR B 209 33.53 -10.96 -3.99
CA TYR B 209 32.20 -10.35 -4.03
C TYR B 209 31.53 -10.43 -2.66
N ILE B 210 31.06 -9.27 -2.16
CA ILE B 210 30.11 -9.19 -1.06
C ILE B 210 28.99 -8.24 -1.50
N GLY B 211 27.78 -8.77 -1.66
CA GLY B 211 26.62 -7.94 -1.94
C GLY B 211 26.17 -7.18 -0.70
N ALA B 212 25.75 -5.93 -0.88
CA ALA B 212 25.38 -5.05 0.21
C ALA B 212 24.11 -5.54 0.90
N ILE B 213 24.19 -5.78 2.22
CA ILE B 213 23.01 -6.22 2.93
C ILE B 213 22.22 -5.00 3.40
N LEU B 214 22.91 -4.03 4.02
CA LEU B 214 22.24 -2.86 4.54
C LEU B 214 22.44 -1.68 3.57
N PRO B 215 21.56 -0.67 3.60
CA PRO B 215 21.80 0.58 2.88
C PRO B 215 23.17 1.19 3.16
N GLN B 216 23.72 0.91 4.34
CA GLN B 216 25.03 1.43 4.76
C GLN B 216 26.18 0.60 4.19
N SER B 217 25.90 -0.64 3.74
CA SER B 217 26.92 -1.50 3.19
C SER B 217 27.32 -0.99 1.82
N VAL B 218 28.60 -1.17 1.46
CA VAL B 218 28.97 -0.92 0.06
C VAL B 218 29.30 -2.25 -0.60
N THR B 219 28.97 -2.37 -1.88
CA THR B 219 29.25 -3.58 -2.64
C THR B 219 30.77 -3.79 -2.69
N VAL B 220 31.19 -5.00 -2.34
CA VAL B 220 32.59 -5.36 -2.53
C VAL B 220 32.67 -6.17 -3.82
N LYS B 221 33.57 -5.75 -4.72
CA LYS B 221 33.75 -6.40 -6.01
C LYS B 221 35.18 -6.17 -6.49
N ASP B 222 36.15 -6.47 -5.63
CA ASP B 222 37.54 -6.22 -5.94
C ASP B 222 38.11 -7.38 -6.77
N THR B 223 38.99 -7.03 -7.73
CA THR B 223 39.69 -8.01 -8.54
C THR B 223 41.08 -8.29 -7.97
N PHE B 224 41.41 -9.57 -7.80
CA PHE B 224 42.73 -9.96 -7.35
C PHE B 224 43.30 -11.03 -8.27
N ALA B 225 44.60 -10.92 -8.57
CA ALA B 225 45.33 -12.01 -9.19
C ALA B 225 45.46 -13.12 -8.15
N ILE B 226 45.45 -14.36 -8.63
CA ILE B 226 45.54 -15.51 -7.74
C ILE B 226 46.84 -15.44 -6.92
N ARG B 227 47.91 -14.87 -7.51
CA ARG B 227 49.18 -14.73 -6.80
C ARG B 227 49.03 -13.86 -5.55
N ASP B 228 48.01 -12.98 -5.53
CA ASP B 228 47.82 -12.00 -4.46
C ASP B 228 47.06 -12.62 -3.27
N LEU B 229 46.49 -13.83 -3.46
CA LEU B 229 45.49 -14.34 -2.53
C LEU B 229 46.10 -14.70 -1.18
N ARG B 230 47.43 -14.85 -1.11
CA ARG B 230 48.03 -15.20 0.17
C ARG B 230 48.61 -13.96 0.87
N LYS B 231 48.54 -12.79 0.22
CA LYS B 231 49.01 -11.53 0.81
C LYS B 231 48.11 -11.13 1.97
N GLU B 232 48.74 -10.65 3.06
CA GLU B 232 48.07 -10.35 4.32
C GLU B 232 46.97 -9.30 4.13
N GLU B 233 47.24 -8.29 3.29
CA GLU B 233 46.27 -7.23 3.06
C GLU B 233 45.09 -7.74 2.21
N VAL B 234 45.26 -8.90 1.58
CA VAL B 234 44.23 -9.45 0.71
C VAL B 234 43.38 -10.42 1.53
N LEU B 235 44.05 -11.36 2.23
CA LEU B 235 43.42 -12.31 3.13
C LEU B 235 42.48 -11.60 4.09
N LYS B 236 42.90 -10.42 4.56
CA LYS B 236 42.18 -9.70 5.60
C LYS B 236 40.78 -9.29 5.13
N GLN B 237 40.54 -9.28 3.81
CA GLN B 237 39.28 -8.77 3.28
C GLN B 237 38.20 -9.84 3.31
N PHE B 238 38.58 -11.11 3.44
CA PHE B 238 37.65 -12.21 3.21
C PHE B 238 36.91 -12.49 4.51
N THR B 239 35.58 -12.59 4.42
CA THR B 239 34.69 -12.75 5.57
C THR B 239 33.76 -13.93 5.31
N THR B 240 32.77 -14.11 6.20
CA THR B 240 31.85 -15.23 6.08
C THR B 240 30.84 -14.97 4.96
N THR B 241 30.65 -13.71 4.56
CA THR B 241 29.71 -13.44 3.47
C THR B 241 30.40 -13.39 2.11
N SER B 242 31.72 -13.65 2.06
CA SER B 242 32.50 -13.54 0.84
C SER B 242 32.16 -14.68 -0.14
N THR B 243 32.10 -14.34 -1.43
CA THR B 243 31.98 -15.29 -2.52
C THR B 243 33.02 -14.91 -3.56
N PHE B 244 33.59 -15.90 -4.25
CA PHE B 244 34.48 -15.60 -5.36
C PHE B 244 33.78 -15.86 -6.69
N TYR B 245 34.02 -14.96 -7.63
CA TYR B 245 33.78 -15.23 -9.04
C TYR B 245 35.11 -15.45 -9.76
N VAL B 246 35.25 -16.63 -10.38
CA VAL B 246 36.40 -16.89 -11.24
C VAL B 246 35.95 -16.86 -12.69
N PRO B 247 36.30 -15.80 -13.45
CA PRO B 247 35.92 -15.73 -14.86
C PRO B 247 36.67 -16.80 -15.63
N PRO B 248 36.17 -17.23 -16.81
CA PRO B 248 36.86 -18.22 -17.63
C PRO B 248 38.24 -17.66 -17.97
N ARG B 249 39.26 -18.53 -17.93
CA ARG B 249 40.57 -18.18 -18.43
C ARG B 249 40.69 -18.59 -19.90
N THR B 250 40.29 -19.83 -20.20
CA THR B 250 40.48 -20.36 -21.54
C THR B 250 39.15 -20.89 -22.07
N PRO B 251 38.24 -20.04 -22.58
CA PRO B 251 36.98 -20.51 -23.14
C PRO B 251 37.23 -21.36 -24.39
N ALA B 252 36.44 -22.44 -24.53
CA ALA B 252 36.57 -23.38 -25.64
C ALA B 252 36.14 -22.70 -26.94
N PRO B 253 36.78 -23.02 -28.09
CA PRO B 253 36.39 -22.42 -29.37
C PRO B 253 35.04 -22.94 -29.86
N ILE B 254 34.36 -22.12 -30.66
CA ILE B 254 33.17 -22.55 -31.38
C ILE B 254 33.62 -23.55 -32.44
N ASP B 255 33.04 -24.75 -32.43
CA ASP B 255 33.38 -25.77 -33.40
C ASP B 255 32.51 -25.55 -34.64
N PRO B 256 33.11 -25.12 -35.78
CA PRO B 256 32.35 -24.86 -37.00
C PRO B 256 31.58 -26.08 -37.50
N LYS B 257 32.08 -27.28 -37.16
CA LYS B 257 31.41 -28.52 -37.53
C LYS B 257 30.14 -28.71 -36.69
N ALA B 258 30.23 -28.36 -35.39
CA ALA B 258 29.09 -28.46 -34.49
C ALA B 258 28.04 -27.43 -34.91
N VAL B 259 28.49 -26.24 -35.32
CA VAL B 259 27.61 -25.19 -35.82
C VAL B 259 26.86 -25.73 -37.02
N GLN B 260 27.59 -26.38 -37.93
CA GLN B 260 27.04 -26.99 -39.13
C GLN B 260 25.94 -27.99 -38.75
N ALA B 261 26.27 -28.94 -37.87
CA ALA B 261 25.36 -30.01 -37.49
C ALA B 261 24.08 -29.44 -36.88
N LEU B 262 24.21 -28.30 -36.17
CA LEU B 262 23.06 -27.69 -35.53
C LEU B 262 22.19 -26.92 -36.52
N GLY B 263 22.66 -26.77 -37.76
CA GLY B 263 21.89 -26.05 -38.77
C GLY B 263 21.98 -24.54 -38.62
N LEU B 264 22.99 -24.08 -37.87
CA LEU B 264 23.23 -22.66 -37.69
C LEU B 264 24.07 -22.14 -38.85
N PRO B 265 23.96 -20.84 -39.22
CA PRO B 265 24.75 -20.28 -40.31
C PRO B 265 26.25 -20.25 -39.99
N ALA B 266 27.07 -20.24 -41.04
CA ALA B 266 28.52 -20.29 -40.91
C ALA B 266 29.05 -18.96 -40.37
N THR B 267 28.16 -17.98 -40.26
CA THR B 267 28.46 -16.69 -39.66
C THR B 267 28.63 -16.81 -38.13
N VAL B 268 28.10 -17.89 -37.55
CA VAL B 268 28.25 -18.13 -36.12
C VAL B 268 29.68 -18.57 -35.83
N THR B 269 30.53 -17.60 -35.45
CA THR B 269 31.93 -17.89 -35.22
C THR B 269 32.35 -17.54 -33.80
N LYS B 270 31.56 -16.67 -33.13
CA LYS B 270 31.84 -16.27 -31.76
C LYS B 270 30.66 -16.65 -30.87
N GLY B 271 30.93 -16.81 -29.56
CA GLY B 271 29.87 -17.00 -28.59
C GLY B 271 29.22 -15.66 -28.25
N ALA B 272 28.17 -15.71 -27.41
CA ALA B 272 27.53 -14.50 -26.91
C ALA B 272 28.52 -13.69 -26.07
N GLN B 273 28.35 -12.36 -26.08
CA GLN B 273 29.33 -11.45 -25.51
C GLN B 273 29.19 -11.35 -24.00
N ASP B 274 30.34 -11.39 -23.32
CA ASP B 274 30.47 -11.04 -21.91
C ASP B 274 31.03 -9.62 -21.82
N TRP B 275 30.49 -8.80 -20.91
CA TRP B 275 30.84 -7.38 -20.90
C TRP B 275 31.69 -6.99 -19.70
N THR B 276 32.16 -7.96 -18.91
CA THR B 276 32.82 -7.65 -17.65
C THR B 276 34.20 -7.02 -17.87
N GLY B 277 34.82 -7.32 -19.03
CA GLY B 277 36.19 -6.91 -19.29
C GLY B 277 37.19 -8.04 -19.07
N PHE B 278 36.72 -9.18 -18.54
CA PHE B 278 37.60 -10.32 -18.34
C PHE B 278 37.84 -11.07 -19.66
N GLN B 279 36.93 -10.92 -20.62
CA GLN B 279 37.09 -11.50 -21.95
C GLN B 279 37.38 -10.36 -22.90
N SER B 280 37.81 -10.66 -24.13
CA SER B 280 37.99 -9.62 -25.13
C SER B 280 36.61 -9.11 -25.55
N VAL B 281 36.45 -7.79 -25.62
CA VAL B 281 35.15 -7.22 -25.91
C VAL B 281 35.17 -6.61 -27.30
N SER B 282 34.36 -7.19 -28.20
CA SER B 282 34.08 -6.64 -29.52
C SER B 282 33.49 -5.25 -29.38
N PRO B 283 33.66 -4.37 -30.40
CA PRO B 283 33.01 -3.05 -30.39
C PRO B 283 31.50 -3.21 -30.22
N ALA B 284 30.93 -2.36 -29.36
CA ALA B 284 29.50 -2.39 -29.09
C ALA B 284 28.70 -2.13 -30.37
N TYR B 285 29.26 -1.29 -31.25
CA TYR B 285 28.56 -0.93 -32.49
C TYR B 285 29.41 -1.31 -33.71
N GLY B 286 29.58 -2.62 -33.91
CA GLY B 286 30.14 -3.10 -35.16
C GLY B 286 29.11 -3.10 -36.28
N PRO B 287 29.50 -3.56 -37.50
CA PRO B 287 28.60 -3.59 -38.65
C PRO B 287 27.25 -4.27 -38.42
N ASP B 288 27.26 -5.43 -37.75
CA ASP B 288 26.03 -6.15 -37.48
C ASP B 288 25.10 -5.33 -36.58
N GLU B 289 25.66 -4.71 -35.54
CA GLU B 289 24.87 -3.94 -34.59
C GLU B 289 24.35 -2.66 -35.27
N MET B 290 25.19 -2.04 -36.10
CA MET B 290 24.82 -0.81 -36.78
CA MET B 290 24.82 -0.81 -36.78
C MET B 290 23.66 -1.10 -37.73
N ARG B 291 23.68 -2.27 -38.37
CA ARG B 291 22.60 -2.66 -39.26
C ARG B 291 21.29 -2.81 -38.47
N ALA B 292 21.36 -3.46 -37.30
CA ALA B 292 20.15 -3.63 -36.51
C ALA B 292 19.59 -2.28 -36.07
N VAL B 293 20.48 -1.36 -35.66
CA VAL B 293 20.03 -0.05 -35.21
C VAL B 293 19.37 0.73 -36.37
N ALA B 294 20.02 0.74 -37.54
CA ALA B 294 19.48 1.44 -38.70
C ALA B 294 18.09 0.89 -39.09
N ALA B 295 17.84 -0.39 -38.82
CA ALA B 295 16.60 -1.05 -39.24
C ALA B 295 15.46 -0.83 -38.24
N LEU B 296 15.79 -0.31 -37.06
CA LEU B 296 14.90 -0.29 -35.91
C LEU B 296 13.60 0.50 -36.19
N ASP B 297 13.73 1.77 -36.58
CA ASP B 297 12.59 2.67 -36.69
C ASP B 297 11.55 2.18 -37.71
N SER B 298 12.00 1.53 -38.78
CA SER B 298 11.08 1.16 -39.84
C SER B 298 10.66 -0.31 -39.73
N PHE B 299 11.05 -0.99 -38.65
CA PHE B 299 10.71 -2.41 -38.49
C PHE B 299 9.20 -2.58 -38.37
N VAL B 300 8.65 -3.48 -39.20
CA VAL B 300 7.24 -3.82 -39.19
C VAL B 300 7.14 -5.34 -39.19
N PRO B 301 6.45 -5.94 -38.19
CA PRO B 301 6.38 -7.40 -38.10
C PRO B 301 5.56 -8.02 -39.22
N SER B 302 5.85 -9.29 -39.53
CA SER B 302 5.20 -10.00 -40.61
C SER B 302 3.72 -10.21 -40.33
N GLN B 303 3.35 -10.41 -39.05
CA GLN B 303 1.97 -10.57 -38.66
C GLN B 303 1.65 -9.62 -37.51
N GLU B 304 0.38 -9.20 -37.42
CA GLU B 304 -0.06 -8.27 -36.39
C GLU B 304 0.07 -8.95 -35.02
N LYS B 305 0.60 -8.20 -34.04
CA LYS B 305 0.82 -8.74 -32.71
C LYS B 305 -0.34 -8.39 -31.79
N ALA B 306 -0.69 -9.32 -30.90
CA ALA B 306 -1.71 -9.10 -29.90
C ALA B 306 -1.18 -8.16 -28.82
N VAL B 307 -2.09 -7.41 -28.19
CA VAL B 307 -1.73 -6.55 -27.06
C VAL B 307 -2.58 -7.00 -25.87
N VAL B 308 -2.15 -6.60 -24.66
CA VAL B 308 -2.90 -6.99 -23.48
C VAL B 308 -4.27 -6.32 -23.54
N HIS B 309 -5.33 -7.08 -23.22
CA HIS B 309 -6.70 -6.60 -23.32
C HIS B 309 -7.60 -7.44 -22.42
N ALA B 310 -8.02 -6.85 -21.30
CA ALA B 310 -8.73 -7.62 -20.29
C ALA B 310 -9.57 -6.66 -19.45
N SER B 311 -10.65 -7.17 -18.85
CA SER B 311 -11.50 -6.33 -18.03
C SER B 311 -10.80 -6.02 -16.71
N ARG B 312 -11.27 -4.97 -16.03
CA ARG B 312 -10.87 -4.69 -14.66
C ARG B 312 -11.11 -5.93 -13.80
N ALA B 313 -12.26 -6.59 -13.99
CA ALA B 313 -12.60 -7.76 -13.19
C ALA B 313 -11.56 -8.87 -13.36
N MET B 314 -11.08 -9.03 -14.60
CA MET B 314 -10.11 -10.08 -14.90
C MET B 314 -8.76 -9.73 -14.26
N GLN B 315 -8.33 -8.47 -14.38
CA GLN B 315 -7.06 -8.06 -13.82
C GLN B 315 -7.10 -8.13 -12.29
N SER B 316 -8.19 -7.63 -11.70
CA SER B 316 -8.36 -7.68 -10.26
C SER B 316 -8.28 -9.13 -9.75
N LEU B 317 -8.92 -10.06 -10.46
CA LEU B 317 -8.95 -11.44 -10.02
C LEU B 317 -7.56 -12.08 -10.14
N MET B 318 -6.87 -11.83 -11.26
CA MET B 318 -5.58 -12.45 -11.54
C MET B 318 -4.53 -11.97 -10.52
N VAL B 319 -4.63 -10.72 -10.08
CA VAL B 319 -3.76 -10.22 -9.03
C VAL B 319 -4.08 -10.90 -7.71
N ASP B 320 -5.37 -11.03 -7.40
CA ASP B 320 -5.80 -11.64 -6.16
C ASP B 320 -5.28 -13.09 -6.10
N LEU B 321 -5.41 -13.84 -7.21
CA LEU B 321 -5.04 -15.24 -7.23
C LEU B 321 -3.53 -15.40 -7.08
N ALA B 322 -2.77 -14.41 -7.59
CA ALA B 322 -1.32 -14.42 -7.45
C ALA B 322 -0.91 -14.24 -5.99
N LEU B 323 -1.69 -13.45 -5.22
CA LEU B 323 -1.23 -12.95 -3.94
C LEU B 323 -2.04 -13.51 -2.77
N ARG B 324 -3.12 -14.25 -3.05
CA ARG B 324 -4.01 -14.69 -1.98
C ARG B 324 -4.25 -16.20 -2.09
N PRO B 325 -3.41 -17.04 -1.44
CA PRO B 325 -3.54 -18.50 -1.52
C PRO B 325 -4.91 -19.06 -1.13
N ALA B 326 -5.56 -18.46 -0.13
CA ALA B 326 -6.88 -18.94 0.24
C ALA B 326 -7.85 -18.78 -0.94
N LEU B 327 -7.74 -17.65 -1.66
CA LEU B 327 -8.61 -17.38 -2.80
CA LEU B 327 -8.60 -17.38 -2.81
C LEU B 327 -8.28 -18.36 -3.94
N LEU B 328 -6.98 -18.63 -4.13
CA LEU B 328 -6.57 -19.54 -5.19
C LEU B 328 -7.12 -20.94 -4.92
N GLU B 329 -7.11 -21.34 -3.63
CA GLU B 329 -7.61 -22.64 -3.21
C GLU B 329 -9.11 -22.76 -3.52
N GLN B 330 -9.87 -21.70 -3.18
CA GLN B 330 -11.30 -21.63 -3.48
C GLN B 330 -11.54 -21.71 -4.98
N TYR B 331 -10.70 -21.02 -5.76
CA TYR B 331 -10.88 -20.99 -7.21
C TYR B 331 -10.67 -22.39 -7.76
N LYS B 332 -9.61 -23.06 -7.27
CA LYS B 332 -9.25 -24.38 -7.76
C LYS B 332 -10.33 -25.41 -7.43
N ALA B 333 -10.94 -25.27 -6.25
CA ALA B 333 -11.93 -26.20 -5.74
C ALA B 333 -13.15 -26.25 -6.67
N ASP B 334 -13.54 -25.09 -7.22
CA ASP B 334 -14.69 -24.99 -8.11
C ASP B 334 -14.54 -23.76 -8.99
N PRO B 335 -13.78 -23.85 -10.10
CA PRO B 335 -13.49 -22.69 -10.95
C PRO B 335 -14.69 -21.98 -11.58
N VAL B 336 -15.70 -22.76 -12.01
CA VAL B 336 -16.89 -22.21 -12.66
C VAL B 336 -17.69 -21.37 -11.67
N ALA B 337 -17.90 -21.91 -10.46
CA ALA B 337 -18.66 -21.22 -9.43
C ALA B 337 -17.93 -19.95 -9.02
N PHE B 338 -16.61 -20.06 -8.87
CA PHE B 338 -15.77 -18.95 -8.48
C PHE B 338 -15.88 -17.82 -9.51
N ALA B 339 -15.82 -18.17 -10.80
CA ALA B 339 -15.88 -17.18 -11.87
C ALA B 339 -17.21 -16.43 -11.84
N ASN B 340 -18.26 -17.13 -11.40
CA ASN B 340 -19.63 -16.59 -11.38
C ASN B 340 -19.82 -15.58 -10.26
N THR B 341 -18.84 -15.48 -9.36
CA THR B 341 -18.95 -14.51 -8.28
C THR B 341 -18.34 -13.16 -8.70
N ARG B 342 -17.70 -13.14 -9.87
CA ARG B 342 -17.11 -11.92 -10.40
C ARG B 342 -17.86 -11.53 -11.67
N ASN B 343 -18.98 -10.80 -11.52
CA ASN B 343 -19.89 -10.55 -12.63
C ASN B 343 -19.38 -9.43 -13.52
N GLY B 344 -18.27 -8.79 -13.12
CA GLY B 344 -17.65 -7.82 -14.00
C GLY B 344 -16.86 -8.48 -15.13
N LEU B 345 -16.65 -9.81 -15.01
CA LEU B 345 -15.91 -10.55 -16.03
C LEU B 345 -16.75 -10.62 -17.30
N THR B 346 -16.09 -10.59 -18.47
CA THR B 346 -16.79 -10.87 -19.72
C THR B 346 -17.23 -12.34 -19.75
N ALA B 347 -18.16 -12.67 -20.65
CA ALA B 347 -18.58 -14.05 -20.82
C ALA B 347 -17.40 -14.93 -21.18
N GLN B 348 -16.51 -14.40 -22.03
CA GLN B 348 -15.34 -15.13 -22.50
C GLN B 348 -14.39 -15.39 -21.34
N GLU B 349 -14.17 -14.36 -20.49
CA GLU B 349 -13.27 -14.49 -19.36
C GLU B 349 -13.81 -15.54 -18.41
N LYS B 350 -15.13 -15.54 -18.19
CA LYS B 350 -15.73 -16.48 -17.25
C LYS B 350 -15.51 -17.89 -17.79
N PHE B 351 -15.70 -18.05 -19.09
CA PHE B 351 -15.55 -19.35 -19.74
C PHE B 351 -14.10 -19.81 -19.65
N ALA B 352 -13.16 -18.90 -19.96
CA ALA B 352 -11.74 -19.21 -19.90
C ALA B 352 -11.34 -19.64 -18.48
N LEU B 353 -11.82 -18.91 -17.47
CA LEU B 353 -11.47 -19.16 -16.08
C LEU B 353 -12.04 -20.50 -15.62
N GLY B 354 -13.24 -20.83 -16.09
CA GLY B 354 -13.92 -22.05 -15.72
C GLY B 354 -13.12 -23.29 -16.09
N LEU B 355 -12.34 -23.17 -17.17
CA LEU B 355 -11.53 -24.27 -17.70
C LEU B 355 -10.36 -24.59 -16.78
N LYS B 356 -9.92 -23.58 -15.98
CA LYS B 356 -8.81 -23.73 -15.07
C LYS B 356 -7.58 -24.29 -15.81
N LYS B 357 -7.23 -23.66 -16.93
CA LYS B 357 -6.03 -23.99 -17.70
C LYS B 357 -5.34 -22.68 -18.07
N PRO B 358 -3.99 -22.64 -18.18
CA PRO B 358 -3.28 -21.41 -18.52
C PRO B 358 -3.52 -20.89 -19.93
N GLY B 359 -3.61 -21.82 -20.90
CA GLY B 359 -3.76 -21.47 -22.30
C GLY B 359 -4.96 -20.56 -22.55
N PRO B 360 -6.18 -20.93 -22.09
CA PRO B 360 -7.35 -20.06 -22.23
C PRO B 360 -7.17 -18.64 -21.68
N ILE B 361 -6.37 -18.49 -20.62
CA ILE B 361 -6.14 -17.17 -20.04
C ILE B 361 -5.42 -16.28 -21.05
N PHE B 362 -4.40 -16.83 -21.73
CA PHE B 362 -3.64 -16.06 -22.69
C PHE B 362 -4.53 -15.60 -23.84
N VAL B 363 -5.52 -16.43 -24.20
CA VAL B 363 -6.39 -16.13 -25.32
C VAL B 363 -7.27 -14.93 -24.99
N VAL B 364 -7.86 -14.90 -23.79
CA VAL B 364 -8.83 -13.86 -23.45
C VAL B 364 -8.14 -12.57 -23.00
N MET B 365 -6.90 -12.66 -22.51
CA MET B 365 -6.24 -11.49 -21.94
C MET B 365 -5.35 -10.76 -22.97
N ARG B 366 -5.26 -11.31 -24.19
CA ARG B 366 -4.52 -10.66 -25.26
C ARG B 366 -5.40 -10.63 -26.50
N GLN B 367 -5.36 -9.53 -27.27
CA GLN B 367 -6.14 -9.47 -28.49
C GLN B 367 -5.44 -8.58 -29.53
N LEU B 368 -5.65 -8.92 -30.82
CA LEU B 368 -5.17 -8.09 -31.91
C LEU B 368 -5.88 -6.74 -31.84
N PRO B 369 -5.15 -5.60 -32.00
CA PRO B 369 -5.77 -4.28 -32.01
C PRO B 369 -6.85 -4.10 -33.09
N SER B 370 -6.70 -4.81 -34.21
CA SER B 370 -7.71 -4.84 -35.26
C SER B 370 -9.00 -5.48 -34.73
N ALA B 371 -8.86 -6.63 -34.06
CA ALA B 371 -9.99 -7.34 -33.46
C ALA B 371 -10.62 -6.49 -32.35
N ILE B 372 -9.79 -5.73 -31.62
CA ILE B 372 -10.27 -4.86 -30.56
C ILE B 372 -11.13 -3.76 -31.17
N ALA B 373 -10.61 -3.11 -32.21
CA ALA B 373 -11.26 -1.99 -32.87
C ALA B 373 -12.64 -2.41 -33.38
N SER B 374 -12.73 -3.63 -33.94
CA SER B 374 -13.97 -4.12 -34.52
C SER B 374 -14.80 -4.88 -33.49
N GLY B 375 -14.38 -4.81 -32.21
CA GLY B 375 -15.12 -5.39 -31.10
C GLY B 375 -15.34 -6.89 -31.24
N GLN B 376 -14.47 -7.59 -31.97
CA GLN B 376 -14.56 -9.04 -32.07
C GLN B 376 -13.88 -9.69 -30.87
N GLU B 377 -14.61 -10.59 -30.20
CA GLU B 377 -14.09 -11.35 -29.07
C GLU B 377 -13.71 -12.74 -29.56
N PRO B 378 -12.72 -13.43 -28.93
CA PRO B 378 -12.39 -14.80 -29.30
C PRO B 378 -13.58 -15.74 -29.11
N SER B 379 -13.66 -16.76 -29.98
CA SER B 379 -14.75 -17.71 -29.94
C SER B 379 -14.52 -18.73 -28.83
N GLN B 380 -15.59 -19.38 -28.41
CA GLN B 380 -15.53 -20.41 -27.39
C GLN B 380 -14.51 -21.48 -27.78
N GLU B 381 -14.39 -21.74 -29.09
CA GLU B 381 -13.49 -22.77 -29.61
C GLU B 381 -12.04 -22.32 -29.52
N GLU B 382 -11.76 -21.08 -29.93
CA GLU B 382 -10.43 -20.49 -29.83
C GLU B 382 -9.94 -20.53 -28.39
N ILE B 383 -10.86 -20.33 -27.43
CA ILE B 383 -10.52 -20.31 -26.02
C ILE B 383 -10.23 -21.74 -25.55
N ALA B 384 -11.17 -22.66 -25.85
CA ALA B 384 -11.13 -24.03 -25.39
C ALA B 384 -9.88 -24.75 -25.89
N ARG B 385 -9.41 -24.40 -27.10
CA ARG B 385 -8.21 -25.04 -27.61
C ARG B 385 -6.96 -24.43 -26.97
N ALA B 386 -6.27 -25.26 -26.18
CA ALA B 386 -4.95 -24.98 -25.63
C ALA B 386 -3.99 -26.08 -26.08
N ASP B 387 -3.15 -25.76 -27.07
CA ASP B 387 -2.41 -26.74 -27.86
C ASP B 387 -1.35 -27.43 -27.00
N ALA B 395 6.65 -17.25 -27.30
CA ALA B 395 8.06 -17.48 -26.94
C ALA B 395 8.73 -16.14 -26.61
N ALA B 396 9.54 -16.12 -25.54
CA ALA B 396 10.37 -14.97 -25.25
C ALA B 396 11.79 -15.45 -24.91
N MLE B 397 12.58 -15.91 -25.91
CN MLE B 397 12.17 -15.93 -27.31
CA MLE B 397 13.98 -16.26 -25.58
CB MLE B 397 14.59 -17.38 -26.44
CG MLE B 397 13.86 -18.72 -26.38
CD1 MLE B 397 14.61 -19.77 -27.18
CD2 MLE B 397 13.67 -19.18 -24.93
C MLE B 397 14.83 -15.00 -25.67
O MLE B 397 14.67 -14.22 -26.62
N MLE B 398 15.70 -14.74 -24.70
CN MLE B 398 15.90 -15.62 -23.55
CA MLE B 398 16.46 -13.46 -24.73
CB MLE B 398 16.12 -12.68 -23.46
CG MLE B 398 14.76 -12.00 -23.58
CD1 MLE B 398 14.07 -11.94 -22.23
CD2 MLE B 398 14.92 -10.62 -24.21
C MLE B 398 17.96 -13.58 -24.87
O MLE B 398 18.69 -12.61 -24.62
N VAL B 399 18.46 -14.76 -25.27
CA VAL B 399 19.87 -14.96 -25.56
C VAL B 399 19.99 -15.93 -26.74
N ILE B 400 21.05 -15.75 -27.54
CA ILE B 400 21.43 -16.62 -28.64
C ILE B 400 22.94 -16.84 -28.56
N VAL B 401 23.41 -17.98 -29.06
CA VAL B 401 24.83 -18.26 -28.98
C VAL B 401 25.57 -17.40 -30.01
N GLY B 402 24.94 -17.16 -31.16
CA GLY B 402 25.55 -16.45 -32.28
C GLY B 402 25.75 -14.97 -31.99
N LYS C 8 11.33 30.63 4.42
CA LYS C 8 10.98 30.26 5.83
C LYS C 8 10.46 28.83 5.83
N PRO C 9 11.29 27.82 6.20
CA PRO C 9 10.98 26.40 5.96
C PRO C 9 9.78 25.68 6.58
N GLY C 10 9.33 26.10 7.77
CA GLY C 10 8.34 25.31 8.52
C GLY C 10 6.92 25.49 8.02
N SER C 11 6.04 24.53 8.35
CA SER C 11 4.64 24.59 7.92
C SER C 11 3.77 23.84 8.91
N LEU C 12 2.47 24.18 8.92
CA LEU C 12 1.52 23.49 9.79
C LEU C 12 0.35 22.98 8.95
N THR C 13 0.06 21.68 9.10
CA THR C 13 -1.15 21.10 8.55
C THR C 13 -1.92 20.47 9.71
N ILE C 14 -3.23 20.73 9.75
CA ILE C 14 -4.04 20.14 10.80
C ILE C 14 -5.07 19.25 10.12
N ALA C 15 -5.20 18.02 10.59
CA ALA C 15 -6.09 17.05 9.98
C ALA C 15 -6.89 16.35 11.07
N GLY C 16 -7.91 15.58 10.66
CA GLY C 16 -8.73 14.86 11.61
C GLY C 16 -8.46 13.35 11.54
N SER C 17 -8.93 12.61 12.54
CA SER C 17 -8.89 11.16 12.44
C SER C 17 -10.30 10.60 12.34
N GLY C 18 -11.31 11.48 12.43
CA GLY C 18 -12.69 11.01 12.42
C GLY C 18 -13.05 10.38 13.76
N ILE C 19 -14.20 9.71 13.84
CA ILE C 19 -14.73 9.28 15.12
C ILE C 19 -14.46 7.79 15.35
N ALA C 20 -14.80 6.94 14.35
CA ALA C 20 -14.56 5.51 14.43
C ALA C 20 -13.06 5.23 14.26
N SER C 21 -12.52 4.39 15.17
CA SER C 21 -11.13 3.99 15.17
C SER C 21 -10.67 3.57 13.78
N ILE C 22 -9.65 4.29 13.26
CA ILE C 22 -8.94 3.99 12.01
C ILE C 22 -9.81 4.21 10.77
N GLY C 23 -11.00 3.61 10.75
CA GLY C 23 -11.84 3.56 9.55
C GLY C 23 -12.20 4.92 8.95
N HIS C 24 -12.26 5.97 9.77
CA HIS C 24 -12.73 7.28 9.31
C HIS C 24 -11.59 8.17 8.80
N ILE C 25 -10.34 7.69 8.90
CA ILE C 25 -9.20 8.50 8.46
C ILE C 25 -9.29 8.65 6.95
N THR C 26 -9.07 9.86 6.41
CA THR C 26 -9.14 10.06 4.96
C THR C 26 -7.80 9.73 4.31
N LEU C 27 -7.82 9.40 3.02
CA LEU C 27 -6.62 8.97 2.30
C LEU C 27 -5.54 10.05 2.34
N GLU C 28 -5.94 11.31 2.13
CA GLU C 28 -4.97 12.40 2.15
C GLU C 28 -4.32 12.52 3.53
N THR C 29 -5.06 12.20 4.59
CA THR C 29 -4.53 12.31 5.95
C THR C 29 -3.51 11.19 6.22
N LEU C 30 -3.83 9.95 5.81
CA LEU C 30 -2.88 8.86 5.95
C LEU C 30 -1.57 9.21 5.22
N ALA C 31 -1.69 9.76 4.01
CA ALA C 31 -0.52 10.18 3.26
C ALA C 31 0.31 11.19 4.04
N LEU C 32 -0.35 12.14 4.72
CA LEU C 32 0.38 13.12 5.49
C LEU C 32 1.06 12.49 6.71
N ILE C 33 0.37 11.56 7.36
CA ILE C 33 0.93 10.88 8.52
C ILE C 33 2.31 10.31 8.15
N LYS C 34 2.37 9.73 6.94
CA LYS C 34 3.56 9.00 6.51
C LYS C 34 4.71 9.97 6.24
N GLU C 35 4.37 11.21 5.88
CA GLU C 35 5.36 12.10 5.28
C GLU C 35 5.79 13.21 6.25
N ALA C 36 4.96 13.50 7.26
CA ALA C 36 5.20 14.65 8.13
C ALA C 36 6.50 14.48 8.92
N ASP C 37 7.15 15.60 9.25
CA ASP C 37 8.33 15.55 10.11
C ASP C 37 7.92 15.19 11.54
N LYS C 38 6.82 15.79 12.01
CA LYS C 38 6.41 15.64 13.40
C LYS C 38 4.90 15.68 13.49
N ILE C 39 4.34 14.78 14.32
CA ILE C 39 2.91 14.67 14.50
C ILE C 39 2.54 14.99 15.94
N PHE C 40 1.64 15.97 16.12
CA PHE C 40 0.99 16.22 17.40
C PHE C 40 -0.43 15.73 17.26
N TYR C 41 -0.92 14.93 18.23
CA TYR C 41 -2.24 14.36 18.10
C TYR C 41 -3.02 14.42 19.42
N ALA C 42 -4.35 14.49 19.27
CA ALA C 42 -5.31 14.36 20.34
C ALA C 42 -6.42 13.46 19.84
N VAL C 43 -6.33 12.16 20.15
CA VAL C 43 -7.32 11.21 19.68
C VAL C 43 -7.96 10.50 20.87
N THR C 44 -8.99 9.69 20.61
CA THR C 44 -9.89 9.20 21.65
C THR C 44 -9.75 7.69 21.84
N ASP C 45 -8.88 7.02 21.08
CA ASP C 45 -8.76 5.58 21.28
C ASP C 45 -7.32 5.15 21.01
N PRO C 46 -6.84 4.09 21.72
CA PRO C 46 -5.45 3.65 21.58
C PRO C 46 -5.12 2.94 20.27
N ALA C 47 -6.12 2.36 19.58
CA ALA C 47 -5.80 1.70 18.32
C ALA C 47 -5.49 2.75 17.24
N THR C 48 -6.28 3.84 17.23
CA THR C 48 -5.98 4.97 16.35
C THR C 48 -4.63 5.58 16.72
N GLU C 49 -4.39 5.74 18.03
CA GLU C 49 -3.12 6.31 18.46
C GLU C 49 -1.95 5.47 17.95
N CYS C 50 -2.03 4.15 18.13
CA CYS C 50 -0.93 3.28 17.70
C CYS C 50 -0.77 3.36 16.18
N TYR C 51 -1.90 3.44 15.46
CA TYR C 51 -1.87 3.39 14.00
C TYR C 51 -1.18 4.64 13.45
N ILE C 52 -1.45 5.78 14.08
CA ILE C 52 -0.76 7.03 13.76
C ILE C 52 0.74 6.88 14.00
N GLN C 53 1.13 6.39 15.19
CA GLN C 53 2.54 6.24 15.52
C GLN C 53 3.21 5.27 14.53
N GLU C 54 2.52 4.16 14.22
CA GLU C 54 3.15 3.08 13.47
C GLU C 54 3.33 3.47 12.00
N ASN C 55 2.52 4.42 11.51
CA ASN C 55 2.62 4.86 10.13
C ASN C 55 3.47 6.11 9.97
N SER C 56 3.92 6.68 11.09
CA SER C 56 4.67 7.93 11.07
C SER C 56 6.16 7.66 10.89
N ARG C 57 6.91 8.74 10.73
CA ARG C 57 8.37 8.72 10.78
C ARG C 57 8.90 8.68 12.21
N GLY C 58 8.02 8.51 13.20
CA GLY C 58 8.45 8.20 14.57
C GLY C 58 8.71 9.41 15.49
N ASP C 59 8.36 10.61 15.02
CA ASP C 59 8.50 11.82 15.82
C ASP C 59 7.09 12.33 16.12
N HIS C 60 6.60 12.08 17.35
CA HIS C 60 5.20 12.36 17.64
C HIS C 60 5.02 12.78 19.10
N PHE C 61 3.86 13.38 19.39
CA PHE C 61 3.63 13.96 20.70
C PHE C 61 2.13 13.93 20.97
N ASP C 62 1.79 13.45 22.16
CA ASP C 62 0.40 13.32 22.60
C ASP C 62 -0.03 14.60 23.29
N LEU C 63 -0.90 15.36 22.61
CA LEU C 63 -1.38 16.66 23.07
C LEU C 63 -2.23 16.51 24.35
N THR C 64 -2.84 15.34 24.54
CA THR C 64 -3.71 15.14 25.70
C THR C 64 -2.91 15.17 27.00
N THR C 65 -1.57 15.15 26.90
CA THR C 65 -0.75 15.19 28.11
C THR C 65 -0.89 16.53 28.83
N PHE C 66 -1.51 17.52 28.18
CA PHE C 66 -1.61 18.84 28.80
C PHE C 66 -2.85 19.00 29.67
N TYR C 67 -3.75 18.00 29.65
CA TYR C 67 -4.95 18.01 30.47
C TYR C 67 -4.62 17.68 31.93
N ASP C 68 -5.41 18.22 32.85
CA ASP C 68 -5.38 17.79 34.25
C ASP C 68 -6.74 18.06 34.89
N THR C 69 -7.02 17.29 35.96
CA THR C 69 -8.30 17.21 36.64
C THR C 69 -8.88 18.60 36.92
N ASN C 70 -8.10 19.46 37.58
CA ASN C 70 -8.59 20.75 38.03
C ASN C 70 -7.92 21.88 37.26
N LYS C 71 -7.33 21.55 36.10
CA LYS C 71 -6.72 22.53 35.24
C LYS C 71 -7.75 23.02 34.23
N LYS C 72 -7.78 24.35 34.04
CA LYS C 72 -8.60 25.01 33.05
C LYS C 72 -8.22 24.44 31.68
N ARG C 73 -9.21 23.90 30.96
CA ARG C 73 -8.95 23.33 29.64
C ARG C 73 -8.34 24.40 28.73
N TYR C 74 -8.74 25.67 28.91
CA TYR C 74 -8.24 26.75 28.08
C TYR C 74 -6.71 26.80 28.14
N GLU C 75 -6.15 26.66 29.36
CA GLU C 75 -4.72 26.66 29.54
C GLU C 75 -4.08 25.50 28.77
N SER C 76 -4.70 24.33 28.82
CA SER C 76 -4.24 23.17 28.06
C SER C 76 -4.25 23.47 26.56
N TYR C 77 -5.33 24.10 26.06
CA TYR C 77 -5.46 24.39 24.64
C TYR C 77 -4.33 25.30 24.17
N VAL C 78 -4.04 26.34 24.97
CA VAL C 78 -2.99 27.29 24.60
C VAL C 78 -1.66 26.54 24.48
N GLN C 79 -1.46 25.58 25.40
CA GLN C 79 -0.24 24.78 25.43
C GLN C 79 -0.18 23.84 24.22
N MET C 80 -1.32 23.22 23.88
CA MET C 80 -1.40 22.36 22.71
C MET C 80 -1.02 23.13 21.44
N SER C 81 -1.62 24.31 21.25
CA SER C 81 -1.30 25.15 20.10
C SER C 81 0.20 25.46 20.11
N GLU C 82 0.73 25.74 21.31
CA GLU C 82 2.06 26.30 21.40
C GLU C 82 3.12 25.26 21.01
N VAL C 83 2.92 24.00 21.40
CA VAL C 83 3.95 23.01 21.12
C VAL C 83 4.06 22.82 19.61
N MET C 84 2.91 22.94 18.91
CA MET C 84 2.91 22.81 17.46
C MET C 84 3.66 23.98 16.83
N LEU C 85 3.42 25.21 17.34
CA LEU C 85 3.99 26.43 16.78
C LEU C 85 5.51 26.48 17.00
N ARG C 86 5.98 26.00 18.16
CA ARG C 86 7.40 25.96 18.42
C ARG C 86 8.15 25.16 17.35
N ASP C 87 7.54 24.05 16.90
CA ASP C 87 8.16 23.18 15.90
C ASP C 87 8.05 23.77 14.49
N VAL C 88 6.96 24.52 14.24
CA VAL C 88 6.84 25.26 12.99
C VAL C 88 7.94 26.32 12.92
N ARG C 89 8.07 27.10 13.99
CA ARG C 89 9.07 28.15 14.07
C ARG C 89 10.48 27.56 13.89
N ALA C 90 10.69 26.33 14.37
CA ALA C 90 11.99 25.66 14.29
C ALA C 90 12.22 25.09 12.89
N GLY C 91 11.21 25.19 12.01
CA GLY C 91 11.42 24.86 10.61
C GLY C 91 10.89 23.48 10.22
N ARG C 92 10.06 22.85 11.06
CA ARG C 92 9.58 21.51 10.77
C ARG C 92 8.26 21.57 9.99
N ASN C 93 8.02 20.52 9.21
CA ASN C 93 6.75 20.23 8.58
C ASN C 93 5.89 19.48 9.60
N VAL C 94 5.01 20.24 10.27
CA VAL C 94 4.29 19.78 11.43
C VAL C 94 2.88 19.37 11.00
N LEU C 95 2.43 18.22 11.52
CA LEU C 95 1.07 17.76 11.32
C LEU C 95 0.36 17.69 12.68
N GLY C 96 -0.79 18.35 12.78
CA GLY C 96 -1.62 18.19 13.97
C GLY C 96 -2.83 17.33 13.63
N ILE C 97 -3.15 16.34 14.48
CA ILE C 97 -4.30 15.47 14.24
C ILE C 97 -5.24 15.55 15.44
N PHE C 98 -6.51 15.88 15.18
CA PHE C 98 -7.52 15.89 16.23
C PHE C 98 -8.59 14.89 15.82
N TYR C 99 -9.19 14.21 16.81
CA TYR C 99 -10.24 13.27 16.46
C TYR C 99 -11.42 14.01 15.84
N GLY C 100 -12.19 13.27 15.03
CA GLY C 100 -13.32 13.85 14.32
C GLY C 100 -12.83 14.77 13.21
N HIS C 101 -13.51 15.91 13.05
CA HIS C 101 -13.07 17.00 12.20
C HIS C 101 -12.24 17.95 13.06
N PRO C 102 -11.00 18.32 12.67
CA PRO C 102 -10.10 19.02 13.57
C PRO C 102 -10.49 20.49 13.79
N GLY C 103 -11.55 20.94 13.11
CA GLY C 103 -11.97 22.33 13.26
C GLY C 103 -13.39 22.47 13.82
N VAL C 104 -13.99 21.35 14.25
CA VAL C 104 -15.35 21.29 14.76
C VAL C 104 -15.26 21.03 16.26
N PHE C 105 -15.55 22.07 17.05
CA PHE C 105 -15.45 22.04 18.50
C PHE C 105 -14.00 21.75 18.91
N VAL C 106 -13.06 22.45 18.26
CA VAL C 106 -11.65 22.35 18.60
C VAL C 106 -11.05 23.75 18.62
N ALA C 107 -10.55 24.17 19.79
CA ALA C 107 -9.95 25.49 19.98
C ALA C 107 -8.51 25.57 19.47
N PRO C 108 -7.59 24.64 19.82
CA PRO C 108 -6.17 24.82 19.51
C PRO C 108 -5.76 24.73 18.04
N SER C 109 -6.60 24.12 17.20
CA SER C 109 -6.32 24.00 15.77
C SER C 109 -6.47 25.36 15.08
N HIS C 110 -7.66 25.96 15.17
CA HIS C 110 -7.90 27.28 14.58
C HIS C 110 -6.92 28.30 15.14
N ARG C 111 -6.56 28.18 16.42
CA ARG C 111 -5.63 29.10 17.06
C ARG C 111 -4.23 28.99 16.45
N ALA C 112 -3.73 27.75 16.32
CA ALA C 112 -2.38 27.52 15.81
C ALA C 112 -2.26 27.99 14.36
N ILE C 113 -3.30 27.70 13.57
CA ILE C 113 -3.32 28.11 12.17
C ILE C 113 -3.25 29.63 12.06
N ALA C 114 -4.05 30.35 12.86
CA ALA C 114 -4.10 31.81 12.78
C ALA C 114 -2.74 32.40 13.14
N ILE C 115 -2.12 31.86 14.21
CA ILE C 115 -0.86 32.38 14.68
C ILE C 115 0.25 32.04 13.68
N ALA C 116 0.24 30.81 13.16
CA ALA C 116 1.23 30.43 12.16
C ALA C 116 1.20 31.42 11.01
N ARG C 117 0.00 31.71 10.50
CA ARG C 117 -0.19 32.57 9.35
C ARG C 117 0.26 34.01 9.64
N GLU C 118 -0.07 34.52 10.84
CA GLU C 118 0.36 35.84 11.26
C GLU C 118 1.89 35.92 11.21
N GLU C 119 2.57 34.81 11.56
CA GLU C 119 4.02 34.79 11.59
C GLU C 119 4.62 34.45 10.22
N GLY C 120 3.79 34.25 9.20
CA GLY C 120 4.28 34.08 7.84
C GLY C 120 4.56 32.62 7.46
N PHE C 121 4.01 31.66 8.21
CA PHE C 121 4.18 30.25 7.90
C PHE C 121 2.92 29.73 7.23
N GLN C 122 3.10 28.88 6.21
CA GLN C 122 2.01 28.16 5.59
C GLN C 122 1.31 27.31 6.66
N ALA C 123 -0.02 27.41 6.73
CA ALA C 123 -0.81 26.64 7.66
C ALA C 123 -2.15 26.35 7.01
N LYS C 124 -2.59 25.10 7.11
CA LYS C 124 -3.90 24.79 6.56
C LYS C 124 -4.58 23.68 7.36
N MET C 125 -5.91 23.61 7.20
CA MET C 125 -6.71 22.59 7.84
C MET C 125 -7.34 21.69 6.77
N LEU C 126 -7.35 20.39 7.05
CA LEU C 126 -8.10 19.43 6.25
C LEU C 126 -9.36 19.03 7.02
N PRO C 127 -10.46 18.74 6.32
CA PRO C 127 -11.65 18.23 6.98
C PRO C 127 -11.48 16.77 7.42
N GLY C 128 -12.26 16.38 8.44
CA GLY C 128 -12.38 15.00 8.87
C GLY C 128 -13.85 14.71 9.16
N ILE C 129 -14.16 13.44 9.44
CA ILE C 129 -15.52 12.99 9.74
C ILE C 129 -15.89 13.47 11.14
N SER C 130 -16.97 14.26 11.24
CA SER C 130 -17.35 14.81 12.54
C SER C 130 -18.36 13.88 13.22
N ALA C 131 -18.64 14.14 14.50
CA ALA C 131 -19.72 13.45 15.19
C ALA C 131 -21.06 13.66 14.49
N GLU C 132 -21.29 14.86 13.91
CA GLU C 132 -22.52 15.10 13.17
C GLU C 132 -22.60 14.24 11.92
N ASP C 133 -21.47 14.11 11.18
CA ASP C 133 -21.44 13.23 10.01
C ASP C 133 -21.83 11.81 10.39
N TYR C 134 -21.26 11.33 11.50
CA TYR C 134 -21.50 9.99 11.98
C TYR C 134 -22.99 9.87 12.33
N MET C 135 -23.51 10.92 12.97
CA MET C 135 -24.92 10.94 13.40
C MET C 135 -25.87 10.82 12.20
N PHE C 136 -25.61 11.58 11.13
CA PHE C 136 -26.53 11.54 9.99
C PHE C 136 -26.57 10.14 9.39
N ALA C 137 -25.42 9.44 9.39
CA ALA C 137 -25.31 8.10 8.84
C ALA C 137 -26.01 7.09 9.75
N ASP C 138 -25.79 7.20 11.08
CA ASP C 138 -26.31 6.24 12.05
C ASP C 138 -27.80 6.44 12.27
N LEU C 139 -28.24 7.70 12.43
CA LEU C 139 -29.64 7.97 12.72
C LEU C 139 -30.46 8.03 11.43
N GLY C 140 -29.78 8.26 10.30
CA GLY C 140 -30.42 8.14 8.99
C GLY C 140 -31.39 9.28 8.68
N PHE C 141 -31.07 10.51 9.09
CA PHE C 141 -31.86 11.64 8.63
C PHE C 141 -30.99 12.53 7.73
N ASP C 142 -31.65 13.21 6.79
CA ASP C 142 -31.00 14.15 5.89
C ASP C 142 -31.15 15.55 6.46
N PRO C 143 -30.05 16.21 6.91
CA PRO C 143 -30.16 17.51 7.58
C PRO C 143 -30.64 18.64 6.66
N SER C 144 -30.68 18.37 5.35
CA SER C 144 -31.11 19.37 4.39
C SER C 144 -32.63 19.47 4.31
N THR C 145 -33.35 18.48 4.85
CA THR C 145 -34.78 18.64 5.06
C THR C 145 -34.96 19.44 6.34
N TYR C 146 -35.60 20.60 6.23
CA TYR C 146 -35.88 21.48 7.36
C TYR C 146 -34.68 22.36 7.74
N GLY C 147 -33.45 21.87 7.53
CA GLY C 147 -32.29 22.62 7.98
C GLY C 147 -31.83 22.13 9.35
N CYS C 148 -30.60 22.48 9.73
CA CYS C 148 -29.99 21.84 10.89
C CYS C 148 -29.15 22.86 11.68
N MET C 149 -29.46 23.00 12.97
CA MET C 149 -28.75 23.87 13.88
C MET C 149 -27.80 23.06 14.76
N THR C 150 -26.53 23.50 14.81
CA THR C 150 -25.49 22.93 15.65
C THR C 150 -25.17 23.91 16.77
N GLN C 151 -25.15 23.42 18.03
CA GLN C 151 -24.77 24.28 19.13
C GLN C 151 -24.13 23.47 20.26
N GLU C 152 -23.25 24.15 20.99
CA GLU C 152 -22.68 23.63 22.22
C GLU C 152 -23.62 23.94 23.38
N ALA C 153 -23.81 22.97 24.29
CA ALA C 153 -24.80 23.08 25.36
C ALA C 153 -24.54 24.29 26.26
N THR C 154 -23.29 24.53 26.67
CA THR C 154 -22.96 25.65 27.55
C THR C 154 -23.09 26.99 26.82
N GLU C 155 -22.61 27.05 25.57
CA GLU C 155 -22.71 28.27 24.78
C GLU C 155 -24.18 28.68 24.65
N LEU C 156 -25.05 27.72 24.36
CA LEU C 156 -26.49 27.94 24.24
C LEU C 156 -27.02 28.62 25.51
N LEU C 157 -26.58 28.15 26.67
CA LEU C 157 -27.09 28.58 27.96
C LEU C 157 -26.51 29.95 28.36
N VAL C 158 -25.20 30.17 28.13
CA VAL C 158 -24.58 31.39 28.62
C VAL C 158 -25.07 32.60 27.83
N ARG C 159 -25.61 32.37 26.63
CA ARG C 159 -26.03 33.45 25.77
C ARG C 159 -27.55 33.59 25.76
N ASN C 160 -28.23 32.80 26.60
CA ASN C 160 -29.68 32.78 26.74
C ASN C 160 -30.36 32.61 25.38
N LYS C 161 -29.85 31.67 24.57
CA LYS C 161 -30.44 31.41 23.27
C LYS C 161 -31.66 30.51 23.45
N LYS C 162 -32.59 30.58 22.50
CA LYS C 162 -33.72 29.66 22.45
C LYS C 162 -33.45 28.64 21.35
N LEU C 163 -33.95 27.42 21.55
CA LEU C 163 -33.91 26.41 20.51
C LEU C 163 -35.12 26.60 19.59
N ASP C 164 -34.89 26.55 18.28
CA ASP C 164 -35.96 26.67 17.30
C ASP C 164 -36.57 25.29 17.03
N PRO C 165 -37.85 25.05 17.42
CA PRO C 165 -38.48 23.75 17.22
C PRO C 165 -38.94 23.37 15.81
N SER C 166 -38.67 24.23 14.82
CA SER C 166 -39.11 23.97 13.45
C SER C 166 -38.03 23.24 12.64
N ILE C 167 -36.82 23.08 13.20
CA ILE C 167 -35.67 22.57 12.46
C ILE C 167 -35.06 21.38 13.22
N HIS C 168 -34.10 20.69 12.59
CA HIS C 168 -33.27 19.74 13.30
C HIS C 168 -32.36 20.50 14.25
N ASN C 169 -32.26 20.04 15.51
CA ASN C 169 -31.29 20.59 16.45
C ASN C 169 -30.31 19.52 16.93
N ILE C 170 -29.02 19.88 16.92
CA ILE C 170 -28.00 18.98 17.44
C ILE C 170 -27.28 19.73 18.55
N ILE C 171 -27.21 19.09 19.72
CA ILE C 171 -26.61 19.73 20.87
C ILE C 171 -25.42 18.90 21.34
N TRP C 172 -24.25 19.55 21.34
CA TRP C 172 -22.99 18.89 21.63
C TRP C 172 -22.56 19.19 23.06
N GLN C 173 -21.69 18.33 23.61
CA GLN C 173 -21.06 18.56 24.90
C GLN C 173 -22.12 18.67 26.00
N VAL C 174 -23.17 17.86 25.87
CA VAL C 174 -24.29 17.90 26.80
C VAL C 174 -23.85 17.40 28.18
N GLY C 175 -22.76 16.62 28.21
CA GLY C 175 -22.26 16.01 29.43
C GLY C 175 -21.24 16.90 30.15
N SER C 176 -20.99 18.12 29.66
CA SER C 176 -20.02 19.00 30.30
C SER C 176 -20.60 20.39 30.56
N VAL C 177 -21.92 20.51 30.74
CA VAL C 177 -22.54 21.82 30.90
C VAL C 177 -21.91 22.58 32.07
N GLY C 178 -21.28 23.71 31.75
CA GLY C 178 -20.78 24.65 32.75
C GLY C 178 -19.43 24.25 33.34
N VAL C 179 -18.77 23.24 32.76
CA VAL C 179 -17.50 22.76 33.27
C VAL C 179 -16.36 23.37 32.46
N ASP C 180 -15.39 23.98 33.14
CA ASP C 180 -14.28 24.58 32.40
C ASP C 180 -12.99 23.83 32.68
N THR C 181 -13.07 22.75 33.47
CA THR C 181 -11.91 21.93 33.79
C THR C 181 -12.15 20.51 33.30
N MET C 182 -11.67 19.51 34.03
CA MET C 182 -11.79 18.13 33.57
C MET C 182 -12.53 17.28 34.60
N VAL C 183 -13.45 17.91 35.35
CA VAL C 183 -14.30 17.18 36.29
C VAL C 183 -15.74 17.27 35.80
N PHE C 184 -16.30 16.14 35.36
CA PHE C 184 -17.63 16.14 34.74
C PHE C 184 -18.59 15.34 35.62
N ASP C 185 -19.52 16.02 36.29
CA ASP C 185 -20.43 15.36 37.23
C ASP C 185 -21.89 15.56 36.82
N ASN C 186 -22.13 16.26 35.71
CA ASN C 186 -23.49 16.52 35.25
C ASN C 186 -24.26 17.37 36.25
N GLY C 187 -23.53 18.12 37.09
CA GLY C 187 -24.11 18.99 38.09
C GLY C 187 -24.99 20.09 37.49
N LYS C 188 -24.79 20.43 36.21
CA LYS C 188 -25.52 21.51 35.58
C LYS C 188 -26.38 21.02 34.41
N PHE C 189 -26.47 19.70 34.25
CA PHE C 189 -27.25 19.13 33.15
C PHE C 189 -28.70 19.61 33.21
N HIS C 190 -29.25 19.78 34.41
CA HIS C 190 -30.65 20.15 34.58
C HIS C 190 -30.93 21.51 33.91
N LEU C 191 -29.91 22.37 33.80
CA LEU C 191 -30.07 23.67 33.18
C LEU C 191 -30.37 23.53 31.68
N LEU C 192 -29.73 22.54 31.04
CA LEU C 192 -30.05 22.21 29.65
C LEU C 192 -31.47 21.65 29.56
N VAL C 193 -31.87 20.86 30.57
CA VAL C 193 -33.18 20.24 30.55
C VAL C 193 -34.26 21.32 30.62
N GLU C 194 -34.03 22.35 31.44
CA GLU C 194 -34.98 23.44 31.59
C GLU C 194 -35.20 24.13 30.24
N ARG C 195 -34.11 24.32 29.49
CA ARG C 195 -34.14 24.97 28.18
C ARG C 195 -34.97 24.13 27.21
N LEU C 196 -34.74 22.81 27.21
CA LEU C 196 -35.46 21.91 26.34
C LEU C 196 -36.96 21.95 26.68
N GLU C 197 -37.25 21.98 27.99
CA GLU C 197 -38.62 22.03 28.46
C GLU C 197 -39.33 23.27 27.92
N LYS C 198 -38.67 24.44 28.03
CA LYS C 198 -39.29 25.69 27.63
C LYS C 198 -39.58 25.72 26.13
N ASP C 199 -38.74 25.05 25.33
CA ASP C 199 -38.79 25.18 23.87
C ASP C 199 -39.63 24.07 23.24
N PHE C 200 -39.65 22.88 23.85
CA PHE C 200 -40.32 21.74 23.24
C PHE C 200 -41.44 21.16 24.11
N GLY C 201 -41.43 21.48 25.41
CA GLY C 201 -42.36 20.83 26.33
C GLY C 201 -41.84 19.48 26.81
N LEU C 202 -42.63 18.80 27.66
CA LEU C 202 -42.15 17.66 28.44
C LEU C 202 -42.28 16.34 27.68
N ASP C 203 -43.16 16.31 26.67
CA ASP C 203 -43.50 15.05 26.00
C ASP C 203 -42.61 14.81 24.78
N HIS C 204 -42.01 15.87 24.24
CA HIS C 204 -41.14 15.77 23.07
C HIS C 204 -39.95 14.86 23.36
N LYS C 205 -39.63 14.00 22.39
CA LYS C 205 -38.59 12.98 22.54
C LYS C 205 -37.31 13.45 21.85
N ILE C 206 -36.20 13.36 22.57
CA ILE C 206 -34.87 13.59 22.02
C ILE C 206 -34.18 12.23 21.88
N GLN C 207 -33.10 12.20 21.09
CA GLN C 207 -32.31 10.99 20.97
C GLN C 207 -30.90 11.24 21.47
N HIS C 208 -30.45 10.34 22.34
CA HIS C 208 -29.10 10.34 22.89
C HIS C 208 -28.20 9.53 21.95
N TYR C 209 -27.22 10.23 21.36
CA TYR C 209 -26.38 9.61 20.35
C TYR C 209 -24.94 9.50 20.83
N ILE C 210 -24.40 8.27 20.74
CA ILE C 210 -22.98 8.03 20.84
C ILE C 210 -22.61 7.09 19.71
N GLY C 211 -21.83 7.61 18.75
CA GLY C 211 -21.34 6.80 17.65
C GLY C 211 -20.23 5.87 18.13
N ALA C 212 -20.17 4.68 17.49
CA ALA C 212 -19.29 3.61 17.92
C ALA C 212 -17.85 3.96 17.59
N ILE C 213 -17.01 4.03 18.63
CA ILE C 213 -15.62 4.43 18.49
C ILE C 213 -14.76 3.21 18.14
N LEU C 214 -14.93 2.10 18.86
CA LEU C 214 -14.12 0.93 18.59
C LEU C 214 -14.98 -0.11 17.87
N PRO C 215 -14.37 -1.12 17.19
CA PRO C 215 -15.15 -2.22 16.65
C PRO C 215 -16.07 -2.89 17.68
N GLN C 216 -15.67 -2.86 18.96
CA GLN C 216 -16.42 -3.47 20.05
C GLN C 216 -17.56 -2.58 20.55
N SER C 217 -17.53 -1.28 20.21
CA SER C 217 -18.53 -0.33 20.63
C SER C 217 -19.85 -0.62 19.92
N VAL C 218 -20.98 -0.36 20.60
CA VAL C 218 -22.27 -0.44 19.95
C VAL C 218 -22.86 0.98 19.93
N THR C 219 -23.48 1.34 18.80
CA THR C 219 -24.11 2.65 18.65
C THR C 219 -25.15 2.85 19.76
N VAL C 220 -25.09 4.01 20.41
CA VAL C 220 -26.14 4.43 21.32
C VAL C 220 -27.04 5.40 20.56
N LYS C 221 -28.36 5.12 20.58
CA LYS C 221 -29.34 5.96 19.89
C LYS C 221 -30.67 5.90 20.63
N ASP C 222 -30.62 6.01 21.96
CA ASP C 222 -31.81 5.83 22.80
C ASP C 222 -32.66 7.10 22.75
N THR C 223 -33.99 6.88 22.77
CA THR C 223 -34.99 7.93 22.78
C THR C 223 -35.43 8.20 24.22
N PHE C 224 -35.53 9.49 24.58
CA PHE C 224 -36.06 9.88 25.89
C PHE C 224 -37.02 11.05 25.74
N ALA C 225 -38.18 10.96 26.40
CA ALA C 225 -39.02 12.14 26.59
C ALA C 225 -38.26 13.14 27.44
N ILE C 226 -38.47 14.44 27.18
CA ILE C 226 -37.78 15.47 27.93
C ILE C 226 -38.12 15.35 29.42
N ARG C 227 -39.34 14.89 29.70
CA ARG C 227 -39.85 14.66 31.04
C ARG C 227 -38.94 13.71 31.84
N ASP C 228 -38.18 12.85 31.14
CA ASP C 228 -37.45 11.76 31.77
C ASP C 228 -35.97 12.09 31.97
N LEU C 229 -35.53 13.25 31.44
CA LEU C 229 -34.12 13.62 31.46
C LEU C 229 -33.65 14.02 32.86
N ARG C 230 -34.60 14.26 33.78
CA ARG C 230 -34.26 14.66 35.14
C ARG C 230 -34.06 13.44 36.05
N LYS C 231 -34.50 12.26 35.60
CA LYS C 231 -34.30 11.03 36.36
C LYS C 231 -32.80 10.74 36.48
N GLU C 232 -32.37 10.36 37.69
CA GLU C 232 -30.96 10.10 37.98
C GLU C 232 -30.41 8.95 37.15
N GLU C 233 -31.25 7.95 36.86
CA GLU C 233 -30.84 6.78 36.10
C GLU C 233 -30.68 7.14 34.62
N VAL C 234 -31.33 8.24 34.21
CA VAL C 234 -31.24 8.69 32.82
C VAL C 234 -30.03 9.62 32.68
N LEU C 235 -29.98 10.64 33.54
CA LEU C 235 -28.94 11.64 33.57
C LEU C 235 -27.55 10.97 33.57
N LYS C 236 -27.46 9.82 34.24
CA LYS C 236 -26.19 9.13 34.47
C LYS C 236 -25.58 8.64 33.15
N GLN C 237 -26.42 8.48 32.12
CA GLN C 237 -26.00 7.90 30.86
C GLN C 237 -25.26 8.92 29.99
N PHE C 238 -25.26 10.20 30.41
CA PHE C 238 -24.75 11.27 29.55
C PHE C 238 -23.31 11.61 29.91
N THR C 239 -22.39 11.21 29.04
CA THR C 239 -20.96 11.37 29.28
C THR C 239 -20.43 12.52 28.42
N THR C 240 -19.12 12.76 28.47
CA THR C 240 -18.49 13.76 27.65
C THR C 240 -18.55 13.38 26.16
N THR C 241 -18.98 12.14 25.86
CA THR C 241 -19.02 11.68 24.47
C THR C 241 -20.40 11.94 23.86
N SER C 242 -21.39 12.23 24.72
CA SER C 242 -22.80 12.25 24.33
C SER C 242 -23.13 13.47 23.48
N THR C 243 -23.99 13.25 22.48
CA THR C 243 -24.61 14.31 21.69
C THR C 243 -26.12 14.08 21.71
N PHE C 244 -26.91 15.17 21.72
CA PHE C 244 -28.35 15.04 21.59
C PHE C 244 -28.78 15.40 20.17
N TYR C 245 -29.66 14.57 19.59
CA TYR C 245 -30.43 14.98 18.44
C TYR C 245 -31.85 15.31 18.91
N VAL C 246 -32.29 16.55 18.62
CA VAL C 246 -33.64 16.97 18.94
C VAL C 246 -34.39 17.17 17.61
N PRO C 247 -35.30 16.24 17.24
CA PRO C 247 -36.04 16.37 15.99
C PRO C 247 -36.98 17.58 16.03
N PRO C 248 -37.41 18.12 14.86
CA PRO C 248 -38.33 19.25 14.85
C PRO C 248 -39.67 18.84 15.49
N ARG C 249 -40.28 19.76 16.23
CA ARG C 249 -41.61 19.52 16.77
C ARG C 249 -42.66 20.06 15.80
N THR C 250 -42.41 21.26 15.27
CA THR C 250 -43.36 21.97 14.44
C THR C 250 -42.65 22.60 13.24
N PRO C 251 -42.41 21.83 12.15
CA PRO C 251 -41.83 22.39 10.92
C PRO C 251 -42.72 23.48 10.35
N ALA C 252 -42.10 24.55 9.84
CA ALA C 252 -42.82 25.68 9.27
C ALA C 252 -43.56 25.22 8.01
N PRO C 253 -44.83 25.64 7.80
CA PRO C 253 -45.57 25.22 6.60
C PRO C 253 -45.00 25.86 5.33
N ILE C 254 -45.04 25.11 4.23
CA ILE C 254 -44.75 25.62 2.90
C ILE C 254 -45.72 26.78 2.63
N ASP C 255 -45.18 27.96 2.29
CA ASP C 255 -45.98 29.15 2.05
C ASP C 255 -46.31 29.26 0.56
N PRO C 256 -47.61 29.19 0.17
CA PRO C 256 -47.99 29.15 -1.25
C PRO C 256 -47.62 30.42 -2.01
N LYS C 257 -47.56 31.55 -1.28
CA LYS C 257 -47.19 32.84 -1.85
C LYS C 257 -45.70 32.84 -2.24
N ALA C 258 -44.86 32.21 -1.40
CA ALA C 258 -43.43 32.12 -1.67
C ALA C 258 -43.19 31.13 -2.80
N VAL C 259 -44.00 30.06 -2.81
CA VAL C 259 -43.91 29.04 -3.84
C VAL C 259 -44.10 29.68 -5.22
N GLN C 260 -45.07 30.59 -5.32
CA GLN C 260 -45.41 31.16 -6.62
C GLN C 260 -44.45 32.29 -6.97
N ALA C 261 -44.02 33.05 -5.95
CA ALA C 261 -43.01 34.08 -6.12
C ALA C 261 -41.74 33.49 -6.73
N LEU C 262 -41.51 32.20 -6.48
CA LEU C 262 -40.35 31.48 -6.98
C LEU C 262 -40.65 30.82 -8.33
N GLY C 263 -41.94 30.80 -8.71
CA GLY C 263 -42.39 30.15 -9.92
C GLY C 263 -42.24 28.63 -9.86
N LEU C 264 -42.70 28.04 -8.75
CA LEU C 264 -42.70 26.60 -8.58
C LEU C 264 -44.12 26.07 -8.84
N PRO C 265 -44.29 24.76 -9.16
CA PRO C 265 -45.60 24.23 -9.57
C PRO C 265 -46.67 24.10 -8.49
N ALA C 266 -46.79 22.89 -7.91
CA ALA C 266 -47.95 22.44 -7.15
C ALA C 266 -48.23 23.38 -5.96
N THR C 267 -49.03 24.42 -6.24
CA THR C 267 -49.40 25.43 -5.25
C THR C 267 -50.93 25.50 -5.14
N PRO C 283 -45.88 4.37 2.15
CA PRO C 283 -46.00 3.71 0.84
C PRO C 283 -44.65 3.55 0.14
N ALA C 284 -44.04 2.37 0.28
CA ALA C 284 -42.73 2.08 -0.29
C ALA C 284 -42.79 2.14 -1.82
N TYR C 285 -43.71 1.38 -2.41
CA TYR C 285 -43.88 1.34 -3.85
C TYR C 285 -45.32 1.73 -4.19
N GLY C 286 -45.58 3.05 -4.21
CA GLY C 286 -46.84 3.57 -4.71
C GLY C 286 -46.91 3.44 -6.22
N PRO C 287 -47.95 4.00 -6.88
CA PRO C 287 -48.06 3.95 -8.35
C PRO C 287 -46.93 4.69 -9.07
N ASP C 288 -46.44 5.78 -8.48
CA ASP C 288 -45.36 6.57 -9.05
C ASP C 288 -44.08 5.73 -9.11
N GLU C 289 -43.77 5.06 -8.00
CA GLU C 289 -42.55 4.28 -7.85
C GLU C 289 -42.60 3.05 -8.76
N MET C 290 -43.79 2.44 -8.85
CA MET C 290 -43.98 1.28 -9.72
C MET C 290 -43.73 1.66 -11.17
N ARG C 291 -44.17 2.85 -11.58
CA ARG C 291 -43.98 3.36 -12.93
C ARG C 291 -42.48 3.47 -13.23
N ALA C 292 -41.73 4.04 -12.28
CA ALA C 292 -40.30 4.27 -12.44
C ALA C 292 -39.57 2.94 -12.59
N VAL C 293 -39.94 1.96 -11.73
CA VAL C 293 -39.35 0.63 -11.71
C VAL C 293 -39.68 -0.10 -13.02
N ALA C 294 -40.89 0.11 -13.53
CA ALA C 294 -41.34 -0.50 -14.77
C ALA C 294 -40.55 0.06 -15.96
N ALA C 295 -40.29 1.37 -15.92
CA ALA C 295 -39.60 2.06 -17.00
C ALA C 295 -38.10 1.80 -16.97
N LEU C 296 -37.63 1.09 -15.93
CA LEU C 296 -36.21 0.96 -15.64
C LEU C 296 -35.49 0.32 -16.82
N ASP C 297 -35.83 -0.94 -17.09
CA ASP C 297 -35.05 -1.80 -18.00
C ASP C 297 -35.04 -1.24 -19.41
N SER C 298 -36.21 -0.75 -19.87
CA SER C 298 -36.39 -0.38 -21.26
C SER C 298 -35.86 1.03 -21.56
N PHE C 299 -35.44 1.76 -20.52
CA PHE C 299 -35.01 3.14 -20.65
C PHE C 299 -33.77 3.24 -21.55
N VAL C 300 -33.76 4.27 -22.39
CA VAL C 300 -32.65 4.61 -23.28
C VAL C 300 -32.46 6.13 -23.26
N PRO C 301 -31.23 6.64 -22.99
CA PRO C 301 -31.00 8.09 -22.89
C PRO C 301 -31.28 8.87 -24.17
N SER C 302 -31.62 10.16 -24.00
CA SER C 302 -31.88 11.10 -25.08
C SER C 302 -30.64 11.23 -25.96
N GLN C 303 -29.52 11.57 -25.32
CA GLN C 303 -28.23 11.66 -25.99
C GLN C 303 -27.29 10.60 -25.41
N GLU C 304 -26.27 10.25 -26.19
CA GLU C 304 -25.18 9.42 -25.72
C GLU C 304 -24.36 10.22 -24.70
N LYS C 305 -24.04 9.58 -23.57
CA LYS C 305 -23.32 10.23 -22.50
C LYS C 305 -21.83 9.84 -22.58
N ALA C 306 -20.96 10.78 -22.18
CA ALA C 306 -19.52 10.56 -22.11
C ALA C 306 -19.23 9.58 -20.98
N VAL C 307 -18.16 8.79 -21.13
CA VAL C 307 -17.69 7.87 -20.11
C VAL C 307 -16.25 8.24 -19.77
N VAL C 308 -15.76 7.77 -18.62
CA VAL C 308 -14.37 8.04 -18.25
C VAL C 308 -13.44 7.39 -19.26
N HIS C 309 -12.41 8.15 -19.65
CA HIS C 309 -11.46 7.69 -20.65
C HIS C 309 -10.21 8.54 -20.56
N ALA C 310 -9.13 7.94 -20.04
CA ALA C 310 -7.87 8.65 -19.81
C ALA C 310 -6.71 7.67 -19.89
N SER C 311 -5.52 8.17 -20.23
CA SER C 311 -4.33 7.33 -20.27
C SER C 311 -4.02 6.86 -18.84
N ARG C 312 -3.24 5.79 -18.73
CA ARG C 312 -2.64 5.43 -17.46
C ARG C 312 -1.85 6.61 -16.88
N ALA C 313 -1.09 7.32 -17.72
CA ALA C 313 -0.29 8.45 -17.26
C ALA C 313 -1.17 9.51 -16.59
N MET C 314 -2.37 9.71 -17.14
CA MET C 314 -3.25 10.75 -16.63
C MET C 314 -3.79 10.31 -15.26
N GLN C 315 -4.25 9.06 -15.15
CA GLN C 315 -4.80 8.61 -13.89
C GLN C 315 -3.73 8.58 -12.80
N SER C 316 -2.52 8.12 -13.15
CA SER C 316 -1.41 8.04 -12.21
CA SER C 316 -1.41 8.04 -12.22
C SER C 316 -1.11 9.42 -11.65
N LEU C 317 -1.03 10.42 -12.54
CA LEU C 317 -0.69 11.78 -12.18
C LEU C 317 -1.79 12.35 -11.26
N MET C 318 -3.06 12.10 -11.59
CA MET C 318 -4.17 12.73 -10.85
C MET C 318 -4.24 12.14 -9.43
N VAL C 319 -3.98 10.84 -9.30
CA VAL C 319 -3.88 10.23 -7.98
C VAL C 319 -2.75 10.88 -7.19
N ASP C 320 -1.57 10.98 -7.82
CA ASP C 320 -0.39 11.54 -7.21
C ASP C 320 -0.66 12.96 -6.70
N LEU C 321 -1.29 13.79 -7.56
CA LEU C 321 -1.57 15.17 -7.21
C LEU C 321 -2.54 15.27 -6.04
N ALA C 322 -3.48 14.31 -5.93
CA ALA C 322 -4.43 14.29 -4.83
C ALA C 322 -3.77 13.90 -3.51
N LEU C 323 -2.69 13.09 -3.58
CA LEU C 323 -2.18 12.45 -2.38
C LEU C 323 -0.74 12.88 -2.04
N ARG C 324 -0.11 13.70 -2.88
CA ARG C 324 1.31 14.05 -2.69
C ARG C 324 1.51 15.56 -2.80
N PRO C 325 1.38 16.31 -1.69
CA PRO C 325 1.49 17.78 -1.68
C PRO C 325 2.72 18.38 -2.37
N ALA C 326 3.87 17.71 -2.24
CA ALA C 326 5.09 18.20 -2.87
C ALA C 326 5.00 18.12 -4.39
N LEU C 327 4.40 17.04 -4.90
CA LEU C 327 4.21 16.92 -6.35
C LEU C 327 3.21 17.97 -6.85
N LEU C 328 2.13 18.20 -6.08
CA LEU C 328 1.15 19.23 -6.43
C LEU C 328 1.83 20.59 -6.52
N GLU C 329 2.71 20.91 -5.55
CA GLU C 329 3.43 22.17 -5.56
C GLU C 329 4.34 22.27 -6.78
N GLN C 330 5.05 21.18 -7.14
CA GLN C 330 5.90 21.18 -8.31
C GLN C 330 5.05 21.43 -9.56
N TYR C 331 3.92 20.74 -9.66
CA TYR C 331 3.03 20.88 -10.78
C TYR C 331 2.55 22.32 -10.91
N LYS C 332 2.11 22.91 -9.79
CA LYS C 332 1.54 24.24 -9.79
C LYS C 332 2.60 25.27 -10.16
N ALA C 333 3.87 24.99 -9.82
CA ALA C 333 4.98 25.90 -10.07
C ALA C 333 5.29 26.02 -11.55
N ASP C 334 5.04 24.95 -12.32
CA ASP C 334 5.27 25.02 -13.77
C ASP C 334 4.50 23.88 -14.44
N PRO C 335 3.18 24.06 -14.64
CA PRO C 335 2.33 22.99 -15.16
C PRO C 335 2.75 22.40 -16.51
N VAL C 336 3.19 23.26 -17.43
CA VAL C 336 3.59 22.83 -18.76
C VAL C 336 4.84 21.94 -18.66
N ALA C 337 5.84 22.40 -17.91
CA ALA C 337 7.08 21.67 -17.75
C ALA C 337 6.83 20.34 -17.04
N PHE C 338 5.96 20.37 -16.03
CA PHE C 338 5.60 19.18 -15.29
C PHE C 338 4.94 18.15 -16.22
N ALA C 339 3.92 18.58 -16.97
CA ALA C 339 3.24 17.70 -17.91
C ALA C 339 4.24 17.05 -18.89
N ASN C 340 5.29 17.81 -19.28
CA ASN C 340 6.26 17.35 -20.25
C ASN C 340 7.14 16.21 -19.73
N THR C 341 7.18 16.02 -18.42
CA THR C 341 8.01 14.98 -17.82
C THR C 341 7.24 13.67 -17.69
N ARG C 342 5.95 13.68 -18.08
CA ARG C 342 5.15 12.45 -18.09
C ARG C 342 4.78 12.14 -19.53
N ASN C 343 5.70 11.53 -20.29
CA ASN C 343 5.53 11.41 -21.73
C ASN C 343 4.52 10.30 -22.06
N GLY C 344 3.99 9.65 -21.03
CA GLY C 344 2.91 8.70 -21.23
C GLY C 344 1.57 9.39 -21.47
N LEU C 345 1.47 10.68 -21.16
CA LEU C 345 0.25 11.45 -21.38
C LEU C 345 -0.01 11.60 -22.88
N THR C 346 -1.27 11.63 -23.31
CA THR C 346 -1.57 12.01 -24.68
C THR C 346 -1.23 13.49 -24.86
N ALA C 347 -1.10 13.93 -26.11
CA ALA C 347 -0.84 15.33 -26.41
C ALA C 347 -1.95 16.22 -25.82
N GLN C 348 -3.19 15.72 -25.88
CA GLN C 348 -4.35 16.46 -25.40
C GLN C 348 -4.32 16.60 -23.87
N GLU C 349 -3.91 15.54 -23.17
CA GLU C 349 -3.80 15.55 -21.71
C GLU C 349 -2.69 16.52 -21.28
N LYS C 350 -1.55 16.50 -22.00
CA LYS C 350 -0.47 17.42 -21.67
C LYS C 350 -0.97 18.85 -21.81
N PHE C 351 -1.70 19.12 -22.90
CA PHE C 351 -2.27 20.44 -23.12
C PHE C 351 -3.22 20.80 -21.98
N ALA C 352 -4.19 19.93 -21.68
CA ALA C 352 -5.14 20.20 -20.62
C ALA C 352 -4.43 20.52 -19.30
N LEU C 353 -3.40 19.73 -18.95
CA LEU C 353 -2.73 19.90 -17.66
C LEU C 353 -1.93 21.20 -17.62
N GLY C 354 -1.40 21.61 -18.78
CA GLY C 354 -0.60 22.83 -18.86
C GLY C 354 -1.39 24.09 -18.51
N LEU C 355 -2.71 24.04 -18.74
CA LEU C 355 -3.65 25.13 -18.49
C LEU C 355 -3.85 25.32 -16.99
N LYS C 356 -3.62 24.27 -16.19
CA LYS C 356 -3.78 24.29 -14.74
C LYS C 356 -5.16 24.85 -14.38
N LYS C 357 -6.19 24.23 -14.97
CA LYS C 357 -7.57 24.61 -14.71
C LYS C 357 -8.42 23.34 -14.70
N PRO C 358 -9.49 23.31 -13.87
CA PRO C 358 -10.33 22.12 -13.74
C PRO C 358 -11.16 21.75 -14.96
N GLY C 359 -11.74 22.77 -15.63
CA GLY C 359 -12.61 22.49 -16.77
C GLY C 359 -11.94 21.59 -17.80
N PRO C 360 -10.70 21.92 -18.26
CA PRO C 360 -9.96 21.07 -19.20
C PRO C 360 -9.81 19.61 -18.82
N ILE C 361 -9.67 19.35 -17.50
CA ILE C 361 -9.49 17.99 -16.99
C ILE C 361 -10.76 17.18 -17.27
N PHE C 362 -11.92 17.79 -16.98
CA PHE C 362 -13.21 17.16 -17.24
C PHE C 362 -13.35 16.78 -18.72
N VAL C 363 -12.89 17.65 -19.63
CA VAL C 363 -13.07 17.30 -21.03
C VAL C 363 -12.10 16.22 -21.51
N VAL C 364 -10.83 16.20 -21.05
CA VAL C 364 -9.92 15.16 -21.53
C VAL C 364 -10.20 13.80 -20.90
N MET C 365 -10.81 13.75 -19.70
CA MET C 365 -10.90 12.48 -19.01
C MET C 365 -12.27 11.82 -19.22
N ARG C 366 -13.13 12.47 -20.00
CA ARG C 366 -14.44 11.90 -20.34
C ARG C 366 -14.60 12.01 -21.85
N GLN C 367 -15.16 10.97 -22.48
CA GLN C 367 -15.33 10.97 -23.93
C GLN C 367 -16.53 10.11 -24.30
N LEU C 368 -17.15 10.44 -25.44
CA LEU C 368 -18.28 9.68 -25.97
C LEU C 368 -17.78 8.33 -26.48
N PRO C 369 -18.47 7.21 -26.16
CA PRO C 369 -18.10 5.90 -26.72
C PRO C 369 -17.94 5.87 -28.24
N SER C 370 -18.59 6.81 -28.94
CA SER C 370 -18.48 6.99 -30.38
C SER C 370 -17.05 7.39 -30.74
N ALA C 371 -16.60 8.50 -30.15
CA ALA C 371 -15.30 9.09 -30.43
C ALA C 371 -14.18 8.14 -30.01
N ILE C 372 -14.40 7.40 -28.91
CA ILE C 372 -13.45 6.43 -28.40
C ILE C 372 -13.25 5.35 -29.47
N ALA C 373 -14.37 4.80 -29.96
CA ALA C 373 -14.36 3.69 -30.91
C ALA C 373 -13.76 4.10 -32.24
N SER C 374 -13.94 5.38 -32.63
CA SER C 374 -13.33 5.89 -33.84
C SER C 374 -11.90 6.36 -33.56
N GLY C 375 -11.52 6.41 -32.28
CA GLY C 375 -10.18 6.84 -31.89
C GLY C 375 -9.99 8.34 -32.08
N GLN C 376 -11.07 9.10 -31.88
CA GLN C 376 -11.06 10.55 -32.01
C GLN C 376 -10.92 11.16 -30.61
N GLU C 377 -9.85 11.92 -30.42
CA GLU C 377 -9.50 12.56 -29.17
C GLU C 377 -10.22 13.90 -29.11
N PRO C 378 -10.38 14.56 -27.94
CA PRO C 378 -10.96 15.90 -27.89
C PRO C 378 -10.00 16.90 -28.55
N SER C 379 -10.57 17.91 -29.20
CA SER C 379 -9.76 18.96 -29.81
C SER C 379 -9.12 19.82 -28.73
N GLN C 380 -7.96 20.40 -29.06
CA GLN C 380 -7.27 21.35 -28.23
C GLN C 380 -8.19 22.51 -27.87
N GLU C 381 -8.96 22.97 -28.87
CA GLU C 381 -9.78 24.16 -28.70
C GLU C 381 -10.88 23.90 -27.66
N GLU C 382 -11.51 22.72 -27.73
CA GLU C 382 -12.61 22.35 -26.84
C GLU C 382 -12.10 22.26 -25.40
N ILE C 383 -10.85 21.81 -25.26
CA ILE C 383 -10.20 21.70 -23.96
C ILE C 383 -9.98 23.09 -23.38
N ALA C 384 -9.40 24.00 -24.16
CA ALA C 384 -9.07 25.33 -23.71
C ALA C 384 -10.33 26.11 -23.37
N ARG C 385 -11.43 25.76 -24.03
CA ARG C 385 -12.71 26.44 -23.92
C ARG C 385 -13.45 26.00 -22.67
N ALA C 386 -13.01 24.89 -22.07
CA ALA C 386 -13.75 24.17 -21.05
C ALA C 386 -14.20 25.13 -19.95
N ASP C 387 -15.50 25.02 -19.62
CA ASP C 387 -16.14 25.79 -18.57
C ASP C 387 -15.68 25.24 -17.22
N ASP C 388 -15.20 26.12 -16.34
CA ASP C 388 -14.62 25.74 -15.05
C ASP C 388 -15.71 25.34 -14.05
N ALA C 389 -16.98 25.39 -14.48
CA ALA C 389 -18.12 24.99 -13.66
C ALA C 389 -18.71 23.69 -14.19
N THR C 390 -19.05 22.77 -13.27
CA THR C 390 -19.70 21.51 -13.63
C THR C 390 -20.71 21.11 -12.55
N ALA C 391 -20.54 19.90 -11.98
CA ALA C 391 -21.41 19.30 -10.99
C ALA C 391 -22.88 19.36 -11.45
N PRO D 9 -27.18 -14.16 1.74
CA PRO D 9 -28.36 -13.28 1.98
C PRO D 9 -28.25 -11.99 1.17
N GLY D 10 -27.12 -11.27 1.29
CA GLY D 10 -26.92 -10.01 0.59
C GLY D 10 -26.97 -8.80 1.53
N SER D 11 -26.26 -7.72 1.17
CA SER D 11 -26.19 -6.55 2.04
C SER D 11 -26.05 -5.25 1.23
N LEU D 12 -26.35 -4.12 1.90
CA LEU D 12 -26.23 -2.80 1.32
C LEU D 12 -25.40 -1.92 2.24
N THR D 13 -24.28 -1.39 1.71
CA THR D 13 -23.52 -0.35 2.38
C THR D 13 -23.53 0.89 1.49
N ILE D 14 -23.88 2.05 2.06
CA ILE D 14 -23.80 3.31 1.30
C ILE D 14 -22.72 4.17 1.94
N ALA D 15 -21.76 4.59 1.11
CA ALA D 15 -20.63 5.36 1.55
C ALA D 15 -20.55 6.63 0.72
N GLY D 16 -19.65 7.54 1.11
CA GLY D 16 -19.40 8.72 0.32
C GLY D 16 -17.99 8.72 -0.28
N SER D 17 -17.75 9.63 -1.22
CA SER D 17 -16.42 9.84 -1.73
C SER D 17 -15.83 11.14 -1.20
N GLY D 18 -16.63 11.92 -0.44
CA GLY D 18 -16.15 13.22 0.01
C GLY D 18 -16.20 14.23 -1.14
N ILE D 19 -15.55 15.38 -0.99
CA ILE D 19 -15.73 16.45 -1.97
C ILE D 19 -14.51 16.55 -2.90
N ALA D 20 -13.31 16.57 -2.31
CA ALA D 20 -12.08 16.68 -3.07
C ALA D 20 -11.79 15.32 -3.72
N SER D 21 -11.31 15.36 -4.96
CA SER D 21 -10.97 14.17 -5.74
C SER D 21 -10.03 13.26 -4.94
N ILE D 22 -10.50 12.04 -4.67
CA ILE D 22 -9.70 10.94 -4.15
C ILE D 22 -9.33 11.14 -2.68
N GLY D 23 -8.75 12.29 -2.35
CA GLY D 23 -8.14 12.51 -1.05
C GLY D 23 -9.11 12.44 0.13
N HIS D 24 -10.41 12.67 -0.11
CA HIS D 24 -11.38 12.68 0.97
C HIS D 24 -11.95 11.30 1.29
N ILE D 25 -11.66 10.28 0.47
CA ILE D 25 -12.21 8.94 0.71
C ILE D 25 -11.67 8.42 2.04
N THR D 26 -12.54 7.76 2.82
CA THR D 26 -12.10 7.22 4.11
C THR D 26 -11.50 5.82 3.94
N LEU D 27 -10.65 5.41 4.90
CA LEU D 27 -9.99 4.11 4.81
C LEU D 27 -11.02 2.98 4.75
N GLU D 28 -12.07 3.06 5.57
CA GLU D 28 -13.07 1.99 5.56
C GLU D 28 -13.79 1.95 4.21
N THR D 29 -13.88 3.10 3.54
CA THR D 29 -14.56 3.14 2.25
C THR D 29 -13.70 2.52 1.15
N LEU D 30 -12.39 2.84 1.16
CA LEU D 30 -11.47 2.21 0.21
C LEU D 30 -11.47 0.69 0.42
N ALA D 31 -11.49 0.26 1.69
CA ALA D 31 -11.51 -1.18 1.98
C ALA D 31 -12.75 -1.81 1.36
N LEU D 32 -13.92 -1.14 1.46
CA LEU D 32 -15.14 -1.68 0.89
C LEU D 32 -15.13 -1.66 -0.64
N ILE D 33 -14.48 -0.65 -1.23
CA ILE D 33 -14.40 -0.56 -2.69
C ILE D 33 -13.70 -1.82 -3.22
N LYS D 34 -12.66 -2.26 -2.50
CA LYS D 34 -11.87 -3.41 -2.91
C LYS D 34 -12.66 -4.70 -2.73
N GLU D 35 -13.57 -4.76 -1.74
CA GLU D 35 -14.15 -6.02 -1.30
C GLU D 35 -15.56 -6.25 -1.86
N ALA D 36 -16.28 -5.17 -2.21
CA ALA D 36 -17.67 -5.28 -2.61
C ALA D 36 -17.82 -6.15 -3.85
N ASP D 37 -18.95 -6.87 -3.93
CA ASP D 37 -19.32 -7.58 -5.14
C ASP D 37 -19.61 -6.57 -6.24
N LYS D 38 -20.36 -5.51 -5.90
CA LYS D 38 -20.80 -4.56 -6.91
C LYS D 38 -20.86 -3.16 -6.32
N ILE D 39 -20.42 -2.17 -7.13
CA ILE D 39 -20.41 -0.77 -6.73
C ILE D 39 -21.31 0.02 -7.66
N PHE D 40 -22.28 0.74 -7.06
CA PHE D 40 -23.07 1.75 -7.72
C PHE D 40 -22.57 3.10 -7.22
N TYR D 41 -22.29 4.02 -8.15
CA TYR D 41 -21.69 5.27 -7.73
C TYR D 41 -22.32 6.46 -8.45
N ALA D 42 -22.29 7.60 -7.76
CA ALA D 42 -22.64 8.89 -8.33
C ALA D 42 -21.65 9.91 -7.78
N VAL D 43 -20.59 10.17 -8.56
CA VAL D 43 -19.53 11.08 -8.12
C VAL D 43 -19.39 12.17 -9.17
N THR D 44 -18.63 13.21 -8.82
CA THR D 44 -18.68 14.40 -9.67
C THR D 44 -17.45 14.54 -10.55
N ASP D 45 -16.36 13.81 -10.25
CA ASP D 45 -15.13 14.02 -11.03
C ASP D 45 -14.58 12.71 -11.60
N PRO D 46 -14.01 12.74 -12.82
CA PRO D 46 -13.51 11.53 -13.48
C PRO D 46 -12.34 10.84 -12.77
N ALA D 47 -11.52 11.60 -12.03
CA ALA D 47 -10.37 10.96 -11.38
C ALA D 47 -10.86 10.08 -10.23
N THR D 48 -11.85 10.57 -9.47
CA THR D 48 -12.47 9.78 -8.41
C THR D 48 -13.17 8.57 -9.03
N GLU D 49 -13.89 8.80 -10.13
CA GLU D 49 -14.62 7.73 -10.78
C GLU D 49 -13.65 6.63 -11.24
N CYS D 50 -12.53 7.04 -11.84
CA CYS D 50 -11.53 6.08 -12.32
C CYS D 50 -10.90 5.35 -11.13
N TYR D 51 -10.62 6.09 -10.05
CA TYR D 51 -10.01 5.55 -8.84
C TYR D 51 -10.91 4.45 -8.26
N ILE D 52 -12.22 4.68 -8.25
CA ILE D 52 -13.17 3.72 -7.72
C ILE D 52 -13.14 2.46 -8.59
N GLN D 53 -13.19 2.65 -9.91
CA GLN D 53 -13.23 1.54 -10.84
C GLN D 53 -11.97 0.68 -10.71
N GLU D 54 -10.81 1.34 -10.64
CA GLU D 54 -9.53 0.63 -10.71
C GLU D 54 -9.25 -0.15 -9.42
N ASN D 55 -9.82 0.30 -8.31
CA ASN D 55 -9.62 -0.35 -7.02
C ASN D 55 -10.69 -1.40 -6.76
N SER D 56 -11.67 -1.53 -7.66
CA SER D 56 -12.80 -2.42 -7.43
C SER D 56 -12.51 -3.79 -8.02
N ARG D 57 -13.44 -4.72 -7.82
CA ARG D 57 -13.43 -6.04 -8.42
C ARG D 57 -13.98 -6.00 -9.85
N GLY D 58 -14.26 -4.79 -10.35
CA GLY D 58 -14.55 -4.60 -11.77
C GLY D 58 -16.03 -4.73 -12.12
N ASP D 59 -16.89 -4.77 -11.10
CA ASP D 59 -18.33 -4.85 -11.32
C ASP D 59 -18.98 -3.56 -10.79
N HIS D 60 -19.20 -2.59 -11.69
CA HIS D 60 -19.61 -1.27 -11.25
C HIS D 60 -20.63 -0.64 -12.20
N PHE D 61 -21.34 0.37 -11.70
CA PHE D 61 -22.41 1.00 -12.47
C PHE D 61 -22.50 2.47 -12.09
N ASP D 62 -22.51 3.33 -13.11
CA ASP D 62 -22.64 4.78 -12.89
C ASP D 62 -24.12 5.13 -12.78
N LEU D 63 -24.55 5.45 -11.55
CA LEU D 63 -25.94 5.77 -11.27
C LEU D 63 -26.43 6.99 -12.05
N THR D 64 -25.50 7.88 -12.44
CA THR D 64 -25.91 9.11 -13.10
C THR D 64 -26.43 8.83 -14.51
N THR D 65 -26.27 7.58 -14.98
CA THR D 65 -26.79 7.25 -16.31
C THR D 65 -28.31 7.36 -16.34
N PHE D 66 -28.94 7.37 -15.15
CA PHE D 66 -30.38 7.47 -15.05
C PHE D 66 -30.84 8.92 -15.17
N TYR D 67 -29.90 9.88 -15.08
CA TYR D 67 -30.21 11.28 -15.30
C TYR D 67 -30.42 11.55 -16.78
N ASP D 68 -31.41 12.39 -17.07
CA ASP D 68 -31.78 12.81 -18.41
C ASP D 68 -32.67 14.03 -18.28
N THR D 69 -32.44 15.05 -19.12
CA THR D 69 -33.41 16.11 -19.29
C THR D 69 -34.47 15.62 -20.28
N ASN D 70 -35.73 15.64 -19.83
CA ASN D 70 -36.85 14.93 -20.42
C ASN D 70 -37.15 13.67 -19.59
N LYS D 71 -36.77 13.74 -18.31
CA LYS D 71 -37.01 12.67 -17.35
C LYS D 71 -37.05 13.29 -15.96
N LYS D 72 -38.10 12.94 -15.18
CA LYS D 72 -38.31 13.49 -13.86
C LYS D 72 -37.16 13.06 -12.95
N ARG D 73 -36.61 14.02 -12.20
CA ARG D 73 -35.52 13.73 -11.28
C ARG D 73 -35.94 12.61 -10.33
N TYR D 74 -37.21 12.63 -9.92
CA TYR D 74 -37.73 11.67 -8.95
C TYR D 74 -37.70 10.24 -9.52
N GLU D 75 -38.02 10.12 -10.80
CA GLU D 75 -38.02 8.84 -11.50
C GLU D 75 -36.60 8.25 -11.45
N SER D 76 -35.61 9.11 -11.73
CA SER D 76 -34.20 8.74 -11.68
C SER D 76 -33.82 8.21 -10.30
N TYR D 77 -34.27 8.89 -9.24
CA TYR D 77 -33.87 8.53 -7.88
C TYR D 77 -34.39 7.14 -7.53
N VAL D 78 -35.67 6.87 -7.87
CA VAL D 78 -36.29 5.59 -7.58
C VAL D 78 -35.55 4.47 -8.32
N GLN D 79 -35.11 4.76 -9.55
CA GLN D 79 -34.37 3.81 -10.37
C GLN D 79 -32.98 3.56 -9.77
N MET D 80 -32.34 4.63 -9.29
CA MET D 80 -31.05 4.52 -8.62
C MET D 80 -31.17 3.59 -7.41
N SER D 81 -32.18 3.82 -6.56
CA SER D 81 -32.38 2.97 -5.40
C SER D 81 -32.62 1.54 -5.84
N GLU D 82 -33.38 1.36 -6.92
CA GLU D 82 -33.91 0.06 -7.33
C GLU D 82 -32.80 -0.84 -7.85
N VAL D 83 -31.89 -0.29 -8.65
CA VAL D 83 -30.82 -1.11 -9.22
C VAL D 83 -29.94 -1.65 -8.09
N MET D 84 -29.78 -0.84 -7.03
CA MET D 84 -29.05 -1.30 -5.86
C MET D 84 -29.85 -2.41 -5.17
N LEU D 85 -31.15 -2.17 -5.00
CA LEU D 85 -32.00 -3.12 -4.27
C LEU D 85 -32.10 -4.45 -5.03
N ARG D 86 -32.05 -4.40 -6.37
CA ARG D 86 -32.15 -5.61 -7.17
C ARG D 86 -30.97 -6.53 -6.88
N ASP D 87 -29.79 -5.95 -6.68
CA ASP D 87 -28.57 -6.72 -6.46
C ASP D 87 -28.52 -7.24 -5.02
N VAL D 88 -29.01 -6.43 -4.06
CA VAL D 88 -29.15 -6.89 -2.68
C VAL D 88 -30.05 -8.12 -2.64
N ARG D 89 -31.18 -8.05 -3.35
CA ARG D 89 -32.15 -9.13 -3.36
C ARG D 89 -31.52 -10.39 -3.96
N ALA D 90 -30.64 -10.22 -4.94
CA ALA D 90 -29.97 -11.35 -5.60
C ALA D 90 -28.84 -11.88 -4.73
N GLY D 91 -28.66 -11.32 -3.52
CA GLY D 91 -27.70 -11.83 -2.57
C GLY D 91 -26.29 -11.26 -2.75
N ARG D 92 -26.16 -10.11 -3.43
CA ARG D 92 -24.85 -9.47 -3.60
C ARG D 92 -24.53 -8.58 -2.40
N ASN D 93 -23.23 -8.45 -2.10
CA ASN D 93 -22.75 -7.42 -1.20
C ASN D 93 -22.55 -6.14 -2.01
N VAL D 94 -23.51 -5.22 -1.87
CA VAL D 94 -23.62 -4.06 -2.75
C VAL D 94 -23.08 -2.85 -2.01
N LEU D 95 -22.26 -2.04 -2.70
CA LEU D 95 -21.79 -0.76 -2.19
C LEU D 95 -22.35 0.34 -3.08
N GLY D 96 -22.95 1.36 -2.45
CA GLY D 96 -23.31 2.58 -3.17
C GLY D 96 -22.41 3.72 -2.70
N ILE D 97 -21.89 4.52 -3.64
CA ILE D 97 -21.00 5.62 -3.28
C ILE D 97 -21.57 6.92 -3.83
N PHE D 98 -21.70 7.93 -2.97
CA PHE D 98 -22.21 9.22 -3.41
C PHE D 98 -21.18 10.30 -3.08
N TYR D 99 -21.11 11.33 -3.94
CA TYR D 99 -20.36 12.55 -3.70
C TYR D 99 -20.64 13.08 -2.29
N GLY D 100 -19.57 13.45 -1.59
CA GLY D 100 -19.67 14.06 -0.27
C GLY D 100 -20.03 13.03 0.80
N HIS D 101 -20.97 13.41 1.67
CA HIS D 101 -21.60 12.52 2.64
C HIS D 101 -22.85 11.96 1.97
N PRO D 102 -23.04 10.62 1.94
CA PRO D 102 -24.13 10.03 1.16
C PRO D 102 -25.51 10.26 1.76
N GLY D 103 -25.57 10.87 2.96
CA GLY D 103 -26.84 11.11 3.62
C GLY D 103 -27.27 12.57 3.63
N VAL D 104 -26.43 13.43 3.04
CA VAL D 104 -26.67 14.87 3.07
C VAL D 104 -27.06 15.29 1.66
N PHE D 105 -28.34 15.68 1.50
CA PHE D 105 -28.84 16.19 0.23
C PHE D 105 -28.88 15.05 -0.80
N VAL D 106 -29.20 13.84 -0.34
CA VAL D 106 -29.21 12.66 -1.20
C VAL D 106 -30.46 11.87 -0.88
N ALA D 107 -31.30 11.64 -1.90
CA ALA D 107 -32.58 10.97 -1.73
C ALA D 107 -32.41 9.46 -1.83
N PRO D 108 -31.78 8.93 -2.91
CA PRO D 108 -31.78 7.47 -3.15
C PRO D 108 -31.09 6.63 -2.08
N SER D 109 -30.14 7.21 -1.34
CA SER D 109 -29.42 6.47 -0.30
C SER D 109 -30.36 6.09 0.84
N HIS D 110 -31.07 7.09 1.39
CA HIS D 110 -32.01 6.90 2.49
C HIS D 110 -33.11 5.91 2.10
N ARG D 111 -33.67 6.07 0.90
CA ARG D 111 -34.74 5.23 0.41
C ARG D 111 -34.25 3.78 0.39
N ALA D 112 -33.11 3.57 -0.27
CA ALA D 112 -32.55 2.24 -0.50
C ALA D 112 -32.30 1.55 0.85
N ILE D 113 -31.80 2.29 1.84
CA ILE D 113 -31.51 1.70 3.14
C ILE D 113 -32.81 1.33 3.86
N ALA D 114 -33.80 2.22 3.82
CA ALA D 114 -35.09 1.98 4.45
C ALA D 114 -35.74 0.73 3.87
N ILE D 115 -35.78 0.63 2.53
CA ILE D 115 -36.39 -0.51 1.87
C ILE D 115 -35.62 -1.79 2.17
N ALA D 116 -34.29 -1.75 2.12
CA ALA D 116 -33.49 -2.94 2.38
C ALA D 116 -33.79 -3.50 3.77
N ARG D 117 -33.84 -2.60 4.76
CA ARG D 117 -34.06 -3.00 6.15
C ARG D 117 -35.47 -3.55 6.31
N GLU D 118 -36.42 -2.85 5.68
CA GLU D 118 -37.83 -3.23 5.58
C GLU D 118 -37.94 -4.69 5.17
N GLU D 119 -37.06 -5.13 4.26
CA GLU D 119 -37.13 -6.47 3.69
C GLU D 119 -36.16 -7.43 4.37
N GLY D 120 -35.52 -6.99 5.46
CA GLY D 120 -34.76 -7.87 6.33
C GLY D 120 -33.32 -8.13 5.86
N PHE D 121 -32.77 -7.23 5.04
CA PHE D 121 -31.36 -7.28 4.69
C PHE D 121 -30.59 -6.36 5.62
N GLN D 122 -29.32 -6.68 5.89
CA GLN D 122 -28.44 -5.72 6.56
C GLN D 122 -28.18 -4.56 5.61
N ALA D 123 -28.35 -3.33 6.12
CA ALA D 123 -28.09 -2.10 5.38
C ALA D 123 -27.54 -1.05 6.33
N LYS D 124 -26.52 -0.32 5.86
CA LYS D 124 -25.72 0.58 6.67
C LYS D 124 -25.26 1.75 5.83
N MET D 125 -25.25 2.95 6.45
CA MET D 125 -24.66 4.12 5.83
C MET D 125 -23.36 4.44 6.56
N LEU D 126 -22.31 4.72 5.77
CA LEU D 126 -21.08 5.26 6.31
C LEU D 126 -21.04 6.77 6.04
N PRO D 127 -20.50 7.57 6.99
CA PRO D 127 -20.36 9.01 6.77
C PRO D 127 -19.25 9.24 5.74
N GLY D 128 -19.34 10.39 5.06
CA GLY D 128 -18.26 10.91 4.24
C GLY D 128 -18.06 12.40 4.55
N ILE D 129 -17.00 12.99 3.98
CA ILE D 129 -16.71 14.42 4.11
C ILE D 129 -17.77 15.20 3.33
N SER D 130 -18.51 16.07 4.03
CA SER D 130 -19.57 16.90 3.44
C SER D 130 -19.00 18.23 2.93
N ALA D 131 -19.81 18.94 2.12
CA ALA D 131 -19.42 20.28 1.68
C ALA D 131 -19.20 21.17 2.92
N GLU D 132 -20.05 21.01 3.92
CA GLU D 132 -19.97 21.78 5.16
C GLU D 132 -18.63 21.53 5.86
N ASP D 133 -18.21 20.26 5.94
CA ASP D 133 -16.93 19.89 6.54
C ASP D 133 -15.78 20.61 5.83
N TYR D 134 -15.82 20.59 4.49
CA TYR D 134 -14.81 21.25 3.67
C TYR D 134 -14.78 22.74 4.01
N MET D 135 -15.97 23.34 4.16
CA MET D 135 -16.06 24.77 4.46
C MET D 135 -15.40 25.14 5.79
N PHE D 136 -15.68 24.39 6.87
CA PHE D 136 -15.06 24.72 8.15
C PHE D 136 -13.55 24.75 8.02
N ALA D 137 -13.01 23.80 7.25
CA ALA D 137 -11.57 23.67 7.11
C ALA D 137 -11.04 24.83 6.27
N ASP D 138 -11.69 25.10 5.13
CA ASP D 138 -11.19 26.09 4.21
C ASP D 138 -11.42 27.51 4.73
N LEU D 139 -12.59 27.76 5.33
CA LEU D 139 -12.94 29.12 5.76
C LEU D 139 -12.46 29.39 7.20
N GLY D 140 -12.09 28.33 7.93
CA GLY D 140 -11.40 28.54 9.22
C GLY D 140 -12.32 29.03 10.34
N PHE D 141 -13.54 28.52 10.39
CA PHE D 141 -14.40 28.82 11.52
C PHE D 141 -14.89 27.51 12.13
N ASP D 142 -15.31 27.61 13.38
CA ASP D 142 -15.76 26.48 14.17
C ASP D 142 -17.24 26.69 14.45
N PRO D 143 -18.15 25.78 14.05
CA PRO D 143 -19.58 26.02 14.24
C PRO D 143 -19.91 26.26 15.71
N SER D 144 -19.04 25.77 16.62
CA SER D 144 -19.36 25.79 18.04
C SER D 144 -19.25 27.18 18.66
N THR D 145 -18.47 28.08 18.04
CA THR D 145 -18.20 29.35 18.70
C THR D 145 -19.49 30.18 18.89
N TYR D 146 -20.40 30.13 17.91
CA TYR D 146 -21.64 30.90 18.01
C TYR D 146 -22.87 30.04 17.71
N GLY D 147 -22.66 28.74 17.45
CA GLY D 147 -23.71 27.92 16.88
C GLY D 147 -23.76 28.12 15.36
N CYS D 148 -24.35 27.16 14.63
CA CYS D 148 -24.25 27.19 13.18
C CYS D 148 -25.49 26.57 12.57
N MET D 149 -26.21 27.38 11.78
CA MET D 149 -27.42 26.94 11.11
C MET D 149 -27.08 26.66 9.65
N THR D 150 -27.47 25.47 9.17
CA THR D 150 -27.25 25.09 7.79
C THR D 150 -28.59 24.83 7.16
N GLN D 151 -28.82 25.38 5.96
CA GLN D 151 -30.07 25.11 5.27
C GLN D 151 -29.96 25.47 3.80
N GLU D 152 -30.91 24.94 3.02
CA GLU D 152 -30.97 25.13 1.58
C GLU D 152 -31.78 26.39 1.27
N ALA D 153 -31.31 27.17 0.29
CA ALA D 153 -31.87 28.48 -0.03
C ALA D 153 -33.33 28.41 -0.44
N THR D 154 -33.71 27.46 -1.31
CA THR D 154 -35.09 27.35 -1.75
C THR D 154 -36.01 27.11 -0.55
N GLU D 155 -35.59 26.20 0.32
CA GLU D 155 -36.40 25.82 1.47
C GLU D 155 -36.55 26.99 2.45
N LEU D 156 -35.45 27.72 2.69
CA LEU D 156 -35.48 28.92 3.51
C LEU D 156 -36.56 29.88 3.00
N LEU D 157 -36.63 30.05 1.67
CA LEU D 157 -37.57 30.98 1.07
C LEU D 157 -39.01 30.47 1.13
N VAL D 158 -39.24 29.20 0.78
CA VAL D 158 -40.61 28.69 0.65
C VAL D 158 -41.25 28.47 2.02
N ARG D 159 -40.43 28.22 3.05
CA ARG D 159 -40.96 28.04 4.39
C ARG D 159 -40.93 29.35 5.15
N ASN D 160 -40.50 30.42 4.48
CA ASN D 160 -40.53 31.78 5.02
C ASN D 160 -39.69 31.88 6.29
N LYS D 161 -38.54 31.19 6.31
CA LYS D 161 -37.65 31.25 7.46
C LYS D 161 -36.91 32.59 7.44
N LYS D 162 -36.40 32.97 8.61
CA LYS D 162 -35.51 34.12 8.72
C LYS D 162 -34.15 33.64 9.20
N LEU D 163 -33.09 34.35 8.78
CA LEU D 163 -31.76 34.01 9.23
C LEU D 163 -31.47 34.73 10.54
N ASP D 164 -30.88 33.99 11.48
CA ASP D 164 -30.52 34.54 12.78
C ASP D 164 -29.12 35.12 12.66
N PRO D 165 -28.96 36.46 12.77
CA PRO D 165 -27.65 37.09 12.57
C PRO D 165 -26.69 36.97 13.75
N SER D 166 -27.10 36.23 14.80
CA SER D 166 -26.28 36.09 15.99
C SER D 166 -25.40 34.84 15.94
N ILE D 167 -25.62 34.00 14.91
CA ILE D 167 -24.95 32.71 14.80
C ILE D 167 -24.22 32.64 13.45
N HIS D 168 -23.44 31.57 13.23
CA HIS D 168 -22.93 31.25 11.91
C HIS D 168 -24.09 30.75 11.05
N ASN D 169 -24.10 31.11 9.77
CA ASN D 169 -25.11 30.59 8.85
C ASN D 169 -24.43 30.06 7.59
N ILE D 170 -24.92 28.90 7.13
CA ILE D 170 -24.44 28.32 5.89
C ILE D 170 -25.67 28.12 5.01
N ILE D 171 -25.59 28.62 3.78
CA ILE D 171 -26.72 28.52 2.86
C ILE D 171 -26.28 27.72 1.63
N TRP D 172 -26.95 26.57 1.43
CA TRP D 172 -26.71 25.68 0.31
C TRP D 172 -27.49 26.17 -0.91
N GLN D 173 -26.97 25.86 -2.10
CA GLN D 173 -27.69 25.93 -3.36
C GLN D 173 -28.29 27.32 -3.58
N VAL D 174 -27.43 28.33 -3.65
CA VAL D 174 -27.90 29.70 -3.65
C VAL D 174 -28.46 30.06 -5.04
N GLY D 175 -28.02 29.33 -6.08
CA GLY D 175 -28.28 29.77 -7.45
C GLY D 175 -29.48 29.07 -8.10
N SER D 176 -29.50 27.75 -8.01
CA SER D 176 -30.51 26.99 -8.72
C SER D 176 -31.78 26.87 -7.88
N VAL D 177 -32.92 26.80 -8.58
CA VAL D 177 -34.21 26.55 -7.97
C VAL D 177 -34.51 25.06 -8.06
N GLY D 178 -33.47 24.24 -7.82
CA GLY D 178 -33.61 22.87 -7.33
C GLY D 178 -33.98 21.83 -8.38
N VAL D 179 -34.93 22.17 -9.27
CA VAL D 179 -35.44 21.24 -10.25
C VAL D 179 -34.33 20.86 -11.24
N ASP D 180 -33.73 21.88 -11.87
CA ASP D 180 -32.57 21.69 -12.73
C ASP D 180 -31.38 22.42 -12.11
N THR D 181 -30.60 21.68 -11.32
CA THR D 181 -29.56 22.27 -10.49
C THR D 181 -28.38 22.73 -11.36
N MET D 182 -28.58 22.73 -12.69
CA MET D 182 -27.60 23.24 -13.63
C MET D 182 -28.01 24.65 -14.08
N VAL D 183 -29.21 25.10 -13.66
CA VAL D 183 -29.75 26.35 -14.17
C VAL D 183 -29.83 27.40 -13.06
N PHE D 184 -29.21 28.55 -13.29
CA PHE D 184 -29.19 29.65 -12.34
C PHE D 184 -30.50 30.44 -12.44
N ASP D 185 -31.10 30.74 -11.29
CA ASP D 185 -32.39 31.42 -11.25
C ASP D 185 -32.21 32.81 -10.65
N ASN D 186 -32.38 33.84 -11.49
CA ASN D 186 -32.18 35.22 -11.09
C ASN D 186 -33.25 35.63 -10.07
N GLY D 187 -34.48 35.13 -10.26
CA GLY D 187 -35.59 35.54 -9.42
C GLY D 187 -35.43 35.01 -8.00
N LYS D 188 -35.00 33.74 -7.89
CA LYS D 188 -34.72 33.15 -6.60
C LYS D 188 -33.58 33.91 -5.95
N PHE D 189 -32.51 34.16 -6.71
CA PHE D 189 -31.35 34.79 -6.11
C PHE D 189 -31.71 36.18 -5.58
N HIS D 190 -32.52 36.91 -6.36
CA HIS D 190 -33.01 38.22 -5.93
C HIS D 190 -33.71 38.12 -4.57
N LEU D 191 -34.55 37.10 -4.39
CA LEU D 191 -35.30 36.95 -3.14
C LEU D 191 -34.36 36.58 -1.98
N LEU D 192 -33.32 35.79 -2.27
CA LEU D 192 -32.32 35.45 -1.26
C LEU D 192 -31.60 36.71 -0.78
N VAL D 193 -31.23 37.59 -1.72
CA VAL D 193 -30.52 38.81 -1.36
C VAL D 193 -31.45 39.71 -0.53
N GLU D 194 -32.75 39.69 -0.84
CA GLU D 194 -33.69 40.47 -0.04
C GLU D 194 -33.73 39.95 1.40
N ARG D 195 -33.76 38.62 1.57
CA ARG D 195 -33.70 37.97 2.87
C ARG D 195 -32.46 38.41 3.64
N LEU D 196 -31.29 38.38 2.98
CA LEU D 196 -30.02 38.72 3.63
C LEU D 196 -30.04 40.17 4.08
N GLU D 197 -30.54 41.06 3.21
CA GLU D 197 -30.65 42.46 3.56
C GLU D 197 -31.55 42.66 4.80
N LYS D 198 -32.68 41.96 4.86
CA LYS D 198 -33.59 42.10 6.00
C LYS D 198 -32.92 41.65 7.30
N ASP D 199 -32.06 40.63 7.21
CA ASP D 199 -31.51 39.98 8.39
C ASP D 199 -30.17 40.60 8.80
N PHE D 200 -29.45 41.22 7.85
CA PHE D 200 -28.07 41.63 8.12
C PHE D 200 -27.78 43.07 7.72
N GLY D 201 -28.72 43.73 7.02
CA GLY D 201 -28.40 45.03 6.47
C GLY D 201 -27.53 44.92 5.21
N LEU D 202 -27.07 46.06 4.70
CA LEU D 202 -26.46 46.07 3.38
C LEU D 202 -24.93 45.98 3.47
N ASP D 203 -24.34 46.34 4.62
CA ASP D 203 -22.89 46.47 4.70
C ASP D 203 -22.22 45.14 5.06
N HIS D 204 -22.97 44.23 5.69
CA HIS D 204 -22.44 42.95 6.15
C HIS D 204 -21.96 42.13 4.96
N LYS D 205 -20.90 41.34 5.16
CA LYS D 205 -20.28 40.57 4.09
C LYS D 205 -20.69 39.10 4.20
N ILE D 206 -20.97 38.49 3.04
CA ILE D 206 -21.08 37.04 2.95
C ILE D 206 -19.77 36.55 2.35
N GLN D 207 -19.48 35.26 2.53
CA GLN D 207 -18.32 34.65 1.92
C GLN D 207 -18.83 33.62 0.93
N HIS D 208 -18.41 33.76 -0.33
CA HIS D 208 -18.78 32.84 -1.38
C HIS D 208 -17.78 31.68 -1.37
N TYR D 209 -18.29 30.45 -1.17
CA TYR D 209 -17.40 29.32 -0.95
C TYR D 209 -17.60 28.27 -2.04
N ILE D 210 -16.50 27.92 -2.73
CA ILE D 210 -16.46 26.70 -3.53
C ILE D 210 -15.18 25.94 -3.15
N GLY D 211 -15.37 24.77 -2.53
CA GLY D 211 -14.26 23.89 -2.18
C GLY D 211 -13.70 23.18 -3.42
N ALA D 212 -12.38 23.04 -3.47
CA ALA D 212 -11.69 22.50 -4.65
C ALA D 212 -11.98 21.02 -4.86
N ILE D 213 -12.54 20.70 -6.04
CA ILE D 213 -12.81 19.31 -6.37
C ILE D 213 -11.54 18.67 -6.89
N LEU D 214 -10.94 19.28 -7.93
CA LEU D 214 -9.73 18.74 -8.55
C LEU D 214 -8.51 19.44 -7.98
N PRO D 215 -7.32 18.80 -8.03
CA PRO D 215 -6.08 19.46 -7.66
C PRO D 215 -5.86 20.77 -8.44
N GLN D 216 -6.41 20.84 -9.66
CA GLN D 216 -6.28 22.04 -10.49
C GLN D 216 -7.24 23.15 -10.05
N SER D 217 -8.24 22.79 -9.24
CA SER D 217 -9.22 23.78 -8.76
C SER D 217 -8.55 24.68 -7.73
N VAL D 218 -8.99 25.94 -7.69
CA VAL D 218 -8.56 26.79 -6.59
C VAL D 218 -9.77 27.03 -5.69
N THR D 219 -9.51 27.11 -4.38
CA THR D 219 -10.58 27.32 -3.42
C THR D 219 -11.19 28.70 -3.71
N VAL D 220 -12.51 28.78 -3.78
CA VAL D 220 -13.14 30.08 -3.88
C VAL D 220 -13.60 30.48 -2.48
N LYS D 221 -13.16 31.66 -2.02
CA LYS D 221 -13.57 32.12 -0.70
C LYS D 221 -13.70 33.64 -0.68
N ASP D 222 -14.30 34.22 -1.74
CA ASP D 222 -14.34 35.66 -1.86
C ASP D 222 -15.44 36.24 -0.96
N THR D 223 -15.22 37.45 -0.45
CA THR D 223 -16.23 38.08 0.41
C THR D 223 -16.92 39.22 -0.33
N PHE D 224 -18.24 39.37 -0.10
CA PHE D 224 -19.01 40.38 -0.79
C PHE D 224 -19.96 41.05 0.21
N ALA D 225 -20.06 42.38 0.14
CA ALA D 225 -21.14 43.08 0.83
C ALA D 225 -22.46 42.68 0.22
N ILE D 226 -23.49 42.53 1.08
CA ILE D 226 -24.83 42.17 0.64
C ILE D 226 -25.33 43.17 -0.41
N ARG D 227 -24.95 44.44 -0.22
CA ARG D 227 -25.25 45.54 -1.12
C ARG D 227 -24.82 45.21 -2.57
N ASP D 228 -23.75 44.41 -2.74
CA ASP D 228 -23.15 44.23 -4.05
C ASP D 228 -23.63 42.96 -4.76
N LEU D 229 -24.47 42.16 -4.11
CA LEU D 229 -24.70 40.79 -4.57
C LEU D 229 -25.42 40.71 -5.93
N ARG D 230 -26.17 41.75 -6.31
CA ARG D 230 -26.88 41.74 -7.58
C ARG D 230 -26.06 42.39 -8.69
N LYS D 231 -24.91 42.99 -8.34
CA LYS D 231 -24.10 43.68 -9.34
C LYS D 231 -23.47 42.68 -10.29
N GLU D 232 -23.39 43.05 -11.57
CA GLU D 232 -22.93 42.16 -12.63
C GLU D 232 -21.59 41.50 -12.30
N GLU D 233 -20.62 42.31 -11.86
CA GLU D 233 -19.26 41.82 -11.66
C GLU D 233 -19.20 40.85 -10.47
N VAL D 234 -20.24 40.84 -9.63
CA VAL D 234 -20.32 39.93 -8.49
C VAL D 234 -21.16 38.71 -8.89
N LEU D 235 -22.38 38.98 -9.33
CA LEU D 235 -23.37 37.97 -9.70
C LEU D 235 -22.79 36.94 -10.66
N LYS D 236 -21.93 37.40 -11.59
CA LYS D 236 -21.35 36.52 -12.60
C LYS D 236 -20.45 35.47 -11.96
N GLN D 237 -20.04 35.68 -10.69
CA GLN D 237 -19.12 34.75 -10.05
C GLN D 237 -19.85 33.54 -9.46
N PHE D 238 -21.16 33.65 -9.23
CA PHE D 238 -21.91 32.61 -8.55
C PHE D 238 -22.31 31.51 -9.51
N THR D 239 -22.32 30.28 -8.99
CA THR D 239 -22.55 29.08 -9.78
C THR D 239 -23.64 28.27 -9.09
N THR D 240 -23.86 27.05 -9.57
CA THR D 240 -24.84 26.15 -8.97
C THR D 240 -24.16 25.18 -8.00
N THR D 241 -22.85 25.36 -7.76
CA THR D 241 -22.17 24.65 -6.70
C THR D 241 -21.79 25.62 -5.57
N SER D 242 -22.31 26.85 -5.66
CA SER D 242 -21.98 27.94 -4.76
C SER D 242 -22.69 27.77 -3.43
N THR D 243 -21.92 27.87 -2.34
CA THR D 243 -22.44 27.92 -0.99
C THR D 243 -22.08 29.28 -0.36
N PHE D 244 -22.99 29.85 0.43
CA PHE D 244 -22.63 31.06 1.13
C PHE D 244 -22.39 30.75 2.60
N TYR D 245 -21.35 31.37 3.16
CA TYR D 245 -21.20 31.48 4.60
C TYR D 245 -21.53 32.91 5.00
N VAL D 246 -22.45 33.06 5.96
CA VAL D 246 -22.75 34.37 6.52
C VAL D 246 -22.25 34.38 7.96
N PRO D 247 -21.15 35.10 8.24
CA PRO D 247 -20.60 35.16 9.61
C PRO D 247 -21.57 35.89 10.53
N PRO D 248 -21.50 35.63 11.86
CA PRO D 248 -22.35 36.33 12.81
C PRO D 248 -22.09 37.84 12.72
N ARG D 249 -23.18 38.61 12.80
CA ARG D 249 -23.11 40.06 12.80
C ARG D 249 -23.41 40.58 14.20
N THR D 250 -24.39 39.97 14.87
CA THR D 250 -24.87 40.49 16.15
C THR D 250 -24.89 39.39 17.20
N PRO D 251 -23.73 38.79 17.57
CA PRO D 251 -23.72 37.74 18.58
C PRO D 251 -24.27 38.26 19.92
N ALA D 252 -25.01 37.41 20.63
CA ALA D 252 -25.59 37.77 21.92
C ALA D 252 -24.48 37.95 22.94
N PRO D 253 -24.60 38.93 23.86
CA PRO D 253 -23.61 39.10 24.93
C PRO D 253 -23.75 37.94 25.91
N ILE D 254 -22.65 37.66 26.62
CA ILE D 254 -22.64 36.70 27.71
C ILE D 254 -23.50 37.27 28.84
N ASP D 255 -24.49 36.50 29.29
CA ASP D 255 -25.38 36.90 30.36
C ASP D 255 -24.74 36.56 31.73
N PRO D 256 -24.35 37.56 32.55
CA PRO D 256 -23.68 37.30 33.82
C PRO D 256 -24.47 36.38 34.77
N LYS D 257 -25.81 36.42 34.67
CA LYS D 257 -26.68 35.60 35.50
C LYS D 257 -26.57 34.13 35.12
N ALA D 258 -26.58 33.85 33.81
CA ALA D 258 -26.42 32.49 33.32
C ALA D 258 -25.06 31.95 33.76
N VAL D 259 -24.01 32.78 33.60
CA VAL D 259 -22.66 32.38 33.98
C VAL D 259 -22.63 31.95 35.45
N GLN D 260 -23.27 32.75 36.31
CA GLN D 260 -23.34 32.46 37.74
C GLN D 260 -24.09 31.16 37.98
N ALA D 261 -25.24 30.97 37.32
CA ALA D 261 -26.06 29.79 37.52
C ALA D 261 -25.31 28.53 37.09
N LEU D 262 -24.38 28.69 36.14
CA LEU D 262 -23.64 27.56 35.58
C LEU D 262 -22.44 27.22 36.47
N GLY D 263 -22.16 28.07 37.47
CA GLY D 263 -21.03 27.87 38.36
C GLY D 263 -19.70 28.30 37.73
N LEU D 264 -19.76 29.02 36.60
CA LEU D 264 -18.56 29.47 35.93
C LEU D 264 -18.02 30.71 36.63
N PRO D 265 -16.70 31.02 36.50
CA PRO D 265 -16.14 32.23 37.11
C PRO D 265 -16.67 33.51 36.47
N ALA D 266 -16.78 34.55 37.30
CA ALA D 266 -17.26 35.86 36.88
C ALA D 266 -16.35 36.46 35.80
N THR D 267 -15.18 35.85 35.56
CA THR D 267 -14.24 36.29 34.54
C THR D 267 -14.71 35.90 33.13
N VAL D 268 -15.71 35.03 33.03
CA VAL D 268 -16.25 34.60 31.74
C VAL D 268 -17.16 35.70 31.20
N THR D 269 -16.63 36.51 30.27
CA THR D 269 -17.30 37.70 29.77
C THR D 269 -17.36 37.70 28.24
N LYS D 270 -16.66 36.74 27.62
CA LYS D 270 -16.58 36.58 26.17
C LYS D 270 -16.85 35.13 25.79
N GLY D 271 -17.32 34.91 24.55
CA GLY D 271 -17.40 33.57 23.99
C GLY D 271 -16.04 33.11 23.47
N ALA D 272 -15.96 31.86 22.99
CA ALA D 272 -14.73 31.31 22.43
C ALA D 272 -14.34 32.10 21.17
N GLN D 273 -13.03 32.18 20.92
CA GLN D 273 -12.45 33.01 19.89
C GLN D 273 -12.73 32.44 18.49
N ASP D 274 -13.21 33.31 17.61
CA ASP D 274 -13.25 33.05 16.17
C ASP D 274 -12.07 33.79 15.52
N TRP D 275 -11.38 33.13 14.57
CA TRP D 275 -10.14 33.67 14.05
C TRP D 275 -10.25 34.17 12.60
N THR D 276 -11.46 34.09 12.02
CA THR D 276 -11.65 34.42 10.60
C THR D 276 -11.28 35.87 10.29
N GLY D 277 -11.44 36.75 11.28
CA GLY D 277 -11.31 38.19 11.07
C GLY D 277 -12.67 38.87 10.90
N PHE D 278 -13.75 38.07 10.91
CA PHE D 278 -15.09 38.62 10.76
C PHE D 278 -15.59 39.22 12.07
N GLN D 279 -15.04 38.73 13.19
CA GLN D 279 -15.38 39.17 14.53
C GLN D 279 -14.21 39.99 15.06
N SER D 280 -14.40 40.67 16.19
CA SER D 280 -13.27 41.31 16.85
C SER D 280 -12.34 40.21 17.38
N VAL D 281 -11.06 40.27 16.95
CA VAL D 281 -10.11 39.22 17.29
C VAL D 281 -9.28 39.68 18.49
N SER D 282 -9.30 38.86 19.55
CA SER D 282 -8.47 39.07 20.72
C SER D 282 -6.98 38.92 20.36
N PRO D 283 -6.05 39.39 21.22
CA PRO D 283 -4.62 39.13 21.02
C PRO D 283 -4.31 37.66 21.26
N ALA D 284 -3.49 37.08 20.37
CA ALA D 284 -3.07 35.69 20.51
C ALA D 284 -2.35 35.49 21.85
N TYR D 285 -1.55 36.48 22.26
CA TYR D 285 -0.73 36.33 23.45
C TYR D 285 -1.02 37.44 24.46
N GLY D 286 -2.21 37.40 25.05
CA GLY D 286 -2.52 38.18 26.24
C GLY D 286 -1.84 37.57 27.47
N PRO D 287 -2.02 38.15 28.68
CA PRO D 287 -1.33 37.67 29.89
C PRO D 287 -1.68 36.24 30.28
N ASP D 288 -2.95 35.85 30.08
CA ASP D 288 -3.40 34.49 30.36
C ASP D 288 -2.63 33.50 29.49
N GLU D 289 -2.46 33.84 28.20
CA GLU D 289 -1.80 32.96 27.26
C GLU D 289 -0.31 32.92 27.56
N MET D 290 0.28 34.09 27.86
CA MET D 290 1.70 34.21 28.16
C MET D 290 2.03 33.30 29.33
N ARG D 291 1.14 33.25 30.34
CA ARG D 291 1.39 32.46 31.54
C ARG D 291 1.22 30.96 31.25
N ALA D 292 0.21 30.60 30.45
CA ALA D 292 0.03 29.22 30.05
C ALA D 292 1.27 28.70 29.32
N VAL D 293 1.85 29.56 28.46
CA VAL D 293 3.04 29.22 27.70
C VAL D 293 4.24 29.13 28.64
N ALA D 294 4.34 30.06 29.60
CA ALA D 294 5.45 30.07 30.54
C ALA D 294 5.42 28.81 31.41
N ALA D 295 4.21 28.27 31.67
CA ALA D 295 4.02 27.14 32.57
C ALA D 295 4.24 25.80 31.86
N LEU D 296 4.33 25.83 30.52
CA LEU D 296 4.24 24.65 29.67
C LEU D 296 5.35 23.64 29.98
N ASP D 297 6.61 24.10 29.97
CA ASP D 297 7.78 23.23 30.01
C ASP D 297 7.89 22.53 31.37
N SER D 298 7.38 23.16 32.42
CA SER D 298 7.50 22.57 33.75
C SER D 298 6.21 21.88 34.21
N PHE D 299 5.18 21.82 33.36
CA PHE D 299 3.92 21.21 33.75
C PHE D 299 4.12 19.73 34.06
N VAL D 300 3.72 19.32 35.28
CA VAL D 300 3.67 17.92 35.67
C VAL D 300 2.25 17.64 36.16
N PRO D 301 1.54 16.65 35.57
CA PRO D 301 0.16 16.36 35.98
C PRO D 301 0.12 15.82 37.41
N SER D 302 -1.04 15.96 38.05
CA SER D 302 -1.23 15.61 39.45
C SER D 302 -1.05 14.10 39.67
N GLN D 303 -1.41 13.31 38.64
CA GLN D 303 -1.25 11.86 38.68
C GLN D 303 -0.61 11.39 37.38
N GLU D 304 0.16 10.29 37.46
CA GLU D 304 0.84 9.72 36.31
C GLU D 304 -0.20 9.34 35.26
N LYS D 305 0.10 9.64 33.98
CA LYS D 305 -0.83 9.33 32.90
C LYS D 305 -0.40 8.04 32.21
N ALA D 306 -1.38 7.29 31.70
CA ALA D 306 -1.13 6.08 30.94
C ALA D 306 -0.59 6.43 29.55
N VAL D 307 0.17 5.51 28.95
CA VAL D 307 0.63 5.64 27.56
C VAL D 307 0.17 4.40 26.80
N VAL D 308 0.11 4.46 25.45
CA VAL D 308 -0.29 3.28 24.71
C VAL D 308 0.76 2.20 24.90
N HIS D 309 0.28 0.96 24.98
CA HIS D 309 1.13 -0.18 25.26
C HIS D 309 0.38 -1.42 24.83
N ALA D 310 0.68 -1.87 23.61
CA ALA D 310 -0.07 -2.98 23.04
C ALA D 310 0.87 -3.81 22.18
N SER D 311 0.59 -5.13 22.11
CA SER D 311 1.38 -6.03 21.28
C SER D 311 1.12 -5.73 19.81
N ARG D 312 2.07 -6.15 18.96
CA ARG D 312 1.90 -6.13 17.52
CA ARG D 312 1.91 -6.15 17.52
C ARG D 312 0.62 -6.88 17.16
N ALA D 313 0.36 -8.00 17.84
CA ALA D 313 -0.82 -8.81 17.52
C ALA D 313 -2.09 -7.99 17.76
N MET D 314 -2.10 -7.23 18.86
CA MET D 314 -3.27 -6.47 19.22
C MET D 314 -3.50 -5.34 18.20
N GLN D 315 -2.39 -4.67 17.83
CA GLN D 315 -2.47 -3.55 16.89
C GLN D 315 -2.96 -4.07 15.54
N SER D 316 -2.36 -5.18 15.08
CA SER D 316 -2.72 -5.82 13.82
C SER D 316 -4.21 -6.18 13.79
N LEU D 317 -4.68 -6.82 14.85
CA LEU D 317 -6.08 -7.24 14.94
C LEU D 317 -7.03 -6.03 14.93
N MET D 318 -6.69 -4.97 15.67
CA MET D 318 -7.62 -3.86 15.82
C MET D 318 -7.75 -3.11 14.50
N VAL D 319 -6.64 -3.00 13.75
CA VAL D 319 -6.69 -2.47 12.40
C VAL D 319 -7.58 -3.35 11.52
N ASP D 320 -7.35 -4.67 11.53
CA ASP D 320 -8.17 -5.59 10.76
C ASP D 320 -9.66 -5.44 11.07
N LEU D 321 -10.01 -5.33 12.36
CA LEU D 321 -11.43 -5.29 12.73
C LEU D 321 -12.10 -4.02 12.22
N ALA D 322 -11.32 -2.93 12.15
CA ALA D 322 -11.84 -1.64 11.72
C ALA D 322 -12.08 -1.66 10.20
N LEU D 323 -11.31 -2.47 9.47
CA LEU D 323 -11.25 -2.34 8.02
C LEU D 323 -11.82 -3.54 7.29
N ARG D 324 -12.18 -4.62 8.02
CA ARG D 324 -12.58 -5.86 7.38
C ARG D 324 -13.89 -6.36 7.97
N PRO D 325 -15.06 -5.95 7.40
CA PRO D 325 -16.37 -6.27 7.98
C PRO D 325 -16.65 -7.75 8.19
N ALA D 326 -16.18 -8.61 7.28
CA ALA D 326 -16.36 -10.05 7.39
C ALA D 326 -15.65 -10.56 8.65
N LEU D 327 -14.42 -10.08 8.88
CA LEU D 327 -13.62 -10.47 10.02
C LEU D 327 -14.28 -9.99 11.32
N LEU D 328 -14.82 -8.76 11.31
CA LEU D 328 -15.47 -8.21 12.47
C LEU D 328 -16.71 -9.04 12.83
N GLU D 329 -17.45 -9.50 11.80
CA GLU D 329 -18.65 -10.27 12.02
C GLU D 329 -18.30 -11.63 12.62
N GLN D 330 -17.20 -12.21 12.14
CA GLN D 330 -16.70 -13.48 12.63
C GLN D 330 -16.25 -13.32 14.09
N TYR D 331 -15.50 -12.26 14.38
CA TYR D 331 -15.10 -11.96 15.75
C TYR D 331 -16.31 -11.82 16.67
N LYS D 332 -17.32 -11.05 16.24
CA LYS D 332 -18.50 -10.79 17.05
C LYS D 332 -19.25 -12.08 17.37
N ALA D 333 -19.26 -13.02 16.43
CA ALA D 333 -20.02 -14.25 16.61
C ALA D 333 -19.42 -15.12 17.72
N ASP D 334 -18.09 -15.06 17.90
CA ASP D 334 -17.42 -15.89 18.90
C ASP D 334 -16.07 -15.25 19.24
N PRO D 335 -16.07 -14.15 20.03
CA PRO D 335 -14.85 -13.39 20.27
C PRO D 335 -13.77 -14.16 21.04
N VAL D 336 -14.18 -15.10 21.90
CA VAL D 336 -13.22 -15.87 22.66
C VAL D 336 -12.46 -16.80 21.71
N ALA D 337 -13.19 -17.58 20.90
CA ALA D 337 -12.54 -18.46 19.94
C ALA D 337 -11.67 -17.65 18.97
N PHE D 338 -12.16 -16.49 18.56
CA PHE D 338 -11.42 -15.66 17.62
C PHE D 338 -10.09 -15.20 18.22
N ALA D 339 -10.13 -14.65 19.45
CA ALA D 339 -8.91 -14.16 20.09
C ALA D 339 -7.90 -15.30 20.27
N ASN D 340 -8.40 -16.53 20.45
CA ASN D 340 -7.52 -17.68 20.64
C ASN D 340 -6.73 -18.04 19.37
N THR D 341 -7.12 -17.50 18.21
CA THR D 341 -6.42 -17.80 16.98
C THR D 341 -5.32 -16.78 16.69
N ARG D 342 -5.15 -15.80 17.59
CA ARG D 342 -4.09 -14.81 17.45
C ARG D 342 -3.16 -14.97 18.65
N ASN D 343 -2.20 -15.90 18.52
CA ASN D 343 -1.40 -16.34 19.66
C ASN D 343 -0.31 -15.34 20.01
N GLY D 344 -0.11 -14.32 19.16
CA GLY D 344 0.76 -13.22 19.53
C GLY D 344 0.18 -12.26 20.58
N LEU D 345 -1.13 -12.35 20.86
CA LEU D 345 -1.73 -11.46 21.85
C LEU D 345 -1.22 -11.83 23.25
N THR D 346 -1.13 -10.85 24.16
CA THR D 346 -0.90 -11.17 25.56
C THR D 346 -2.15 -11.87 26.12
N ALA D 347 -1.98 -12.58 27.25
CA ALA D 347 -3.09 -13.16 27.98
C ALA D 347 -4.16 -12.10 28.25
N GLN D 348 -3.73 -10.90 28.66
CA GLN D 348 -4.67 -9.84 29.02
C GLN D 348 -5.43 -9.34 27.80
N GLU D 349 -4.73 -9.20 26.67
CA GLU D 349 -5.38 -8.77 25.44
C GLU D 349 -6.43 -9.79 25.00
N LYS D 350 -6.10 -11.09 25.10
CA LYS D 350 -7.06 -12.12 24.72
C LYS D 350 -8.31 -12.02 25.58
N PHE D 351 -8.11 -11.89 26.90
CA PHE D 351 -9.23 -11.76 27.83
C PHE D 351 -10.09 -10.56 27.45
N ALA D 352 -9.45 -9.40 27.25
CA ALA D 352 -10.14 -8.16 26.91
C ALA D 352 -10.95 -8.33 25.63
N LEU D 353 -10.32 -8.88 24.59
CA LEU D 353 -10.98 -9.07 23.30
C LEU D 353 -12.17 -10.02 23.44
N GLY D 354 -12.01 -11.05 24.29
CA GLY D 354 -13.05 -12.05 24.49
C GLY D 354 -14.33 -11.45 25.11
N LEU D 355 -14.17 -10.37 25.87
CA LEU D 355 -15.29 -9.69 26.51
C LEU D 355 -16.13 -8.93 25.47
N LYS D 356 -15.53 -8.61 24.32
CA LYS D 356 -16.21 -7.92 23.24
C LYS D 356 -16.90 -6.66 23.76
N LYS D 357 -16.14 -5.85 24.50
CA LYS D 357 -16.64 -4.58 24.99
C LYS D 357 -15.53 -3.53 24.82
N PRO D 358 -15.89 -2.25 24.64
CA PRO D 358 -14.86 -1.23 24.40
C PRO D 358 -13.99 -0.94 25.62
N GLY D 359 -14.61 -0.86 26.80
CA GLY D 359 -13.87 -0.48 28.01
C GLY D 359 -12.62 -1.34 28.22
N PRO D 360 -12.74 -2.69 28.19
CA PRO D 360 -11.57 -3.57 28.32
C PRO D 360 -10.40 -3.30 27.37
N ILE D 361 -10.71 -2.83 26.15
CA ILE D 361 -9.69 -2.49 25.18
C ILE D 361 -8.83 -1.34 25.71
N PHE D 362 -9.49 -0.33 26.28
CA PHE D 362 -8.78 0.82 26.84
C PHE D 362 -7.81 0.40 27.95
N VAL D 363 -8.24 -0.56 28.78
CA VAL D 363 -7.47 -0.98 29.95
C VAL D 363 -6.21 -1.72 29.51
N VAL D 364 -6.29 -2.57 28.48
CA VAL D 364 -5.13 -3.35 28.09
C VAL D 364 -4.20 -2.56 27.16
N MET D 365 -4.73 -1.62 26.37
CA MET D 365 -3.93 -0.95 25.36
C MET D 365 -3.25 0.32 25.90
N ARG D 366 -3.59 0.74 27.13
CA ARG D 366 -2.98 1.88 27.79
C ARG D 366 -2.49 1.47 29.18
N GLN D 367 -1.22 1.76 29.51
CA GLN D 367 -0.71 1.42 30.83
C GLN D 367 0.20 2.53 31.35
N LEU D 368 0.31 2.62 32.68
CA LEU D 368 1.20 3.56 33.33
C LEU D 368 2.64 3.18 33.01
N PRO D 369 3.51 4.14 32.60
CA PRO D 369 4.92 3.86 32.39
C PRO D 369 5.58 3.19 33.60
N SER D 370 5.09 3.50 34.81
CA SER D 370 5.68 2.90 36.01
C SER D 370 5.34 1.42 36.09
N ALA D 371 4.12 1.04 35.69
CA ALA D 371 3.70 -0.36 35.67
C ALA D 371 4.40 -1.10 34.53
N ILE D 372 4.58 -0.42 33.39
CA ILE D 372 5.29 -1.02 32.26
C ILE D 372 6.70 -1.38 32.71
N ALA D 373 7.37 -0.48 33.44
CA ALA D 373 8.77 -0.66 33.79
C ALA D 373 8.92 -1.80 34.80
N SER D 374 7.89 -2.02 35.63
CA SER D 374 7.93 -3.06 36.63
C SER D 374 7.25 -4.34 36.13
N GLY D 375 6.83 -4.33 34.86
CA GLY D 375 6.21 -5.47 34.20
C GLY D 375 4.87 -5.89 34.80
N GLN D 376 4.14 -4.96 35.40
CA GLN D 376 2.84 -5.24 35.99
C GLN D 376 1.75 -5.02 34.93
N GLU D 377 1.10 -6.12 34.51
CA GLU D 377 -0.07 -6.05 33.63
C GLU D 377 -1.29 -5.69 34.46
N PRO D 378 -2.37 -5.12 33.86
CA PRO D 378 -3.62 -4.94 34.59
C PRO D 378 -4.24 -6.30 34.93
N SER D 379 -4.87 -6.37 36.12
CA SER D 379 -5.49 -7.59 36.59
C SER D 379 -6.72 -7.89 35.74
N GLN D 380 -7.10 -9.18 35.73
CA GLN D 380 -8.25 -9.65 34.99
C GLN D 380 -9.49 -8.90 35.47
N GLU D 381 -9.58 -8.67 36.78
CA GLU D 381 -10.71 -7.98 37.38
C GLU D 381 -10.83 -6.57 36.81
N GLU D 382 -9.70 -5.87 36.72
CA GLU D 382 -9.71 -4.49 36.26
C GLU D 382 -10.19 -4.43 34.81
N ILE D 383 -9.78 -5.41 34.00
CA ILE D 383 -10.16 -5.48 32.59
C ILE D 383 -11.68 -5.66 32.48
N ALA D 384 -12.22 -6.66 33.21
CA ALA D 384 -13.62 -7.02 33.09
C ALA D 384 -14.51 -5.90 33.66
N ARG D 385 -14.01 -5.17 34.65
CA ARG D 385 -14.82 -4.15 35.32
C ARG D 385 -14.83 -2.82 34.55
N ALA D 386 -14.03 -2.72 33.48
CA ALA D 386 -13.78 -1.47 32.77
C ALA D 386 -15.09 -0.82 32.31
N ASP D 387 -15.32 0.41 32.79
CA ASP D 387 -16.52 1.19 32.50
C ASP D 387 -17.77 0.37 32.84
N ALA D 395 -11.75 11.43 28.75
CA ALA D 395 -12.43 12.60 28.16
C ALA D 395 -11.43 13.40 27.33
N ALA D 396 -11.81 13.70 26.08
CA ALA D 396 -11.04 14.64 25.29
C ALA D 396 -11.95 15.78 24.83
N MLE D 397 -12.23 16.77 25.70
CN MLE D 397 -11.76 16.77 27.08
CA MLE D 397 -12.99 17.94 25.22
CB MLE D 397 -13.97 18.52 26.25
CG MLE D 397 -15.06 17.54 26.69
CD1 MLE D 397 -16.06 18.24 27.60
CD2 MLE D 397 -15.76 16.94 25.48
C MLE D 397 -12.05 19.01 24.72
O MLE D 397 -11.10 19.37 25.42
N MLE D 398 -12.25 19.53 23.51
CN MLE D 398 -13.41 19.19 22.71
CA MLE D 398 -11.24 20.47 22.94
CB MLE D 398 -10.73 19.89 21.62
CG MLE D 398 -9.77 18.74 21.83
CD1 MLE D 398 -9.83 17.76 20.67
CD2 MLE D 398 -8.37 19.27 22.05
C MLE D 398 -11.69 21.91 22.75
O MLE D 398 -11.01 22.68 22.08
N VAL D 399 -12.82 22.27 23.38
CA VAL D 399 -13.32 23.62 23.33
C VAL D 399 -14.00 23.95 24.67
N ILE D 400 -13.90 25.23 25.06
CA ILE D 400 -14.52 25.84 26.23
C ILE D 400 -15.13 27.17 25.81
N VAL D 401 -16.18 27.61 26.53
CA VAL D 401 -16.87 28.86 26.20
C VAL D 401 -16.00 30.06 26.56
N GLY D 402 -15.47 30.09 27.80
CA GLY D 402 -14.73 31.23 28.32
C GLY D 402 -13.33 31.33 27.72
N SAH E . 15.88 -14.46 -17.41
CA SAH E . 15.13 -15.73 -17.28
CB SAH E . 15.60 -16.78 -18.29
CG SAH E . 15.41 -16.37 -19.75
SD SAH E . 15.98 -17.60 -20.96
C SAH E . 15.35 -16.30 -15.86
O SAH E . 14.89 -17.41 -15.59
OXT SAH E . 15.96 -15.67 -14.97
C5' SAH E . 14.55 -18.71 -21.13
C4' SAH E . 14.87 -20.06 -20.55
O4' SAH E . 14.66 -20.01 -19.12
C3' SAH E . 13.94 -21.18 -21.02
O3' SAH E . 14.30 -21.70 -22.29
C2' SAH E . 14.06 -22.17 -19.86
O2' SAH E . 15.24 -22.93 -19.91
C1' SAH E . 14.05 -21.20 -18.68
N9 SAH E . 12.70 -20.91 -18.21
C8 SAH E . 11.94 -19.80 -18.48
N7 SAH E . 10.74 -19.85 -17.96
C5 SAH E . 10.72 -21.07 -17.30
C6 SAH E . 9.72 -21.71 -16.54
N6 SAH E . 8.50 -21.19 -16.34
N1 SAH E . 10.01 -22.93 -16.03
C2 SAH E . 11.22 -23.45 -16.24
N3 SAH E . 12.24 -22.94 -16.94
C4 SAH E . 11.92 -21.72 -17.44
N SAH F . 20.18 -19.05 1.30
CA SAH F . 21.30 -18.12 1.01
CB SAH F . 22.63 -18.74 1.47
CG SAH F . 23.66 -17.71 1.91
SD SAH F . 25.04 -18.45 2.87
C SAH F . 21.32 -17.83 -0.50
O SAH F . 22.32 -17.44 -1.10
OXT SAH F . 20.30 -17.97 -1.16
C5' SAH F . 25.98 -19.37 1.65
C4' SAH F . 27.02 -18.55 0.92
O4' SAH F . 26.41 -17.42 0.29
C3' SAH F . 28.09 -17.90 1.79
O3' SAH F . 29.04 -18.89 2.16
C2' SAH F . 28.66 -16.86 0.81
O2' SAH F . 29.53 -17.48 -0.11
C1' SAH F . 27.39 -16.42 0.06
N9 SAH F . 26.86 -15.14 0.52
C8 SAH F . 26.01 -14.93 1.57
N7 SAH F . 25.72 -13.66 1.75
C5 SAH F . 26.41 -13.00 0.75
C6 SAH F . 26.51 -11.64 0.40
N6 SAH F . 25.88 -10.66 1.06
N1 SAH F . 27.29 -11.32 -0.65
C2 SAH F . 27.92 -12.30 -1.31
N3 SAH F . 27.91 -13.61 -1.08
C4 SAH F . 27.12 -13.90 -0.02
N SAH G . -13.87 17.38 16.66
CA SAH G . -14.92 16.45 17.13
CB SAH G . -15.74 17.03 18.31
CG SAH G . -14.91 17.40 19.51
SD SAH G . -15.87 18.15 20.86
C SAH G . -15.87 16.15 15.97
O SAH G . -16.89 15.49 16.16
OXT SAH G . -15.63 16.54 14.82
C5' SAH G . -16.58 16.67 21.66
C4' SAH G . -18.07 16.52 21.48
O4' SAH G . -18.36 15.96 20.17
C3' SAH G . -18.75 15.58 22.47
O3' SAH G . -19.07 16.26 23.68
C2' SAH G . -19.99 15.20 21.68
O2' SAH G . -21.00 16.20 21.69
C1' SAH G . -19.41 15.03 20.28
N9 SAH G . -18.91 13.67 20.06
C8 SAH G . -17.60 13.27 20.10
N7 SAH G . -17.45 11.98 19.90
C5 SAH G . -18.74 11.50 19.73
C6 SAH G . -19.25 10.21 19.49
N6 SAH G . -18.49 9.12 19.40
N1 SAH G . -20.60 10.09 19.38
C2 SAH G . -21.36 11.17 19.49
N3 SAH G . -20.98 12.44 19.72
C4 SAH G . -19.65 12.54 19.83
N SAH H . -23.74 14.91 -0.30
CA SAH H . -23.10 16.22 -0.58
CB SAH H . -24.12 17.24 -1.11
CG SAH H . -23.52 18.25 -2.09
SD SAH H . -24.77 19.07 -3.14
C SAH H . -22.47 16.74 0.71
O SAH H . -22.22 17.94 0.90
OXT SAH H . -22.20 15.92 1.61
C5' SAH H . -25.62 20.17 -1.99
C4' SAH H . -25.00 21.54 -1.80
O4' SAH H . -23.66 21.41 -1.29
C3' SAH H . -24.82 22.39 -3.07
O3' SAH H . -26.04 23.04 -3.40
C2' SAH H . -23.80 23.41 -2.56
O2' SAH H . -24.43 24.44 -1.82
C1' SAH H . -22.91 22.54 -1.68
N9 SAH H . -21.68 22.09 -2.35
C8 SAH H . -21.52 21.02 -3.19
N7 SAH H . -20.31 20.91 -3.65
C5 SAH H . -19.62 21.98 -3.10
C6 SAH H . -18.29 22.44 -3.21
N6 SAH H . -17.36 21.84 -3.95
N1 SAH H . -17.96 23.56 -2.53
C2 SAH H . -18.89 24.18 -1.79
N3 SAH H . -20.16 23.85 -1.62
C4 SAH H . -20.47 22.73 -2.30
#